data_4B2S
#
_entry.id   4B2S
#
_cell.length_a   1.000
_cell.length_b   1.000
_cell.length_c   1.000
_cell.angle_alpha   90.00
_cell.angle_beta   90.00
_cell.angle_gamma   90.00
#
_symmetry.space_group_name_H-M   'P 1'
#
_entity_poly.entity_id   1
_entity_poly.type   'polypeptide(L)'
_entity_poly.pdbx_seq_one_letter_code
;EAEAAGVQSCGPPPELLNGNVKEKTKEEYGHSEVVEYYCNPRFLMKGPNKIQCVDGEWTTLPVCIVEESTCGDIPELEHG
WAQLSSPPYYYGDSVEFNCSESFTMIGHRSITCIHGVWTQLPQCVAI
;
_entity_poly.pdbx_strand_id   A
#
# COMPACT_ATOMS: atom_id res chain seq x y z
N GLU A 1 -18.56 -0.55 -25.31
CA GLU A 1 -18.97 -1.60 -26.24
C GLU A 1 -18.95 -2.93 -25.52
N ALA A 2 -19.37 -3.96 -26.19
CA ALA A 2 -19.33 -5.26 -25.63
C ALA A 2 -18.06 -5.94 -26.09
N GLU A 3 -16.97 -5.63 -25.41
CA GLU A 3 -15.65 -6.15 -25.75
C GLU A 3 -15.56 -7.68 -25.56
N ALA A 4 -16.06 -8.13 -24.48
CA ALA A 4 -16.20 -9.55 -24.18
C ALA A 4 -17.40 -9.67 -23.27
N ALA A 5 -18.21 -8.63 -23.31
CA ALA A 5 -19.29 -8.42 -22.40
C ALA A 5 -20.45 -9.38 -22.53
N GLY A 6 -20.44 -10.37 -21.68
CA GLY A 6 -21.61 -11.17 -21.42
C GLY A 6 -22.31 -10.48 -20.27
N VAL A 7 -21.46 -9.80 -19.47
CA VAL A 7 -21.82 -8.93 -18.37
C VAL A 7 -22.90 -9.46 -17.42
N GLN A 8 -22.49 -10.37 -16.59
CA GLN A 8 -23.34 -10.86 -15.52
C GLN A 8 -23.61 -9.74 -14.49
N SER A 9 -22.75 -9.63 -13.45
CA SER A 9 -22.77 -8.58 -12.43
C SER A 9 -21.86 -8.98 -11.26
N CYS A 10 -21.03 -8.08 -10.80
CA CYS A 10 -20.20 -8.35 -9.64
C CYS A 10 -20.21 -7.16 -8.75
N GLY A 11 -20.21 -7.41 -7.47
CA GLY A 11 -20.18 -6.37 -6.50
C GLY A 11 -18.78 -6.07 -6.05
N PRO A 12 -18.57 -5.94 -4.74
CA PRO A 12 -17.26 -5.66 -4.14
C PRO A 12 -16.18 -6.66 -4.57
N PRO A 13 -14.92 -6.19 -4.70
CA PRO A 13 -13.80 -7.04 -5.08
C PRO A 13 -13.50 -8.10 -4.01
N PRO A 14 -12.83 -9.19 -4.40
CA PRO A 14 -12.47 -10.26 -3.47
C PRO A 14 -11.33 -9.82 -2.52
N GLU A 15 -10.77 -10.76 -1.80
CA GLU A 15 -9.70 -10.44 -0.90
C GLU A 15 -8.40 -10.99 -1.45
N LEU A 16 -7.34 -10.31 -1.20
CA LEU A 16 -6.04 -10.79 -1.60
C LEU A 16 -5.62 -11.77 -0.50
N LEU A 17 -4.97 -12.87 -0.93
CA LEU A 17 -4.41 -13.91 -0.07
C LEU A 17 -3.89 -13.33 1.24
N ASN A 18 -2.82 -12.57 1.16
CA ASN A 18 -2.27 -12.02 2.38
C ASN A 18 -2.52 -10.52 2.43
N GLY A 19 -2.40 -9.90 1.29
CA GLY A 19 -2.60 -8.48 1.14
C GLY A 19 -4.05 -8.07 1.17
N ASN A 20 -4.36 -6.97 0.50
CA ASN A 20 -5.73 -6.49 0.45
C ASN A 20 -5.87 -5.39 -0.57
N VAL A 21 -7.05 -4.88 -0.71
CA VAL A 21 -7.38 -3.89 -1.71
C VAL A 21 -7.37 -2.49 -1.09
N LYS A 22 -6.89 -1.52 -1.84
CA LYS A 22 -6.81 -0.16 -1.32
C LYS A 22 -8.01 0.66 -1.77
N GLU A 23 -8.57 0.28 -2.90
CA GLU A 23 -9.69 0.98 -3.44
C GLU A 23 -10.94 0.56 -2.73
N LYS A 24 -11.81 1.49 -2.52
CA LYS A 24 -13.01 1.26 -1.76
C LYS A 24 -14.09 0.65 -2.63
N THR A 25 -15.03 0.04 -1.98
CA THR A 25 -16.06 -0.68 -2.63
C THR A 25 -17.08 0.23 -3.29
N LYS A 26 -17.25 0.04 -4.56
CA LYS A 26 -18.27 0.78 -5.29
C LYS A 26 -19.49 -0.10 -5.40
N GLU A 27 -19.22 -1.41 -5.41
CA GLU A 27 -20.22 -2.49 -5.51
C GLU A 27 -20.87 -2.60 -6.89
N GLU A 28 -20.90 -1.52 -7.60
CA GLU A 28 -21.48 -1.45 -8.91
C GLU A 28 -20.42 -1.65 -10.00
N TYR A 29 -19.52 -2.60 -9.79
CA TYR A 29 -18.45 -2.83 -10.76
C TYR A 29 -19.05 -3.44 -12.03
N GLY A 30 -19.42 -4.68 -11.95
CA GLY A 30 -20.15 -5.28 -13.03
C GLY A 30 -19.30 -5.99 -14.05
N HIS A 31 -18.51 -5.24 -14.81
CA HIS A 31 -17.72 -5.83 -15.86
C HIS A 31 -16.57 -4.91 -16.31
N SER A 32 -15.42 -5.54 -16.53
CA SER A 32 -14.18 -4.92 -17.04
C SER A 32 -13.60 -3.86 -16.09
N GLU A 33 -14.11 -3.88 -14.88
CA GLU A 33 -13.67 -3.00 -13.82
C GLU A 33 -12.38 -3.52 -13.24
N VAL A 34 -11.44 -2.63 -13.01
CA VAL A 34 -10.13 -3.02 -12.50
C VAL A 34 -9.99 -2.54 -11.06
N VAL A 35 -9.34 -3.32 -10.26
CA VAL A 35 -9.13 -3.03 -8.84
C VAL A 35 -7.66 -3.26 -8.49
N GLU A 36 -7.07 -2.33 -7.73
CA GLU A 36 -5.71 -2.44 -7.33
C GLU A 36 -5.59 -2.88 -5.85
N TYR A 37 -4.74 -3.84 -5.64
CA TYR A 37 -4.45 -4.39 -4.35
C TYR A 37 -3.05 -3.98 -3.91
N TYR A 38 -2.78 -4.19 -2.65
CA TYR A 38 -1.50 -3.95 -2.03
C TYR A 38 -1.20 -5.13 -1.13
N CYS A 39 0.03 -5.33 -0.78
CA CYS A 39 0.37 -6.37 0.16
C CYS A 39 0.53 -5.81 1.56
N ASN A 40 0.62 -6.72 2.53
CA ASN A 40 0.79 -6.40 3.96
C ASN A 40 2.09 -5.58 4.16
N PRO A 41 2.28 -4.94 5.31
CA PRO A 41 3.52 -4.15 5.59
C PRO A 41 4.73 -5.04 5.90
N ARG A 42 4.60 -6.30 5.63
CA ARG A 42 5.65 -7.29 5.84
C ARG A 42 5.62 -8.34 4.73
N PHE A 43 4.84 -8.06 3.73
CA PHE A 43 4.73 -8.89 2.56
C PHE A 43 4.77 -8.05 1.35
N LEU A 44 5.46 -8.49 0.37
CA LEU A 44 5.61 -7.75 -0.82
C LEU A 44 4.75 -8.32 -1.89
N MET A 45 4.41 -7.49 -2.81
CA MET A 45 3.59 -7.86 -3.94
C MET A 45 4.38 -8.69 -4.94
N LYS A 46 3.87 -9.85 -5.25
CA LYS A 46 4.49 -10.73 -6.20
C LYS A 46 3.62 -10.81 -7.46
N GLY A 47 2.34 -10.57 -7.28
CA GLY A 47 1.39 -10.72 -8.38
C GLY A 47 1.21 -9.45 -9.19
N PRO A 48 0.25 -9.43 -10.14
CA PRO A 48 -0.03 -8.26 -11.02
C PRO A 48 -0.70 -7.11 -10.27
N ASN A 49 -1.11 -7.41 -9.04
CA ASN A 49 -1.76 -6.51 -8.04
C ASN A 49 -3.04 -5.80 -8.52
N LYS A 50 -3.45 -6.05 -9.71
CA LYS A 50 -4.65 -5.46 -10.27
C LYS A 50 -5.47 -6.56 -10.88
N ILE A 51 -6.77 -6.44 -10.79
CA ILE A 51 -7.66 -7.47 -11.29
C ILE A 51 -8.81 -6.82 -12.02
N GLN A 52 -9.55 -7.61 -12.72
CA GLN A 52 -10.64 -7.18 -13.54
C GLN A 52 -11.83 -8.08 -13.35
N CYS A 53 -13.00 -7.49 -13.31
CA CYS A 53 -14.21 -8.24 -13.19
C CYS A 53 -14.68 -8.69 -14.56
N VAL A 54 -14.40 -9.91 -14.86
CA VAL A 54 -14.83 -10.52 -16.09
C VAL A 54 -16.28 -10.97 -15.88
N ASP A 55 -17.00 -11.30 -16.94
CA ASP A 55 -18.35 -11.72 -16.74
C ASP A 55 -18.47 -13.14 -16.20
N GLY A 56 -18.28 -13.24 -14.92
CA GLY A 56 -18.46 -14.46 -14.21
C GLY A 56 -17.70 -14.42 -12.91
N GLU A 57 -16.52 -13.86 -12.97
CA GLU A 57 -15.65 -13.76 -11.82
C GLU A 57 -14.56 -12.76 -12.10
N TRP A 58 -13.75 -12.50 -11.12
CA TRP A 58 -12.61 -11.63 -11.28
C TRP A 58 -11.45 -12.40 -11.91
N THR A 59 -10.42 -11.70 -12.27
CA THR A 59 -9.26 -12.31 -12.89
C THR A 59 -8.30 -12.90 -11.85
N THR A 60 -7.09 -13.22 -12.27
CA THR A 60 -6.10 -13.76 -11.40
C THR A 60 -5.68 -12.72 -10.36
N LEU A 61 -6.01 -12.97 -9.11
CA LEU A 61 -5.59 -12.13 -8.01
C LEU A 61 -4.11 -12.25 -7.77
N PRO A 62 -3.51 -11.21 -7.20
CA PRO A 62 -2.08 -11.20 -6.89
C PRO A 62 -1.67 -12.16 -5.76
N VAL A 63 -0.39 -12.14 -5.47
CA VAL A 63 0.23 -12.97 -4.46
C VAL A 63 1.09 -12.07 -3.60
N CYS A 64 1.18 -12.38 -2.34
CA CYS A 64 1.97 -11.63 -1.41
C CYS A 64 2.99 -12.54 -0.75
N ILE A 65 4.23 -12.17 -0.79
CA ILE A 65 5.31 -12.95 -0.24
C ILE A 65 6.12 -12.11 0.71
N VAL A 66 6.56 -12.69 1.79
CA VAL A 66 7.35 -11.95 2.76
C VAL A 66 8.76 -11.78 2.22
N GLU A 67 9.25 -10.56 2.20
CA GLU A 67 10.58 -10.32 1.71
C GLU A 67 11.60 -10.73 2.75
N GLU A 68 11.13 -10.72 4.01
CA GLU A 68 11.86 -11.13 5.19
C GLU A 68 13.08 -10.21 5.33
N SER A 69 12.84 -8.92 5.19
CA SER A 69 13.88 -7.93 5.25
C SER A 69 13.46 -6.79 6.18
N THR A 70 14.42 -6.10 6.73
CA THR A 70 14.15 -5.02 7.64
C THR A 70 14.86 -3.73 7.21
N CYS A 71 14.31 -2.60 7.63
CA CYS A 71 14.92 -1.29 7.40
C CYS A 71 15.80 -0.85 8.56
N GLY A 72 15.84 -1.64 9.59
CA GLY A 72 16.67 -1.32 10.71
C GLY A 72 15.85 -0.71 11.79
N ASP A 73 15.69 0.59 11.72
CA ASP A 73 14.86 1.32 12.65
C ASP A 73 14.49 2.62 11.98
N ILE A 74 13.96 3.53 12.73
CA ILE A 74 13.64 4.82 12.30
C ILE A 74 14.91 5.64 12.14
N PRO A 75 15.01 6.34 11.01
CA PRO A 75 16.16 7.15 10.69
C PRO A 75 16.18 8.43 11.52
N GLU A 76 16.96 9.35 11.11
CA GLU A 76 17.02 10.59 11.75
C GLU A 76 16.60 11.66 10.80
N LEU A 77 15.90 12.60 11.30
CA LEU A 77 15.49 13.70 10.52
C LEU A 77 16.17 14.89 11.18
N GLU A 78 16.70 15.79 10.38
CA GLU A 78 17.48 16.97 10.82
C GLU A 78 16.85 17.67 12.04
N HIS A 79 15.54 17.77 12.06
CA HIS A 79 14.81 18.42 13.13
C HIS A 79 13.49 17.67 13.34
N GLY A 80 13.51 16.40 13.03
CA GLY A 80 12.34 15.57 13.16
C GLY A 80 12.65 14.26 13.86
N TRP A 81 11.63 13.53 14.19
CA TRP A 81 11.67 12.31 14.92
C TRP A 81 10.41 11.58 14.61
N ALA A 82 9.96 10.71 15.45
CA ALA A 82 8.91 9.82 15.04
C ALA A 82 7.82 9.65 16.08
N GLN A 83 6.61 9.34 15.60
CA GLN A 83 5.46 9.11 16.48
C GLN A 83 5.33 7.62 16.81
N LEU A 84 5.38 6.81 15.79
CA LEU A 84 5.19 5.38 15.96
C LEU A 84 6.36 4.62 15.39
N SER A 85 6.59 3.46 15.94
CA SER A 85 7.65 2.59 15.57
C SER A 85 7.21 1.15 15.76
N SER A 86 7.29 0.36 14.74
CA SER A 86 6.91 -1.00 14.87
C SER A 86 7.99 -1.92 14.27
N PRO A 87 8.94 -2.36 15.10
CA PRO A 87 9.94 -3.29 14.69
C PRO A 87 9.47 -4.74 14.85
N PRO A 88 9.95 -5.65 14.01
CA PRO A 88 10.91 -5.34 12.95
C PRO A 88 10.25 -4.60 11.77
N TYR A 89 10.89 -3.53 11.35
CA TYR A 89 10.39 -2.70 10.25
C TYR A 89 10.66 -3.41 8.93
N TYR A 90 9.69 -4.18 8.47
CA TYR A 90 9.78 -4.92 7.21
C TYR A 90 9.53 -4.03 6.02
N TYR A 91 9.86 -4.53 4.83
CA TYR A 91 9.63 -3.78 3.61
C TYR A 91 8.15 -3.67 3.43
N GLY A 92 7.70 -2.51 3.11
CA GLY A 92 6.33 -2.35 2.89
C GLY A 92 5.64 -1.73 4.11
N ASP A 93 6.31 -1.70 5.27
CA ASP A 93 5.73 -1.08 6.48
C ASP A 93 5.95 0.44 6.47
N SER A 94 5.25 1.14 7.33
CA SER A 94 5.23 2.57 7.32
C SER A 94 5.57 3.13 8.69
N VAL A 95 6.01 4.35 8.70
CA VAL A 95 6.32 5.07 9.90
C VAL A 95 5.90 6.51 9.75
N GLU A 96 5.39 7.10 10.82
CA GLU A 96 5.06 8.52 10.82
C GLU A 96 6.12 9.31 11.55
N PHE A 97 6.65 10.29 10.88
CA PHE A 97 7.61 11.20 11.45
C PHE A 97 6.92 12.46 11.92
N ASN A 98 7.52 13.11 12.87
CA ASN A 98 6.98 14.32 13.49
C ASN A 98 8.13 15.29 13.63
N CYS A 99 7.92 16.53 13.30
CA CYS A 99 8.93 17.54 13.45
C CYS A 99 8.80 18.24 14.77
N SER A 100 9.93 18.59 15.35
CA SER A 100 10.00 19.24 16.64
C SER A 100 9.21 20.54 16.72
N GLU A 101 8.93 20.95 17.94
CA GLU A 101 8.27 22.19 18.19
C GLU A 101 9.10 23.31 17.58
N SER A 102 8.39 24.25 17.00
CA SER A 102 8.92 25.39 16.30
C SER A 102 9.38 25.03 14.88
N PHE A 103 9.28 23.75 14.52
CA PHE A 103 9.57 23.35 13.18
C PHE A 103 8.35 22.79 12.53
N THR A 104 8.18 23.12 11.30
CA THR A 104 7.06 22.67 10.55
C THR A 104 7.57 21.65 9.55
N MET A 105 6.79 20.61 9.32
CA MET A 105 7.20 19.57 8.43
C MET A 105 6.73 19.85 7.02
N ILE A 106 7.59 19.60 6.09
CA ILE A 106 7.29 19.74 4.69
C ILE A 106 7.56 18.42 4.02
N GLY A 107 6.53 17.81 3.52
CA GLY A 107 6.64 16.54 2.88
C GLY A 107 5.66 15.59 3.42
N HIS A 108 5.96 14.33 3.33
CA HIS A 108 5.04 13.34 3.75
C HIS A 108 5.33 12.97 5.15
N ARG A 109 4.31 12.96 5.96
CA ARG A 109 4.43 12.59 7.36
C ARG A 109 4.87 11.14 7.52
N SER A 110 4.49 10.32 6.58
CA SER A 110 4.76 8.95 6.69
C SER A 110 5.73 8.47 5.64
N ILE A 111 6.42 7.44 5.98
CA ILE A 111 7.40 6.84 5.13
C ILE A 111 7.11 5.38 5.02
N THR A 112 7.75 4.75 4.09
CA THR A 112 7.59 3.35 3.85
C THR A 112 8.97 2.73 3.69
N CYS A 113 9.16 1.59 4.32
CA CYS A 113 10.40 0.84 4.28
C CYS A 113 10.62 0.27 2.88
N ILE A 114 11.60 0.82 2.19
CA ILE A 114 11.89 0.46 0.82
C ILE A 114 13.38 0.08 0.64
N HIS A 115 13.63 -1.23 0.64
CA HIS A 115 14.96 -1.80 0.34
C HIS A 115 15.99 -1.46 1.41
N GLY A 116 15.51 -1.29 2.61
CA GLY A 116 16.38 -0.98 3.72
C GLY A 116 16.44 0.50 4.02
N VAL A 117 15.71 1.28 3.25
CA VAL A 117 15.72 2.72 3.44
C VAL A 117 14.28 3.16 3.42
N TRP A 118 13.93 4.12 4.19
CA TRP A 118 12.58 4.62 4.16
C TRP A 118 12.44 5.54 2.96
N THR A 119 11.22 5.87 2.60
CA THR A 119 10.92 6.65 1.39
C THR A 119 11.75 7.92 1.20
N GLN A 120 11.52 8.89 2.02
CA GLN A 120 12.16 10.19 1.79
C GLN A 120 12.23 11.08 2.97
N LEU A 121 11.24 10.95 3.84
CA LEU A 121 11.08 11.77 5.04
C LEU A 121 10.74 13.22 4.69
N PRO A 122 10.00 13.89 5.54
CA PRO A 122 9.71 15.28 5.37
C PRO A 122 10.88 16.11 5.88
N GLN A 123 10.81 17.38 5.72
CA GLN A 123 11.85 18.23 6.19
C GLN A 123 11.26 19.22 7.15
N CYS A 124 11.91 19.40 8.24
CA CYS A 124 11.41 20.28 9.26
C CYS A 124 12.17 21.60 9.20
N VAL A 125 11.46 22.66 9.03
CA VAL A 125 12.05 23.96 8.87
C VAL A 125 11.63 24.86 9.99
N ALA A 126 12.49 25.76 10.34
CA ALA A 126 12.26 26.69 11.42
C ALA A 126 11.13 27.65 11.09
N ILE A 127 10.04 27.51 11.82
CA ILE A 127 8.92 28.42 11.70
C ILE A 127 9.34 29.77 12.29
N GLU A 1 -22.34 -18.02 -22.92
CA GLU A 1 -23.38 -16.99 -22.85
C GLU A 1 -22.81 -15.58 -23.04
N ALA A 2 -21.61 -15.48 -23.58
CA ALA A 2 -20.96 -14.20 -23.79
C ALA A 2 -20.35 -14.17 -25.18
N GLU A 3 -20.92 -14.98 -26.04
CA GLU A 3 -20.41 -15.16 -27.38
C GLU A 3 -20.76 -13.97 -28.27
N ALA A 4 -21.78 -13.23 -27.90
CA ALA A 4 -22.15 -12.05 -28.64
C ALA A 4 -21.51 -10.84 -27.99
N ALA A 5 -21.67 -10.74 -26.69
CA ALA A 5 -21.09 -9.68 -25.90
C ALA A 5 -21.11 -10.09 -24.45
N GLY A 6 -20.08 -9.76 -23.73
CA GLY A 6 -19.98 -10.12 -22.35
C GLY A 6 -20.55 -9.07 -21.45
N VAL A 7 -19.73 -8.58 -20.51
CA VAL A 7 -20.15 -7.67 -19.45
C VAL A 7 -21.27 -8.32 -18.66
N GLN A 8 -20.87 -9.17 -17.79
CA GLN A 8 -21.75 -9.95 -16.99
C GLN A 8 -22.23 -9.16 -15.77
N SER A 9 -21.54 -9.34 -14.68
CA SER A 9 -21.88 -8.74 -13.41
C SER A 9 -20.97 -9.30 -12.35
N CYS A 10 -20.76 -8.52 -11.32
CA CYS A 10 -19.96 -8.91 -10.20
C CYS A 10 -20.17 -7.89 -9.13
N GLY A 11 -20.03 -8.28 -7.89
CA GLY A 11 -20.16 -7.37 -6.85
C GLY A 11 -18.82 -7.00 -6.29
N PRO A 12 -18.73 -6.91 -4.97
CA PRO A 12 -17.50 -6.53 -4.26
C PRO A 12 -16.30 -7.41 -4.64
N PRO A 13 -15.09 -6.82 -4.71
CA PRO A 13 -13.86 -7.53 -5.08
C PRO A 13 -13.51 -8.67 -4.11
N PRO A 14 -12.63 -9.60 -4.54
CA PRO A 14 -12.17 -10.68 -3.68
C PRO A 14 -11.14 -10.17 -2.66
N GLU A 15 -10.45 -11.06 -2.05
CA GLU A 15 -9.42 -10.70 -1.14
C GLU A 15 -8.07 -11.01 -1.73
N LEU A 16 -7.05 -10.64 -1.03
CA LEU A 16 -5.72 -10.92 -1.47
C LEU A 16 -5.09 -11.97 -0.56
N LEU A 17 -4.26 -12.83 -1.18
CA LEU A 17 -3.50 -13.93 -0.56
C LEU A 17 -3.10 -13.59 0.85
N ASN A 18 -2.34 -12.55 1.00
CA ASN A 18 -1.90 -12.19 2.29
C ASN A 18 -2.39 -10.80 2.62
N GLY A 19 -2.24 -9.91 1.63
CA GLY A 19 -2.65 -8.53 1.78
C GLY A 19 -4.13 -8.36 1.65
N ASN A 20 -4.56 -7.22 1.22
CA ASN A 20 -5.97 -6.99 1.23
C ASN A 20 -6.31 -5.91 0.22
N VAL A 21 -7.56 -5.58 0.16
CA VAL A 21 -8.10 -4.58 -0.70
C VAL A 21 -8.35 -3.32 0.14
N LYS A 22 -8.19 -2.16 -0.45
CA LYS A 22 -8.39 -0.91 0.29
C LYS A 22 -9.62 -0.20 -0.23
N GLU A 23 -10.08 -0.66 -1.36
CA GLU A 23 -11.17 -0.06 -2.03
C GLU A 23 -12.49 -0.45 -1.44
N LYS A 24 -13.34 0.54 -1.26
CA LYS A 24 -14.65 0.34 -0.72
C LYS A 24 -15.48 -0.44 -1.71
N THR A 25 -16.50 -1.06 -1.25
CA THR A 25 -17.26 -1.91 -2.11
C THR A 25 -18.59 -1.31 -2.46
N LYS A 26 -19.08 -1.66 -3.62
CA LYS A 26 -20.39 -1.26 -4.02
C LYS A 26 -21.34 -2.41 -3.79
N GLU A 27 -21.45 -3.28 -4.80
CA GLU A 27 -22.37 -4.45 -4.85
C GLU A 27 -22.59 -4.80 -6.29
N GLU A 28 -22.64 -3.80 -7.11
CA GLU A 28 -22.82 -3.98 -8.52
C GLU A 28 -21.71 -3.26 -9.23
N TYR A 29 -20.83 -4.03 -9.76
CA TYR A 29 -19.73 -3.53 -10.51
C TYR A 29 -20.00 -3.68 -12.00
N GLY A 30 -19.95 -4.90 -12.49
CA GLY A 30 -20.31 -5.14 -13.87
C GLY A 30 -19.13 -5.62 -14.69
N HIS A 31 -18.59 -4.75 -15.51
CA HIS A 31 -17.45 -5.08 -16.33
C HIS A 31 -16.46 -3.92 -16.37
N SER A 32 -15.16 -4.27 -16.33
CA SER A 32 -14.05 -3.35 -16.46
C SER A 32 -13.84 -2.47 -15.22
N GLU A 33 -14.45 -2.90 -14.14
CA GLU A 33 -14.32 -2.27 -12.86
C GLU A 33 -12.96 -2.65 -12.30
N VAL A 34 -12.24 -1.71 -11.78
CA VAL A 34 -10.88 -1.96 -11.32
C VAL A 34 -10.65 -1.54 -9.87
N VAL A 35 -10.00 -2.42 -9.12
CA VAL A 35 -9.82 -2.29 -7.68
C VAL A 35 -8.34 -2.37 -7.29
N GLU A 36 -7.92 -1.59 -6.28
CA GLU A 36 -6.55 -1.58 -5.86
C GLU A 36 -6.37 -2.33 -4.54
N TYR A 37 -5.37 -3.16 -4.53
CA TYR A 37 -4.98 -3.96 -3.40
C TYR A 37 -3.72 -3.41 -2.73
N TYR A 38 -3.43 -3.89 -1.55
CA TYR A 38 -2.24 -3.52 -0.82
C TYR A 38 -1.66 -4.76 -0.15
N CYS A 39 -0.36 -4.85 -0.08
CA CYS A 39 0.27 -5.93 0.65
C CYS A 39 0.76 -5.43 1.99
N ASN A 40 0.77 -6.35 2.92
CA ASN A 40 1.15 -6.16 4.32
C ASN A 40 2.50 -5.49 4.53
N PRO A 41 2.72 -4.91 5.73
CA PRO A 41 3.98 -4.18 6.09
C PRO A 41 5.23 -5.10 6.20
N ARG A 42 5.06 -6.32 5.84
CA ARG A 42 6.17 -7.28 5.79
C ARG A 42 6.07 -8.18 4.59
N PHE A 43 5.02 -8.00 3.85
CA PHE A 43 4.82 -8.76 2.66
C PHE A 43 4.84 -7.87 1.47
N LEU A 44 5.69 -8.18 0.58
CA LEU A 44 5.87 -7.37 -0.59
C LEU A 44 4.90 -7.78 -1.62
N MET A 45 4.41 -6.84 -2.31
CA MET A 45 3.56 -7.06 -3.40
C MET A 45 4.39 -7.47 -4.60
N LYS A 46 4.26 -8.70 -4.97
CA LYS A 46 5.07 -9.25 -6.03
C LYS A 46 4.29 -9.26 -7.33
N GLY A 47 3.02 -9.59 -7.22
CA GLY A 47 2.15 -9.64 -8.38
C GLY A 47 1.67 -8.27 -8.78
N PRO A 48 0.52 -8.20 -9.45
CA PRO A 48 -0.11 -6.90 -9.77
C PRO A 48 -0.63 -6.23 -8.48
N ASN A 49 -1.68 -5.48 -8.60
CA ASN A 49 -2.23 -4.77 -7.45
C ASN A 49 -3.60 -4.26 -7.77
N LYS A 50 -3.85 -3.98 -9.03
CA LYS A 50 -5.16 -3.57 -9.45
C LYS A 50 -5.77 -4.62 -10.32
N ILE A 51 -6.92 -5.05 -9.92
CA ILE A 51 -7.63 -6.07 -10.65
C ILE A 51 -8.83 -5.47 -11.32
N GLN A 52 -9.40 -6.21 -12.21
CA GLN A 52 -10.49 -5.75 -13.00
C GLN A 52 -11.54 -6.83 -13.12
N CYS A 53 -12.78 -6.42 -13.08
CA CYS A 53 -13.86 -7.33 -13.26
C CYS A 53 -14.02 -7.58 -14.74
N VAL A 54 -13.39 -8.61 -15.16
CA VAL A 54 -13.43 -9.06 -16.49
C VAL A 54 -14.76 -9.77 -16.72
N ASP A 55 -15.15 -9.95 -17.95
CA ASP A 55 -16.42 -10.59 -18.23
C ASP A 55 -16.38 -12.07 -17.86
N GLY A 56 -16.67 -12.30 -16.61
CA GLY A 56 -16.86 -13.58 -16.05
C GLY A 56 -16.45 -13.58 -14.60
N GLU A 57 -15.29 -13.03 -14.33
CA GLU A 57 -14.72 -12.99 -12.99
C GLU A 57 -13.71 -11.86 -12.94
N TRP A 58 -13.09 -11.68 -11.80
CA TRP A 58 -12.07 -10.68 -11.65
C TRP A 58 -10.76 -11.20 -12.25
N THR A 59 -9.82 -10.34 -12.45
CA THR A 59 -8.55 -10.71 -13.03
C THR A 59 -7.66 -11.42 -12.02
N THR A 60 -6.46 -11.71 -12.43
CA THR A 60 -5.55 -12.41 -11.61
C THR A 60 -5.08 -11.56 -10.44
N LEU A 61 -5.37 -12.06 -9.29
CA LEU A 61 -5.01 -11.45 -8.05
C LEU A 61 -3.50 -11.43 -7.83
N PRO A 62 -3.01 -10.37 -7.18
CA PRO A 62 -1.60 -10.23 -6.84
C PRO A 62 -1.10 -11.25 -5.80
N VAL A 63 0.13 -11.09 -5.38
CA VAL A 63 0.80 -12.01 -4.48
C VAL A 63 1.61 -11.19 -3.51
N CYS A 64 1.58 -11.56 -2.26
CA CYS A 64 2.35 -10.90 -1.24
C CYS A 64 3.34 -11.90 -0.70
N ILE A 65 4.58 -11.51 -0.58
CA ILE A 65 5.65 -12.38 -0.14
C ILE A 65 6.45 -11.74 0.98
N VAL A 66 6.78 -12.47 1.98
CA VAL A 66 7.54 -11.91 3.07
C VAL A 66 9.02 -11.92 2.70
N GLU A 67 9.55 -10.73 2.48
CA GLU A 67 10.97 -10.61 2.11
C GLU A 67 11.90 -11.06 3.23
N GLU A 68 11.39 -10.97 4.46
CA GLU A 68 11.99 -11.54 5.65
C GLU A 68 13.25 -10.77 6.09
N SER A 69 13.35 -9.52 5.74
CA SER A 69 14.50 -8.74 6.09
C SER A 69 14.04 -7.54 6.90
N THR A 70 14.92 -6.90 7.59
CA THR A 70 14.52 -5.82 8.42
C THR A 70 15.21 -4.53 8.05
N CYS A 71 14.58 -3.46 8.39
CA CYS A 71 15.06 -2.16 8.08
C CYS A 71 15.74 -1.54 9.28
N GLY A 72 15.48 -2.13 10.41
CA GLY A 72 16.14 -1.71 11.62
C GLY A 72 15.21 -1.01 12.55
N ASP A 73 14.99 0.26 12.27
CA ASP A 73 14.14 1.12 13.09
C ASP A 73 14.01 2.43 12.33
N ILE A 74 13.48 3.41 12.98
CA ILE A 74 13.34 4.72 12.45
C ILE A 74 14.72 5.38 12.26
N PRO A 75 14.91 6.07 11.14
CA PRO A 75 16.15 6.83 10.86
C PRO A 75 16.22 8.14 11.67
N GLU A 76 17.10 9.01 11.30
CA GLU A 76 17.22 10.25 11.99
C GLU A 76 17.06 11.40 11.02
N LEU A 77 16.10 12.23 11.29
CA LEU A 77 15.87 13.38 10.48
C LEU A 77 16.55 14.54 11.17
N GLU A 78 16.92 15.56 10.41
CA GLU A 78 17.53 16.82 10.93
C GLU A 78 16.84 17.33 12.19
N HIS A 79 15.54 17.24 12.18
CA HIS A 79 14.71 17.78 13.20
C HIS A 79 13.63 16.82 13.59
N GLY A 80 13.08 16.17 12.60
CA GLY A 80 12.00 15.26 12.83
C GLY A 80 12.41 13.93 13.43
N TRP A 81 11.41 13.23 13.85
CA TRP A 81 11.47 11.98 14.50
C TRP A 81 10.19 11.29 14.14
N ALA A 82 9.65 10.48 14.97
CA ALA A 82 8.59 9.66 14.53
C ALA A 82 7.48 9.59 15.54
N GLN A 83 6.28 9.32 15.07
CA GLN A 83 5.11 9.28 15.96
C GLN A 83 4.92 7.89 16.46
N LEU A 84 5.06 6.98 15.56
CA LEU A 84 4.84 5.60 15.83
C LEU A 84 5.91 4.79 15.15
N SER A 85 6.22 3.70 15.73
CA SER A 85 7.18 2.80 15.22
C SER A 85 6.49 1.49 14.92
N SER A 86 6.90 0.79 13.89
CA SER A 86 6.23 -0.43 13.53
C SER A 86 7.21 -1.60 13.33
N PRO A 87 7.55 -2.29 14.42
CA PRO A 87 8.39 -3.45 14.36
C PRO A 87 7.57 -4.75 14.24
N PRO A 88 8.10 -5.76 13.56
CA PRO A 88 9.41 -5.68 12.94
C PRO A 88 9.36 -4.86 11.66
N TYR A 89 10.28 -3.94 11.54
CA TYR A 89 10.33 -3.05 10.40
C TYR A 89 10.87 -3.84 9.22
N TYR A 90 9.97 -4.35 8.44
CA TYR A 90 10.30 -5.10 7.25
C TYR A 90 10.18 -4.19 6.05
N TYR A 91 10.59 -4.67 4.91
CA TYR A 91 10.41 -3.92 3.67
C TYR A 91 8.91 -3.87 3.43
N GLY A 92 8.41 -2.74 3.03
CA GLY A 92 7.01 -2.62 2.82
C GLY A 92 6.28 -2.06 4.04
N ASP A 93 6.98 -1.98 5.19
CA ASP A 93 6.39 -1.40 6.42
C ASP A 93 6.39 0.11 6.30
N SER A 94 5.66 0.76 7.14
CA SER A 94 5.51 2.19 7.06
C SER A 94 5.67 2.81 8.42
N VAL A 95 6.22 3.97 8.42
CA VAL A 95 6.42 4.71 9.61
C VAL A 95 6.01 6.13 9.36
N GLU A 96 5.51 6.80 10.37
CA GLU A 96 5.17 8.17 10.21
C GLU A 96 6.11 9.04 11.02
N PHE A 97 6.66 10.00 10.35
CA PHE A 97 7.59 10.94 10.90
C PHE A 97 6.88 12.19 11.30
N ASN A 98 7.35 12.79 12.34
CA ASN A 98 6.80 14.01 12.84
C ASN A 98 7.90 15.01 12.90
N CYS A 99 7.64 16.17 12.42
CA CYS A 99 8.58 17.24 12.45
C CYS A 99 8.54 17.91 13.81
N SER A 100 9.54 18.70 14.11
CA SER A 100 9.64 19.42 15.34
C SER A 100 8.60 20.52 15.37
N GLU A 101 8.16 20.90 16.54
CA GLU A 101 7.25 21.98 16.63
C GLU A 101 8.02 23.26 16.33
N SER A 102 7.32 24.20 15.71
CA SER A 102 7.83 25.48 15.22
C SER A 102 8.50 25.28 13.85
N PHE A 103 8.52 24.05 13.40
CA PHE A 103 9.00 23.74 12.10
C PHE A 103 7.91 23.07 11.34
N THR A 104 7.89 23.25 10.07
CA THR A 104 6.92 22.63 9.26
C THR A 104 7.64 21.64 8.35
N MET A 105 7.08 20.47 8.20
CA MET A 105 7.70 19.47 7.42
C MET A 105 7.21 19.53 5.99
N ILE A 106 8.10 19.30 5.10
CA ILE A 106 7.78 19.31 3.71
C ILE A 106 8.09 17.94 3.15
N GLY A 107 7.09 17.31 2.60
CA GLY A 107 7.26 16.00 2.04
C GLY A 107 6.23 15.07 2.53
N HIS A 108 6.60 13.84 2.67
CA HIS A 108 5.65 12.87 3.08
C HIS A 108 5.81 12.62 4.54
N ARG A 109 4.71 12.68 5.23
CA ARG A 109 4.68 12.41 6.66
C ARG A 109 5.01 10.96 6.96
N SER A 110 4.72 10.09 6.04
CA SER A 110 4.96 8.70 6.25
C SER A 110 6.02 8.18 5.29
N ILE A 111 6.63 7.11 5.67
CA ILE A 111 7.64 6.48 4.88
C ILE A 111 7.35 5.03 4.75
N THR A 112 8.03 4.40 3.86
CA THR A 112 7.90 3.01 3.63
C THR A 112 9.29 2.45 3.47
N CYS A 113 9.54 1.32 4.06
CA CYS A 113 10.84 0.73 3.95
C CYS A 113 11.06 0.10 2.61
N ILE A 114 12.05 0.60 1.94
CA ILE A 114 12.45 0.19 0.65
C ILE A 114 13.95 -0.14 0.69
N HIS A 115 14.27 -1.42 0.57
CA HIS A 115 15.66 -1.94 0.54
C HIS A 115 16.35 -1.83 1.89
N GLY A 116 15.57 -1.85 2.95
CA GLY A 116 16.13 -1.76 4.28
C GLY A 116 16.28 -0.33 4.72
N VAL A 117 15.83 0.59 3.88
CA VAL A 117 15.93 2.01 4.14
C VAL A 117 14.56 2.59 3.90
N TRP A 118 14.22 3.66 4.53
CA TRP A 118 12.90 4.21 4.32
C TRP A 118 12.92 5.14 3.11
N THR A 119 11.74 5.28 2.49
CA THR A 119 11.53 6.02 1.22
C THR A 119 12.42 7.22 1.00
N GLN A 120 12.21 8.25 1.78
CA GLN A 120 12.93 9.50 1.53
C GLN A 120 12.94 10.44 2.69
N LEU A 121 11.86 10.42 3.46
CA LEU A 121 11.64 11.32 4.61
C LEU A 121 11.41 12.77 4.15
N PRO A 122 10.73 13.55 4.95
CA PRO A 122 10.51 14.96 4.66
C PRO A 122 11.69 15.84 5.13
N GLN A 123 11.47 17.12 5.21
CA GLN A 123 12.45 18.04 5.72
C GLN A 123 11.71 19.04 6.58
N CYS A 124 12.38 19.65 7.50
CA CYS A 124 11.76 20.64 8.33
C CYS A 124 12.32 22.02 8.05
N VAL A 125 11.47 23.00 8.07
CA VAL A 125 11.88 24.36 7.90
C VAL A 125 11.24 25.19 8.98
N ALA A 126 11.97 26.12 9.51
CA ALA A 126 11.51 26.95 10.59
C ALA A 126 10.37 27.84 10.15
N ILE A 127 9.22 27.66 10.78
CA ILE A 127 8.06 28.49 10.54
C ILE A 127 8.34 29.88 11.11
N GLU A 1 -19.67 -19.90 -18.73
CA GLU A 1 -20.83 -19.27 -19.35
C GLU A 1 -21.00 -17.86 -18.83
N ALA A 2 -21.27 -16.95 -19.74
CA ALA A 2 -21.47 -15.56 -19.41
C ALA A 2 -22.96 -15.23 -19.37
N GLU A 3 -23.26 -13.94 -19.42
CA GLU A 3 -24.60 -13.43 -19.35
C GLU A 3 -24.65 -12.17 -20.20
N ALA A 4 -25.86 -11.84 -20.68
CA ALA A 4 -26.13 -10.66 -21.50
C ALA A 4 -25.30 -10.64 -22.79
N ALA A 5 -24.18 -9.94 -22.75
CA ALA A 5 -23.28 -9.82 -23.87
C ALA A 5 -21.92 -9.35 -23.39
N GLY A 6 -21.09 -10.30 -23.01
CA GLY A 6 -19.74 -10.01 -22.52
C GLY A 6 -19.75 -9.19 -21.26
N VAL A 7 -20.67 -9.52 -20.39
CA VAL A 7 -20.88 -8.84 -19.15
C VAL A 7 -21.86 -9.66 -18.32
N GLN A 8 -21.32 -10.67 -17.69
CA GLN A 8 -22.12 -11.56 -16.87
C GLN A 8 -22.68 -10.90 -15.60
N SER A 9 -21.95 -10.92 -14.50
CA SER A 9 -22.34 -10.30 -13.21
C SER A 9 -21.25 -10.50 -12.19
N CYS A 10 -20.96 -9.48 -11.45
CA CYS A 10 -20.00 -9.59 -10.39
C CYS A 10 -20.14 -8.40 -9.48
N GLY A 11 -20.13 -8.66 -8.21
CA GLY A 11 -20.13 -7.63 -7.28
C GLY A 11 -18.77 -7.47 -6.72
N PRO A 12 -18.66 -7.52 -5.41
CA PRO A 12 -17.40 -7.33 -4.69
C PRO A 12 -16.27 -8.26 -5.16
N PRO A 13 -15.04 -7.73 -5.18
CA PRO A 13 -13.84 -8.49 -5.54
C PRO A 13 -13.53 -9.59 -4.52
N PRO A 14 -12.71 -10.56 -4.93
CA PRO A 14 -12.25 -11.63 -4.04
C PRO A 14 -11.23 -11.11 -3.01
N GLU A 15 -10.52 -12.01 -2.39
CA GLU A 15 -9.55 -11.63 -1.39
C GLU A 15 -8.16 -11.69 -2.00
N LEU A 16 -7.17 -11.35 -1.23
CA LEU A 16 -5.82 -11.50 -1.67
C LEU A 16 -5.09 -12.41 -0.70
N LEU A 17 -4.18 -13.19 -1.25
CA LEU A 17 -3.27 -14.08 -0.54
C LEU A 17 -2.81 -13.54 0.83
N ASN A 18 -2.02 -12.50 0.83
CA ASN A 18 -1.57 -11.97 2.08
C ASN A 18 -1.64 -10.48 2.02
N GLY A 19 -2.70 -10.11 1.48
CA GLY A 19 -3.09 -8.75 1.33
C GLY A 19 -4.57 -8.68 1.22
N ASN A 20 -5.08 -7.54 0.86
CA ASN A 20 -6.52 -7.32 0.78
C ASN A 20 -6.84 -6.20 -0.19
N VAL A 21 -8.11 -5.94 -0.35
CA VAL A 21 -8.60 -4.86 -1.19
C VAL A 21 -8.58 -3.57 -0.39
N LYS A 22 -8.09 -2.50 -0.98
CA LYS A 22 -8.00 -1.23 -0.28
C LYS A 22 -9.23 -0.39 -0.53
N GLU A 23 -9.90 -0.70 -1.59
CA GLU A 23 -11.05 0.04 -2.00
C GLU A 23 -12.28 -0.59 -1.41
N LYS A 24 -13.38 0.08 -1.51
CA LYS A 24 -14.59 -0.42 -0.96
C LYS A 24 -15.54 -0.84 -2.05
N THR A 25 -16.30 -1.84 -1.77
CA THR A 25 -17.10 -2.49 -2.75
C THR A 25 -18.36 -1.70 -3.15
N LYS A 26 -18.66 -1.72 -4.43
CA LYS A 26 -19.82 -1.01 -4.98
C LYS A 26 -20.98 -1.96 -5.12
N GLU A 27 -20.70 -3.25 -4.90
CA GLU A 27 -21.66 -4.39 -5.02
C GLU A 27 -22.12 -4.65 -6.46
N GLU A 28 -22.06 -3.66 -7.29
CA GLU A 28 -22.46 -3.77 -8.67
C GLU A 28 -21.31 -3.33 -9.55
N TYR A 29 -20.64 -4.29 -10.11
CA TYR A 29 -19.53 -4.02 -10.99
C TYR A 29 -19.89 -4.46 -12.41
N GLY A 30 -19.91 -5.75 -12.62
CA GLY A 30 -20.40 -6.29 -13.88
C GLY A 30 -19.30 -6.73 -14.82
N HIS A 31 -18.55 -5.78 -15.34
CA HIS A 31 -17.49 -6.05 -16.30
C HIS A 31 -16.64 -4.80 -16.45
N SER A 32 -15.34 -5.02 -16.76
CA SER A 32 -14.33 -3.99 -17.03
C SER A 32 -14.01 -3.12 -15.80
N GLU A 33 -14.47 -3.60 -14.68
CA GLU A 33 -14.29 -2.94 -13.41
C GLU A 33 -13.00 -3.40 -12.78
N VAL A 34 -12.26 -2.48 -12.22
CA VAL A 34 -10.97 -2.79 -11.62
C VAL A 34 -10.93 -2.53 -10.13
N VAL A 35 -10.21 -3.37 -9.45
CA VAL A 35 -10.03 -3.30 -8.01
C VAL A 35 -8.56 -3.35 -7.68
N GLU A 36 -8.10 -2.47 -6.81
CA GLU A 36 -6.73 -2.44 -6.43
C GLU A 36 -6.50 -3.11 -5.08
N TYR A 37 -5.61 -4.04 -5.09
CA TYR A 37 -5.20 -4.77 -3.92
C TYR A 37 -3.93 -4.20 -3.35
N TYR A 38 -3.71 -4.47 -2.09
CA TYR A 38 -2.49 -4.12 -1.41
C TYR A 38 -2.10 -5.30 -0.58
N CYS A 39 -0.85 -5.51 -0.42
CA CYS A 39 -0.39 -6.55 0.46
C CYS A 39 -0.17 -5.97 1.82
N ASN A 40 -0.13 -6.83 2.80
CA ASN A 40 0.11 -6.46 4.17
C ASN A 40 1.42 -5.67 4.37
N PRO A 41 1.59 -4.97 5.53
CA PRO A 41 2.74 -4.05 5.80
C PRO A 41 4.06 -4.79 6.04
N ARG A 42 4.02 -6.05 5.83
CA ARG A 42 5.17 -6.89 5.98
C ARG A 42 5.36 -7.71 4.72
N PHE A 43 4.39 -7.60 3.81
CA PHE A 43 4.42 -8.32 2.57
C PHE A 43 4.47 -7.38 1.39
N LEU A 44 5.17 -7.77 0.39
CA LEU A 44 5.35 -6.99 -0.78
C LEU A 44 4.43 -7.48 -1.85
N MET A 45 3.87 -6.56 -2.58
CA MET A 45 3.05 -6.89 -3.70
C MET A 45 3.94 -7.38 -4.82
N LYS A 46 3.79 -8.61 -5.16
CA LYS A 46 4.55 -9.18 -6.23
C LYS A 46 3.68 -9.21 -7.48
N GLY A 47 2.40 -9.42 -7.26
CA GLY A 47 1.44 -9.55 -8.34
C GLY A 47 1.03 -8.23 -8.96
N PRO A 48 0.10 -8.28 -9.96
CA PRO A 48 -0.34 -7.08 -10.73
C PRO A 48 -1.19 -6.10 -9.92
N ASN A 49 -1.52 -6.52 -8.70
CA ASN A 49 -2.33 -5.80 -7.69
C ASN A 49 -3.75 -5.36 -8.11
N LYS A 50 -3.93 -4.98 -9.33
CA LYS A 50 -5.24 -4.62 -9.83
C LYS A 50 -5.82 -5.70 -10.66
N ILE A 51 -7.07 -5.96 -10.44
CA ILE A 51 -7.79 -6.97 -11.15
C ILE A 51 -8.97 -6.32 -11.84
N GLN A 52 -9.55 -7.04 -12.73
CA GLN A 52 -10.63 -6.57 -13.53
C GLN A 52 -11.67 -7.64 -13.64
N CYS A 53 -12.90 -7.27 -13.54
CA CYS A 53 -13.97 -8.20 -13.68
C CYS A 53 -14.26 -8.41 -15.13
N VAL A 54 -14.01 -9.58 -15.61
CA VAL A 54 -14.33 -9.87 -16.98
C VAL A 54 -15.65 -10.63 -17.07
N ASP A 55 -15.97 -11.11 -18.21
CA ASP A 55 -17.26 -11.75 -18.50
C ASP A 55 -17.29 -13.21 -18.05
N GLY A 56 -16.86 -13.45 -16.84
CA GLY A 56 -16.93 -14.75 -16.25
C GLY A 56 -16.53 -14.71 -14.80
N GLU A 57 -15.48 -13.97 -14.55
CA GLU A 57 -14.94 -13.81 -13.21
C GLU A 57 -13.97 -12.66 -13.21
N TRP A 58 -13.30 -12.45 -12.11
CA TRP A 58 -12.27 -11.44 -12.02
C TRP A 58 -10.96 -11.97 -12.65
N THR A 59 -10.02 -11.12 -12.85
CA THR A 59 -8.77 -11.52 -13.47
C THR A 59 -7.79 -12.15 -12.47
N THR A 60 -6.60 -12.46 -12.96
CA THR A 60 -5.56 -13.09 -12.20
C THR A 60 -5.15 -12.23 -11.00
N LEU A 61 -5.43 -12.76 -9.84
CA LEU A 61 -5.12 -12.18 -8.60
C LEU A 61 -3.62 -12.03 -8.39
N PRO A 62 -3.24 -11.06 -7.56
CA PRO A 62 -1.87 -10.83 -7.24
C PRO A 62 -1.30 -11.82 -6.22
N VAL A 63 -0.08 -11.59 -5.83
CA VAL A 63 0.67 -12.45 -4.96
C VAL A 63 1.41 -11.55 -4.01
N CYS A 64 1.56 -11.99 -2.79
CA CYS A 64 2.28 -11.24 -1.80
C CYS A 64 3.43 -12.11 -1.33
N ILE A 65 4.57 -11.49 -1.17
CA ILE A 65 5.77 -12.17 -0.71
C ILE A 65 6.37 -11.37 0.42
N VAL A 66 6.91 -12.04 1.38
CA VAL A 66 7.49 -11.34 2.49
C VAL A 66 8.93 -11.02 2.19
N GLU A 67 9.31 -9.81 2.51
CA GLU A 67 10.70 -9.39 2.40
C GLU A 67 11.47 -10.15 3.42
N GLU A 68 10.96 -10.03 4.63
CA GLU A 68 11.48 -10.65 5.83
C GLU A 68 12.78 -9.97 6.27
N SER A 69 12.96 -8.78 5.78
CA SER A 69 14.06 -7.98 6.15
C SER A 69 13.46 -6.71 6.71
N THR A 70 14.23 -5.94 7.38
CA THR A 70 13.69 -4.78 7.99
C THR A 70 14.37 -3.52 7.51
N CYS A 71 13.79 -2.42 7.87
CA CYS A 71 14.37 -1.12 7.69
C CYS A 71 15.19 -0.73 8.93
N GLY A 72 15.30 -1.68 9.83
CA GLY A 72 16.11 -1.52 11.01
C GLY A 72 15.35 -0.83 12.09
N ASP A 73 15.31 0.46 12.01
CA ASP A 73 14.66 1.29 12.98
C ASP A 73 14.37 2.60 12.27
N ILE A 74 13.90 3.54 12.99
CA ILE A 74 13.63 4.83 12.51
C ILE A 74 14.90 5.61 12.26
N PRO A 75 14.98 6.22 11.08
CA PRO A 75 16.13 6.99 10.65
C PRO A 75 16.21 8.34 11.35
N GLU A 76 17.06 9.14 10.85
CA GLU A 76 17.33 10.42 11.36
C GLU A 76 16.78 11.48 10.42
N LEU A 77 15.91 12.30 10.94
CA LEU A 77 15.47 13.45 10.23
C LEU A 77 16.42 14.52 10.73
N GLU A 78 16.93 15.37 9.84
CA GLU A 78 17.98 16.35 10.18
C GLU A 78 17.67 17.13 11.46
N HIS A 79 16.41 17.48 11.65
CA HIS A 79 15.98 18.23 12.81
C HIS A 79 14.62 17.73 13.25
N GLY A 80 14.40 16.43 13.09
CA GLY A 80 13.14 15.80 13.44
C GLY A 80 13.36 14.44 14.08
N TRP A 81 12.28 13.70 14.26
CA TRP A 81 12.23 12.42 14.92
C TRP A 81 10.92 11.76 14.55
N ALA A 82 10.38 10.91 15.36
CA ALA A 82 9.25 10.12 14.94
C ALA A 82 8.19 9.92 16.01
N GLN A 83 6.96 9.64 15.58
CA GLN A 83 5.85 9.39 16.49
C GLN A 83 5.69 7.92 16.75
N LEU A 84 5.24 7.21 15.75
CA LEU A 84 4.98 5.81 15.90
C LEU A 84 6.12 4.97 15.36
N SER A 85 6.42 3.93 16.08
CA SER A 85 7.44 3.01 15.70
C SER A 85 6.85 1.60 15.88
N SER A 86 6.83 0.83 14.84
CA SER A 86 6.32 -0.51 14.94
C SER A 86 7.34 -1.52 14.36
N PRO A 87 8.17 -2.11 15.21
CA PRO A 87 9.10 -3.11 14.79
C PRO A 87 8.50 -4.53 14.87
N PRO A 88 8.98 -5.47 14.04
CA PRO A 88 10.01 -5.20 13.04
C PRO A 88 9.46 -4.37 11.90
N TYR A 89 10.20 -3.37 11.51
CA TYR A 89 9.77 -2.49 10.44
C TYR A 89 10.06 -3.18 9.11
N TYR A 90 9.10 -3.95 8.64
CA TYR A 90 9.24 -4.65 7.35
C TYR A 90 8.90 -3.76 6.20
N TYR A 91 9.23 -4.24 5.01
CA TYR A 91 8.95 -3.54 3.78
C TYR A 91 7.44 -3.36 3.66
N GLY A 92 7.06 -2.18 3.30
CA GLY A 92 5.67 -1.87 3.15
C GLY A 92 5.09 -1.17 4.36
N ASP A 93 5.72 -1.32 5.52
CA ASP A 93 5.22 -0.66 6.73
C ASP A 93 5.57 0.82 6.70
N SER A 94 4.93 1.59 7.52
CA SER A 94 5.08 3.01 7.49
C SER A 94 5.47 3.52 8.83
N VAL A 95 5.97 4.71 8.83
CA VAL A 95 6.31 5.40 10.02
C VAL A 95 5.99 6.85 9.84
N GLU A 96 5.47 7.46 10.83
CA GLU A 96 5.19 8.86 10.78
C GLU A 96 6.26 9.60 11.55
N PHE A 97 6.91 10.53 10.88
CA PHE A 97 7.94 11.36 11.46
C PHE A 97 7.34 12.65 11.99
N ASN A 98 8.02 13.26 12.89
CA ASN A 98 7.58 14.50 13.50
C ASN A 98 8.74 15.45 13.51
N CYS A 99 8.47 16.68 13.39
CA CYS A 99 9.50 17.68 13.38
C CYS A 99 9.55 18.36 14.72
N SER A 100 10.75 18.67 15.18
CA SER A 100 10.94 19.39 16.42
C SER A 100 10.21 20.75 16.35
N GLU A 101 9.65 21.16 17.47
CA GLU A 101 8.77 22.32 17.54
C GLU A 101 9.39 23.64 17.05
N SER A 102 10.68 23.82 17.24
CA SER A 102 11.31 25.06 16.81
C SER A 102 11.66 25.01 15.30
N PHE A 103 11.25 23.94 14.64
CA PHE A 103 11.51 23.74 13.24
C PHE A 103 10.21 23.50 12.53
N THR A 104 10.22 23.71 11.25
CA THR A 104 9.09 23.42 10.44
C THR A 104 9.49 22.34 9.44
N MET A 105 8.67 21.32 9.31
CA MET A 105 8.97 20.22 8.44
C MET A 105 8.46 20.51 7.03
N ILE A 106 9.27 20.20 6.09
CA ILE A 106 8.94 20.39 4.70
C ILE A 106 8.68 19.04 4.06
N GLY A 107 7.46 18.86 3.62
CA GLY A 107 7.07 17.63 3.01
C GLY A 107 6.04 16.94 3.82
N HIS A 108 6.01 15.64 3.73
CA HIS A 108 5.10 14.85 4.47
C HIS A 108 5.83 14.12 5.54
N ARG A 109 5.14 13.75 6.57
CA ARG A 109 5.78 13.13 7.67
C ARG A 109 5.95 11.65 7.55
N SER A 110 5.09 11.03 6.83
CA SER A 110 5.10 9.61 6.86
C SER A 110 5.97 8.98 5.79
N ILE A 111 6.56 7.88 6.14
CA ILE A 111 7.44 7.17 5.27
C ILE A 111 7.00 5.75 5.15
N THR A 112 7.65 5.04 4.28
CA THR A 112 7.36 3.66 4.05
C THR A 112 8.67 2.93 3.83
N CYS A 113 8.78 1.78 4.45
CA CYS A 113 9.96 0.94 4.37
C CYS A 113 10.12 0.35 2.97
N ILE A 114 11.11 0.84 2.24
CA ILE A 114 11.37 0.41 0.88
C ILE A 114 12.80 -0.13 0.72
N HIS A 115 12.91 -1.44 0.66
CA HIS A 115 14.18 -2.18 0.42
C HIS A 115 15.15 -2.03 1.58
N GLY A 116 14.63 -1.66 2.71
CA GLY A 116 15.46 -1.48 3.87
C GLY A 116 15.70 -0.04 4.18
N VAL A 117 15.19 0.82 3.33
CA VAL A 117 15.36 2.24 3.50
C VAL A 117 14.00 2.88 3.47
N TRP A 118 13.71 3.74 4.38
CA TRP A 118 12.45 4.44 4.37
C TRP A 118 12.42 5.39 3.18
N THR A 119 11.23 5.70 2.70
CA THR A 119 11.01 6.51 1.48
C THR A 119 11.98 7.65 1.25
N GLN A 120 11.90 8.68 2.06
CA GLN A 120 12.72 9.87 1.83
C GLN A 120 12.83 10.79 3.01
N LEU A 121 11.76 10.84 3.80
CA LEU A 121 11.63 11.72 4.98
C LEU A 121 11.53 13.19 4.56
N PRO A 122 10.90 14.00 5.39
CA PRO A 122 10.87 15.43 5.18
C PRO A 122 12.15 16.05 5.77
N GLN A 123 12.23 17.34 5.78
CA GLN A 123 13.34 18.01 6.35
C GLN A 123 12.84 19.12 7.20
N CYS A 124 13.59 19.48 8.18
CA CYS A 124 13.19 20.54 9.08
C CYS A 124 14.14 21.69 9.00
N VAL A 125 13.58 22.87 8.95
CA VAL A 125 14.33 24.07 8.83
C VAL A 125 14.03 24.95 10.01
N ALA A 126 15.03 25.63 10.46
CA ALA A 126 14.94 26.50 11.60
C ALA A 126 13.98 27.61 11.36
N ILE A 127 12.93 27.64 12.11
CA ILE A 127 12.01 28.75 12.07
C ILE A 127 12.72 29.95 12.69
N GLU A 1 -15.02 -17.08 -26.57
CA GLU A 1 -16.05 -16.90 -27.58
C GLU A 1 -16.14 -15.40 -27.89
N ALA A 2 -16.50 -15.03 -29.11
CA ALA A 2 -16.47 -13.64 -29.52
C ALA A 2 -17.83 -13.06 -29.93
N GLU A 3 -18.78 -13.91 -30.39
CA GLU A 3 -20.06 -13.35 -30.84
C GLU A 3 -20.91 -12.94 -29.66
N ALA A 4 -20.85 -13.73 -28.63
CA ALA A 4 -21.55 -13.45 -27.42
C ALA A 4 -20.71 -12.56 -26.55
N ALA A 5 -20.99 -11.29 -26.60
CA ALA A 5 -20.35 -10.33 -25.75
C ALA A 5 -21.07 -10.39 -24.44
N GLY A 6 -20.33 -10.70 -23.42
CA GLY A 6 -20.88 -10.97 -22.14
C GLY A 6 -21.40 -9.79 -21.40
N VAL A 7 -20.51 -9.18 -20.63
CA VAL A 7 -20.84 -8.18 -19.64
C VAL A 7 -21.96 -8.72 -18.76
N GLN A 8 -21.55 -9.67 -17.98
CA GLN A 8 -22.38 -10.43 -17.11
C GLN A 8 -22.69 -9.69 -15.82
N SER A 9 -21.93 -10.00 -14.80
CA SER A 9 -22.15 -9.49 -13.47
C SER A 9 -21.15 -10.13 -12.57
N CYS A 10 -20.91 -9.51 -11.46
CA CYS A 10 -20.03 -10.02 -10.45
C CYS A 10 -20.18 -9.16 -9.26
N GLY A 11 -20.13 -9.74 -8.11
CA GLY A 11 -20.28 -9.00 -6.94
C GLY A 11 -18.98 -8.46 -6.45
N PRO A 12 -18.82 -8.41 -5.14
CA PRO A 12 -17.61 -7.92 -4.49
C PRO A 12 -16.35 -8.64 -4.98
N PRO A 13 -15.22 -7.94 -5.02
CA PRO A 13 -13.96 -8.51 -5.47
C PRO A 13 -13.51 -9.67 -4.58
N PRO A 14 -12.69 -10.56 -5.13
CA PRO A 14 -12.12 -11.65 -4.37
C PRO A 14 -11.12 -11.15 -3.33
N GLU A 15 -10.44 -12.02 -2.69
CA GLU A 15 -9.50 -11.62 -1.70
C GLU A 15 -8.11 -11.78 -2.25
N LEU A 16 -7.20 -11.01 -1.77
CA LEU A 16 -5.83 -11.15 -2.18
C LEU A 16 -5.22 -12.15 -1.22
N LEU A 17 -4.48 -13.10 -1.79
CA LEU A 17 -3.69 -14.15 -1.12
C LEU A 17 -3.31 -13.80 0.32
N ASN A 18 -2.65 -12.70 0.50
CA ASN A 18 -2.31 -12.25 1.85
C ASN A 18 -2.83 -10.83 2.02
N GLY A 19 -2.67 -10.05 0.95
CA GLY A 19 -3.10 -8.66 0.93
C GLY A 19 -4.61 -8.50 0.90
N ASN A 20 -5.09 -7.38 0.39
CA ASN A 20 -6.53 -7.15 0.33
C ASN A 20 -6.85 -5.94 -0.53
N VAL A 21 -8.12 -5.68 -0.68
CA VAL A 21 -8.64 -4.60 -1.49
C VAL A 21 -8.89 -3.38 -0.61
N LYS A 22 -8.72 -2.19 -1.17
CA LYS A 22 -8.87 -0.97 -0.39
C LYS A 22 -10.13 -0.22 -0.80
N GLU A 23 -10.72 -0.62 -1.91
CA GLU A 23 -11.89 0.05 -2.44
C GLU A 23 -13.15 -0.55 -1.87
N LYS A 24 -14.25 0.12 -2.03
CA LYS A 24 -15.51 -0.34 -1.50
C LYS A 24 -16.10 -1.43 -2.37
N THR A 25 -16.83 -2.30 -1.76
CA THR A 25 -17.51 -3.33 -2.45
C THR A 25 -18.83 -2.80 -2.99
N LYS A 26 -18.94 -2.75 -4.29
CA LYS A 26 -20.14 -2.22 -4.94
C LYS A 26 -21.17 -3.30 -5.11
N GLU A 27 -20.71 -4.54 -4.96
CA GLU A 27 -21.53 -5.75 -4.99
C GLU A 27 -22.17 -6.07 -6.34
N GLU A 28 -22.05 -5.18 -7.29
CA GLU A 28 -22.50 -5.44 -8.61
C GLU A 28 -21.65 -4.66 -9.57
N TYR A 29 -20.57 -5.27 -9.93
CA TYR A 29 -19.60 -4.65 -10.80
C TYR A 29 -19.99 -4.84 -12.28
N GLY A 30 -19.84 -6.03 -12.81
CA GLY A 30 -20.26 -6.27 -14.16
C GLY A 30 -19.13 -6.65 -15.07
N HIS A 31 -18.71 -5.74 -15.91
CA HIS A 31 -17.67 -6.02 -16.86
C HIS A 31 -16.70 -4.86 -16.94
N SER A 32 -15.41 -5.20 -17.01
CA SER A 32 -14.31 -4.24 -17.15
C SER A 32 -14.10 -3.40 -15.89
N GLU A 33 -14.68 -3.87 -14.82
CA GLU A 33 -14.57 -3.23 -13.54
C GLU A 33 -13.29 -3.67 -12.89
N VAL A 34 -12.50 -2.72 -12.48
CA VAL A 34 -11.23 -3.02 -11.87
C VAL A 34 -11.26 -2.75 -10.39
N VAL A 35 -10.47 -3.50 -9.67
CA VAL A 35 -10.35 -3.38 -8.23
C VAL A 35 -8.90 -3.29 -7.84
N GLU A 36 -8.56 -2.34 -6.98
CA GLU A 36 -7.22 -2.15 -6.55
C GLU A 36 -6.96 -2.77 -5.19
N TYR A 37 -5.91 -3.53 -5.14
CA TYR A 37 -5.47 -4.20 -3.96
C TYR A 37 -4.22 -3.56 -3.38
N TYR A 38 -3.89 -3.98 -2.19
CA TYR A 38 -2.70 -3.58 -1.49
C TYR A 38 -2.18 -4.81 -0.77
N CYS A 39 -0.93 -4.86 -0.49
CA CYS A 39 -0.39 -5.90 0.34
C CYS A 39 -0.23 -5.42 1.75
N ASN A 40 -0.17 -6.36 2.64
CA ASN A 40 -0.01 -6.13 4.06
C ASN A 40 1.29 -5.38 4.37
N PRO A 41 1.37 -4.70 5.52
CA PRO A 41 2.53 -3.84 5.88
C PRO A 41 3.87 -4.59 6.07
N ARG A 42 3.85 -5.89 5.95
CA ARG A 42 5.07 -6.67 6.02
C ARG A 42 5.18 -7.61 4.84
N PHE A 43 4.18 -7.54 4.00
CA PHE A 43 4.14 -8.31 2.79
C PHE A 43 4.23 -7.42 1.61
N LEU A 44 4.98 -7.81 0.66
CA LEU A 44 5.20 -7.00 -0.48
C LEU A 44 4.42 -7.54 -1.62
N MET A 45 3.99 -6.66 -2.44
CA MET A 45 3.26 -6.99 -3.61
C MET A 45 4.21 -7.42 -4.70
N LYS A 46 4.00 -8.62 -5.21
CA LYS A 46 4.88 -9.17 -6.21
C LYS A 46 4.15 -9.29 -7.54
N GLY A 47 2.87 -9.59 -7.47
CA GLY A 47 2.07 -9.75 -8.68
C GLY A 47 1.58 -8.42 -9.21
N PRO A 48 0.41 -8.41 -9.84
CA PRO A 48 -0.26 -7.16 -10.23
C PRO A 48 -0.83 -6.48 -8.96
N ASN A 49 -1.93 -5.79 -9.10
CA ASN A 49 -2.55 -5.11 -7.97
C ASN A 49 -3.99 -4.78 -8.29
N LYS A 50 -4.28 -4.59 -9.54
CA LYS A 50 -5.62 -4.35 -9.97
C LYS A 50 -6.08 -5.45 -10.85
N ILE A 51 -7.27 -5.90 -10.61
CA ILE A 51 -7.86 -6.98 -11.35
C ILE A 51 -9.08 -6.44 -12.03
N GLN A 52 -9.63 -7.19 -12.92
CA GLN A 52 -10.74 -6.76 -13.71
C GLN A 52 -11.76 -7.85 -13.81
N CYS A 53 -13.00 -7.47 -13.71
CA CYS A 53 -14.07 -8.42 -13.86
C CYS A 53 -14.39 -8.54 -15.32
N VAL A 54 -13.95 -9.61 -15.93
CA VAL A 54 -14.22 -9.83 -17.33
C VAL A 54 -15.54 -10.54 -17.45
N ASP A 55 -15.90 -10.97 -18.65
CA ASP A 55 -17.18 -11.60 -18.84
C ASP A 55 -17.22 -13.04 -18.37
N GLY A 56 -17.38 -13.13 -17.07
CA GLY A 56 -17.63 -14.34 -16.41
C GLY A 56 -17.14 -14.25 -14.99
N GLU A 57 -15.89 -13.90 -14.83
CA GLU A 57 -15.25 -13.81 -13.54
C GLU A 57 -14.12 -12.79 -13.58
N TRP A 58 -13.32 -12.73 -12.55
CA TRP A 58 -12.24 -11.75 -12.47
C TRP A 58 -10.98 -12.23 -13.20
N THR A 59 -9.93 -11.45 -13.13
CA THR A 59 -8.67 -11.76 -13.75
C THR A 59 -7.69 -12.37 -12.73
N THR A 60 -6.44 -12.44 -13.12
CA THR A 60 -5.42 -13.02 -12.30
C THR A 60 -5.12 -12.13 -11.07
N LEU A 61 -5.35 -12.67 -9.91
CA LEU A 61 -5.05 -12.01 -8.65
C LEU A 61 -3.54 -11.90 -8.42
N PRO A 62 -3.12 -10.87 -7.69
CA PRO A 62 -1.75 -10.71 -7.26
C PRO A 62 -1.45 -11.53 -6.08
N VAL A 63 -0.22 -11.46 -5.72
CA VAL A 63 0.28 -12.20 -4.70
C VAL A 63 1.09 -11.27 -3.81
N CYS A 64 1.17 -11.61 -2.57
CA CYS A 64 1.92 -10.86 -1.62
C CYS A 64 2.92 -11.80 -1.00
N ILE A 65 4.13 -11.36 -0.85
CA ILE A 65 5.19 -12.17 -0.30
C ILE A 65 5.85 -11.40 0.83
N VAL A 66 6.18 -12.07 1.88
CA VAL A 66 6.87 -11.40 2.96
C VAL A 66 8.31 -11.21 2.53
N GLU A 67 8.85 -9.99 2.61
CA GLU A 67 10.25 -9.89 2.25
C GLU A 67 11.10 -10.46 3.35
N GLU A 68 10.47 -10.57 4.54
CA GLU A 68 11.06 -11.18 5.74
C GLU A 68 12.28 -10.36 6.18
N SER A 69 12.31 -9.12 5.74
CA SER A 69 13.40 -8.23 5.98
C SER A 69 12.82 -6.96 6.58
N THR A 70 13.67 -6.15 7.15
CA THR A 70 13.27 -4.97 7.84
C THR A 70 14.05 -3.73 7.37
N CYS A 71 13.66 -2.58 7.88
CA CYS A 71 14.38 -1.33 7.66
C CYS A 71 15.30 -1.02 8.82
N GLY A 72 15.29 -1.89 9.81
CA GLY A 72 16.15 -1.74 10.95
C GLY A 72 15.51 -0.95 12.04
N ASP A 73 15.56 0.35 11.91
CA ASP A 73 14.98 1.27 12.88
C ASP A 73 14.76 2.62 12.21
N ILE A 74 14.21 3.53 12.94
CA ILE A 74 14.00 4.87 12.51
C ILE A 74 15.30 5.63 12.34
N PRO A 75 15.44 6.29 11.19
CA PRO A 75 16.62 7.07 10.86
C PRO A 75 16.66 8.36 11.65
N GLU A 76 17.62 9.14 11.38
CA GLU A 76 17.75 10.39 12.04
C GLU A 76 17.54 11.51 11.05
N LEU A 77 16.80 12.47 11.47
CA LEU A 77 16.53 13.64 10.68
C LEU A 77 17.30 14.73 11.38
N GLU A 78 17.90 15.67 10.64
CA GLU A 78 18.76 16.75 11.20
C GLU A 78 18.13 17.44 12.41
N HIS A 79 16.83 17.60 12.39
CA HIS A 79 16.12 18.30 13.43
C HIS A 79 14.75 17.69 13.62
N GLY A 80 14.63 16.45 13.19
CA GLY A 80 13.38 15.73 13.25
C GLY A 80 13.54 14.39 13.95
N TRP A 81 12.44 13.69 14.14
CA TRP A 81 12.38 12.46 14.87
C TRP A 81 11.08 11.81 14.51
N ALA A 82 10.62 10.92 15.32
CA ALA A 82 9.53 10.11 14.95
C ALA A 82 8.58 9.95 16.11
N GLN A 83 7.31 9.86 15.82
CA GLN A 83 6.32 9.74 16.87
C GLN A 83 6.11 8.28 17.17
N LEU A 84 5.86 7.55 16.13
CA LEU A 84 5.54 6.16 16.25
C LEU A 84 6.62 5.30 15.64
N SER A 85 6.77 4.14 16.16
CA SER A 85 7.74 3.18 15.77
C SER A 85 7.09 1.82 15.72
N SER A 86 7.21 1.13 14.64
CA SER A 86 6.62 -0.18 14.53
C SER A 86 7.67 -1.24 14.16
N PRO A 87 8.42 -1.72 15.14
CA PRO A 87 9.41 -2.76 14.94
C PRO A 87 8.83 -4.16 15.18
N PRO A 88 9.26 -5.15 14.40
CA PRO A 88 10.25 -4.96 13.35
C PRO A 88 9.67 -4.20 12.17
N TYR A 89 10.35 -3.17 11.76
CA TYR A 89 9.90 -2.31 10.67
C TYR A 89 10.09 -3.03 9.34
N TYR A 90 9.07 -3.71 8.86
CA TYR A 90 9.17 -4.42 7.59
C TYR A 90 8.88 -3.51 6.43
N TYR A 91 9.31 -3.92 5.25
CA TYR A 91 9.01 -3.20 4.02
C TYR A 91 7.52 -3.19 3.85
N GLY A 92 7.02 -2.05 3.51
CA GLY A 92 5.64 -1.94 3.28
C GLY A 92 4.92 -1.33 4.47
N ASP A 93 5.62 -1.23 5.61
CA ASP A 93 5.05 -0.56 6.80
C ASP A 93 5.47 0.91 6.76
N SER A 94 5.07 1.68 7.73
CA SER A 94 5.31 3.11 7.69
C SER A 94 5.68 3.66 9.04
N VAL A 95 6.26 4.82 9.02
CA VAL A 95 6.64 5.54 10.20
C VAL A 95 6.31 7.01 10.02
N GLU A 96 5.92 7.68 11.07
CA GLU A 96 5.70 9.08 11.00
C GLU A 96 6.82 9.83 11.70
N PHE A 97 7.34 10.78 11.00
CA PHE A 97 8.38 11.65 11.40
C PHE A 97 7.81 13.03 11.61
N ASN A 98 8.43 13.78 12.45
CA ASN A 98 8.03 15.13 12.73
C ASN A 98 9.26 15.88 13.12
N CYS A 99 9.19 17.14 13.02
CA CYS A 99 10.27 17.98 13.37
C CYS A 99 10.13 18.50 14.77
N SER A 100 11.22 18.87 15.35
CA SER A 100 11.27 19.41 16.67
C SER A 100 10.61 20.76 16.71
N GLU A 101 10.27 21.20 17.89
CA GLU A 101 9.73 22.50 18.05
C GLU A 101 10.82 23.51 17.71
N SER A 102 10.39 24.63 17.17
CA SER A 102 11.20 25.71 16.62
C SER A 102 11.51 25.39 15.16
N PHE A 103 11.21 24.17 14.76
CA PHE A 103 11.40 23.77 13.41
C PHE A 103 10.12 23.34 12.78
N THR A 104 10.00 23.59 11.53
CA THR A 104 8.87 23.18 10.78
C THR A 104 9.34 22.17 9.75
N MET A 105 8.49 21.23 9.42
CA MET A 105 8.84 20.17 8.53
C MET A 105 8.38 20.49 7.12
N ILE A 106 9.14 20.04 6.17
CA ILE A 106 8.79 20.18 4.78
C ILE A 106 8.86 18.81 4.15
N GLY A 107 7.73 18.34 3.68
CA GLY A 107 7.69 17.05 3.02
C GLY A 107 6.56 16.22 3.51
N HIS A 108 6.81 14.96 3.68
CA HIS A 108 5.77 14.10 4.16
C HIS A 108 6.12 13.64 5.53
N ARG A 109 5.16 13.76 6.40
CA ARG A 109 5.31 13.30 7.77
C ARG A 109 5.54 11.81 7.84
N SER A 110 4.97 11.06 6.94
CA SER A 110 5.13 9.64 7.04
C SER A 110 6.04 9.11 5.97
N ILE A 111 6.71 8.04 6.31
CA ILE A 111 7.62 7.36 5.43
C ILE A 111 7.24 5.93 5.34
N THR A 112 7.78 5.25 4.39
CA THR A 112 7.48 3.88 4.15
C THR A 112 8.76 3.11 4.00
N CYS A 113 8.81 1.96 4.61
CA CYS A 113 9.95 1.09 4.53
C CYS A 113 10.03 0.49 3.15
N ILE A 114 10.99 0.96 2.38
CA ILE A 114 11.18 0.55 1.02
C ILE A 114 12.64 0.09 0.79
N HIS A 115 12.84 -1.20 0.61
CA HIS A 115 14.16 -1.80 0.30
C HIS A 115 15.11 -1.72 1.46
N GLY A 116 14.58 -1.54 2.64
CA GLY A 116 15.42 -1.44 3.79
C GLY A 116 15.63 -0.02 4.17
N VAL A 117 15.14 0.88 3.36
CA VAL A 117 15.33 2.22 3.58
C VAL A 117 13.98 2.86 3.67
N TRP A 118 13.87 3.89 4.40
CA TRP A 118 12.62 4.60 4.40
C TRP A 118 12.63 5.55 3.22
N THR A 119 11.44 5.88 2.73
CA THR A 119 11.23 6.71 1.52
C THR A 119 12.25 7.83 1.30
N GLN A 120 12.14 8.90 2.08
CA GLN A 120 12.96 10.07 1.83
C GLN A 120 13.08 10.99 3.02
N LEU A 121 12.05 10.99 3.86
CA LEU A 121 11.96 11.82 5.06
C LEU A 121 11.77 13.30 4.73
N PRO A 122 11.09 14.03 5.59
CA PRO A 122 10.94 15.47 5.43
C PRO A 122 12.21 16.19 5.86
N GLN A 123 12.18 17.49 5.79
CA GLN A 123 13.30 18.27 6.21
C GLN A 123 12.81 19.32 7.17
N CYS A 124 13.55 19.57 8.19
CA CYS A 124 13.15 20.57 9.15
C CYS A 124 13.91 21.85 8.89
N VAL A 125 13.25 22.96 9.06
CA VAL A 125 13.85 24.26 8.91
C VAL A 125 13.46 25.10 10.10
N ALA A 126 14.39 25.90 10.56
CA ALA A 126 14.17 26.78 11.69
C ALA A 126 13.17 27.84 11.33
N ILE A 127 12.08 27.85 12.03
CA ILE A 127 11.02 28.83 11.84
C ILE A 127 11.54 30.20 12.27
N GLU A 1 -24.62 -16.30 -29.74
CA GLU A 1 -24.58 -15.03 -30.45
C GLU A 1 -23.13 -14.68 -30.75
N ALA A 2 -22.90 -14.08 -31.90
CA ALA A 2 -21.55 -13.72 -32.30
C ALA A 2 -21.15 -12.45 -31.60
N GLU A 3 -22.09 -11.55 -31.46
CA GLU A 3 -21.88 -10.31 -30.77
C GLU A 3 -22.04 -10.58 -29.28
N ALA A 4 -20.94 -10.76 -28.59
CA ALA A 4 -20.98 -11.06 -27.19
C ALA A 4 -20.71 -9.84 -26.35
N ALA A 5 -21.66 -9.51 -25.52
CA ALA A 5 -21.51 -8.44 -24.56
C ALA A 5 -21.25 -9.07 -23.22
N GLY A 6 -20.01 -9.16 -22.87
CA GLY A 6 -19.64 -9.80 -21.65
C GLY A 6 -19.50 -8.82 -20.54
N VAL A 7 -20.57 -8.65 -19.81
CA VAL A 7 -20.69 -7.70 -18.71
C VAL A 7 -21.79 -8.24 -17.83
N GLN A 8 -21.47 -9.33 -17.22
CA GLN A 8 -22.35 -10.07 -16.33
C GLN A 8 -22.60 -9.32 -15.04
N SER A 9 -21.61 -8.56 -14.67
CA SER A 9 -21.55 -7.73 -13.49
C SER A 9 -21.23 -8.56 -12.29
N CYS A 10 -20.18 -8.22 -11.67
CA CYS A 10 -19.78 -8.83 -10.47
C CYS A 10 -19.95 -7.82 -9.36
N GLY A 11 -19.79 -8.26 -8.15
CA GLY A 11 -19.90 -7.40 -7.04
C GLY A 11 -18.54 -7.11 -6.45
N PRO A 12 -18.41 -7.21 -5.15
CA PRO A 12 -17.17 -6.91 -4.43
C PRO A 12 -16.03 -7.87 -4.82
N PRO A 13 -14.79 -7.36 -4.86
CA PRO A 13 -13.61 -8.13 -5.23
C PRO A 13 -13.34 -9.28 -4.25
N PRO A 14 -12.62 -10.32 -4.70
CA PRO A 14 -12.22 -11.45 -3.84
C PRO A 14 -11.18 -11.02 -2.79
N GLU A 15 -10.53 -11.97 -2.18
CA GLU A 15 -9.55 -11.66 -1.17
C GLU A 15 -8.16 -11.88 -1.70
N LEU A 16 -7.18 -11.35 -1.02
CA LEU A 16 -5.81 -11.60 -1.39
C LEU A 16 -5.16 -12.61 -0.45
N LEU A 17 -4.24 -13.38 -1.02
CA LEU A 17 -3.38 -14.36 -0.39
C LEU A 17 -2.98 -13.92 1.01
N ASN A 18 -2.21 -12.86 1.09
CA ASN A 18 -1.76 -12.40 2.41
C ASN A 18 -2.32 -11.02 2.70
N GLY A 19 -2.29 -10.16 1.71
CA GLY A 19 -2.78 -8.82 1.89
C GLY A 19 -4.25 -8.74 1.59
N ASN A 20 -4.69 -7.63 1.05
CA ASN A 20 -6.11 -7.46 0.79
C ASN A 20 -6.33 -6.28 -0.14
N VAL A 21 -7.55 -5.90 -0.31
CA VAL A 21 -7.93 -4.86 -1.23
C VAL A 21 -8.19 -3.54 -0.47
N LYS A 22 -7.82 -2.44 -1.09
CA LYS A 22 -7.97 -1.12 -0.48
C LYS A 22 -9.18 -0.40 -1.03
N GLU A 23 -9.67 -0.89 -2.14
CA GLU A 23 -10.79 -0.30 -2.81
C GLU A 23 -12.07 -0.78 -2.15
N LYS A 24 -12.92 0.16 -1.80
CA LYS A 24 -14.14 -0.15 -1.12
C LYS A 24 -15.10 -0.93 -1.99
N THR A 25 -15.90 -1.71 -1.36
CA THR A 25 -16.82 -2.57 -2.02
C THR A 25 -18.02 -1.78 -2.53
N LYS A 26 -18.29 -1.90 -3.79
CA LYS A 26 -19.44 -1.21 -4.37
C LYS A 26 -20.59 -2.17 -4.52
N GLU A 27 -20.26 -3.47 -4.36
CA GLU A 27 -21.23 -4.59 -4.40
C GLU A 27 -21.84 -4.83 -5.78
N GLU A 28 -21.65 -3.90 -6.63
CA GLU A 28 -22.08 -3.97 -7.97
C GLU A 28 -21.09 -3.17 -8.75
N TYR A 29 -20.28 -3.83 -9.51
CA TYR A 29 -19.28 -3.17 -10.30
C TYR A 29 -19.68 -3.17 -11.75
N GLY A 30 -19.73 -4.32 -12.31
CA GLY A 30 -20.08 -4.47 -13.68
C GLY A 30 -19.06 -5.27 -14.39
N HIS A 31 -18.44 -4.67 -15.34
CA HIS A 31 -17.41 -5.29 -16.12
C HIS A 31 -16.28 -4.28 -16.33
N SER A 32 -15.09 -4.77 -16.61
CA SER A 32 -13.88 -3.98 -16.91
C SER A 32 -13.44 -3.09 -15.72
N GLU A 33 -14.03 -3.36 -14.57
CA GLU A 33 -13.75 -2.67 -13.34
C GLU A 33 -12.44 -3.16 -12.78
N VAL A 34 -11.62 -2.26 -12.31
CA VAL A 34 -10.30 -2.63 -11.80
C VAL A 34 -10.26 -2.39 -10.30
N VAL A 35 -9.64 -3.30 -9.62
CA VAL A 35 -9.51 -3.25 -8.18
C VAL A 35 -8.04 -3.37 -7.81
N GLU A 36 -7.60 -2.57 -6.84
CA GLU A 36 -6.22 -2.61 -6.42
C GLU A 36 -6.08 -3.24 -5.03
N TYR A 37 -5.22 -4.20 -4.95
CA TYR A 37 -4.87 -4.89 -3.74
C TYR A 37 -3.58 -4.32 -3.16
N TYR A 38 -3.34 -4.64 -1.92
CA TYR A 38 -2.13 -4.26 -1.24
C TYR A 38 -1.66 -5.48 -0.47
N CYS A 39 -0.40 -5.62 -0.30
CA CYS A 39 0.08 -6.64 0.57
C CYS A 39 0.33 -6.07 1.91
N ASN A 40 0.38 -6.92 2.89
CA ASN A 40 0.64 -6.54 4.26
C ASN A 40 1.92 -5.75 4.39
N PRO A 41 2.08 -4.92 5.43
CA PRO A 41 3.27 -4.07 5.63
C PRO A 41 4.54 -4.87 6.00
N ARG A 42 4.44 -6.18 5.85
CA ARG A 42 5.54 -7.07 6.04
C ARG A 42 5.74 -7.96 4.82
N PHE A 43 4.83 -7.86 3.90
CA PHE A 43 4.85 -8.63 2.67
C PHE A 43 4.84 -7.72 1.46
N LEU A 44 5.49 -8.14 0.45
CA LEU A 44 5.61 -7.39 -0.77
C LEU A 44 4.73 -7.98 -1.84
N MET A 45 4.21 -7.13 -2.67
CA MET A 45 3.38 -7.52 -3.78
C MET A 45 4.22 -8.13 -4.90
N LYS A 46 3.98 -9.39 -5.18
CA LYS A 46 4.71 -10.10 -6.22
C LYS A 46 3.87 -10.22 -7.48
N GLY A 47 2.59 -10.42 -7.30
CA GLY A 47 1.70 -10.60 -8.43
C GLY A 47 1.08 -9.29 -8.88
N PRO A 48 0.12 -9.33 -9.81
CA PRO A 48 -0.58 -8.15 -10.26
C PRO A 48 -1.62 -7.73 -9.24
N ASN A 49 -1.34 -6.65 -8.59
CA ASN A 49 -2.17 -6.13 -7.52
C ASN A 49 -3.47 -5.55 -8.03
N LYS A 50 -3.57 -5.39 -9.30
CA LYS A 50 -4.73 -4.84 -9.88
C LYS A 50 -5.44 -5.84 -10.73
N ILE A 51 -6.71 -5.97 -10.50
CA ILE A 51 -7.49 -6.98 -11.16
C ILE A 51 -8.66 -6.34 -11.85
N GLN A 52 -9.28 -7.06 -12.71
CA GLN A 52 -10.36 -6.59 -13.49
C GLN A 52 -11.46 -7.61 -13.56
N CYS A 53 -12.67 -7.15 -13.49
CA CYS A 53 -13.81 -8.00 -13.59
C CYS A 53 -14.12 -8.24 -15.05
N VAL A 54 -13.81 -9.41 -15.52
CA VAL A 54 -14.07 -9.75 -16.90
C VAL A 54 -15.46 -10.37 -17.00
N ASP A 55 -15.81 -10.90 -18.14
CA ASP A 55 -17.13 -11.48 -18.31
C ASP A 55 -17.26 -12.84 -17.60
N GLY A 56 -17.42 -12.77 -16.30
CA GLY A 56 -17.72 -13.92 -15.50
C GLY A 56 -17.00 -13.92 -14.16
N GLU A 57 -15.77 -13.49 -14.16
CA GLU A 57 -14.97 -13.52 -12.95
C GLU A 57 -13.97 -12.38 -12.95
N TRP A 58 -13.18 -12.29 -11.93
CA TRP A 58 -12.12 -11.32 -11.85
C TRP A 58 -10.86 -11.94 -12.42
N THR A 59 -9.90 -11.13 -12.78
CA THR A 59 -8.66 -11.60 -13.37
C THR A 59 -7.76 -12.31 -12.34
N THR A 60 -6.54 -12.58 -12.73
CA THR A 60 -5.61 -13.28 -11.92
C THR A 60 -5.16 -12.45 -10.72
N LEU A 61 -5.55 -12.91 -9.55
CA LEU A 61 -5.18 -12.35 -8.29
C LEU A 61 -3.67 -12.42 -8.05
N PRO A 62 -3.16 -11.45 -7.29
CA PRO A 62 -1.75 -11.36 -6.97
C PRO A 62 -1.28 -12.37 -5.92
N VAL A 63 -0.03 -12.19 -5.52
CA VAL A 63 0.66 -13.05 -4.59
C VAL A 63 1.49 -12.13 -3.70
N CYS A 64 1.53 -12.41 -2.43
CA CYS A 64 2.32 -11.61 -1.51
C CYS A 64 3.46 -12.45 -1.02
N ILE A 65 4.62 -11.87 -0.95
CA ILE A 65 5.83 -12.55 -0.51
C ILE A 65 6.57 -11.71 0.49
N VAL A 66 7.10 -12.32 1.50
CA VAL A 66 7.85 -11.59 2.49
C VAL A 66 9.28 -11.42 2.00
N GLU A 67 9.78 -10.19 1.99
CA GLU A 67 11.19 -9.99 1.59
C GLU A 67 12.11 -10.41 2.75
N GLU A 68 11.51 -10.46 3.94
CA GLU A 68 12.07 -10.88 5.25
C GLU A 68 13.24 -10.04 5.75
N SER A 69 13.59 -9.05 5.02
CA SER A 69 14.61 -8.14 5.39
C SER A 69 13.88 -6.96 6.00
N THR A 70 14.44 -6.35 6.99
CA THR A 70 13.73 -5.34 7.68
C THR A 70 14.33 -3.98 7.48
N CYS A 71 13.57 -3.00 7.84
CA CYS A 71 13.94 -1.63 7.67
C CYS A 71 14.68 -1.10 8.89
N GLY A 72 14.68 -1.91 9.91
CA GLY A 72 15.47 -1.64 11.08
C GLY A 72 14.70 -0.91 12.11
N ASP A 73 14.46 0.34 11.87
CA ASP A 73 13.73 1.21 12.77
C ASP A 73 13.59 2.55 12.08
N ILE A 74 13.11 3.51 12.80
CA ILE A 74 12.99 4.83 12.34
C ILE A 74 14.38 5.45 12.11
N PRO A 75 14.55 6.08 10.96
CA PRO A 75 15.78 6.73 10.58
C PRO A 75 15.99 8.04 11.34
N GLU A 76 17.02 8.69 11.01
CA GLU A 76 17.37 9.92 11.60
C GLU A 76 16.99 11.04 10.67
N LEU A 77 16.25 11.96 11.16
CA LEU A 77 15.93 13.12 10.41
C LEU A 77 16.73 14.24 11.07
N GLU A 78 17.33 15.08 10.25
CA GLU A 78 18.20 16.21 10.65
C GLU A 78 17.68 16.95 11.90
N HIS A 79 16.37 17.18 11.93
CA HIS A 79 15.73 17.93 12.99
C HIS A 79 14.35 17.35 13.25
N GLY A 80 14.22 16.06 12.99
CA GLY A 80 12.97 15.39 13.14
C GLY A 80 13.13 14.02 13.72
N TRP A 81 12.04 13.43 14.09
CA TRP A 81 11.94 12.15 14.70
C TRP A 81 10.58 11.62 14.40
N ALA A 82 10.05 10.77 15.20
CA ALA A 82 8.89 10.07 14.77
C ALA A 82 7.81 9.99 15.82
N GLN A 83 6.60 9.76 15.37
CA GLN A 83 5.44 9.66 16.24
C GLN A 83 5.11 8.23 16.52
N LEU A 84 4.91 7.48 15.46
CA LEU A 84 4.54 6.10 15.57
C LEU A 84 5.58 5.24 14.89
N SER A 85 5.83 4.12 15.47
CA SER A 85 6.83 3.21 15.01
C SER A 85 6.19 1.81 14.90
N SER A 86 6.45 1.07 13.85
CA SER A 86 5.84 -0.25 13.71
C SER A 86 6.87 -1.33 13.45
N PRO A 87 7.34 -1.98 14.51
CA PRO A 87 8.21 -3.12 14.41
C PRO A 87 7.44 -4.45 14.42
N PRO A 88 7.91 -5.44 13.66
CA PRO A 88 9.11 -5.32 12.85
C PRO A 88 8.85 -4.45 11.61
N TYR A 89 9.72 -3.52 11.37
CA TYR A 89 9.58 -2.61 10.27
C TYR A 89 9.92 -3.35 9.00
N TYR A 90 8.94 -3.81 8.30
CA TYR A 90 9.15 -4.47 7.05
C TYR A 90 8.85 -3.54 5.89
N TYR A 91 8.97 -4.09 4.70
CA TYR A 91 8.71 -3.35 3.50
C TYR A 91 7.22 -3.07 3.39
N GLY A 92 6.90 -1.87 3.05
CA GLY A 92 5.52 -1.49 2.92
C GLY A 92 4.90 -1.00 4.20
N ASP A 93 5.68 -0.95 5.29
CA ASP A 93 5.15 -0.41 6.55
C ASP A 93 5.24 1.10 6.47
N SER A 94 4.70 1.79 7.42
CA SER A 94 4.60 3.23 7.35
C SER A 94 4.96 3.84 8.66
N VAL A 95 5.60 4.95 8.60
CA VAL A 95 5.97 5.65 9.78
C VAL A 95 5.71 7.13 9.62
N GLU A 96 5.23 7.74 10.67
CA GLU A 96 4.99 9.16 10.67
C GLU A 96 6.07 9.89 11.44
N PHE A 97 6.71 10.80 10.76
CA PHE A 97 7.76 11.63 11.32
C PHE A 97 7.22 12.98 11.74
N ASN A 98 7.87 13.56 12.71
CA ASN A 98 7.52 14.86 13.24
C ASN A 98 8.80 15.60 13.46
N CYS A 99 8.76 16.86 13.30
CA CYS A 99 9.92 17.69 13.49
C CYS A 99 9.90 18.30 14.86
N SER A 100 11.06 18.75 15.31
CA SER A 100 11.14 19.48 16.55
C SER A 100 10.22 20.70 16.45
N GLU A 101 9.64 21.09 17.56
CA GLU A 101 8.65 22.16 17.62
C GLU A 101 9.23 23.51 17.13
N SER A 102 10.52 23.68 17.30
CA SER A 102 11.21 24.87 16.85
C SER A 102 11.52 24.82 15.33
N PHE A 103 11.16 23.73 14.69
CA PHE A 103 11.45 23.51 13.31
C PHE A 103 10.18 23.20 12.57
N THR A 104 10.15 23.53 11.34
CA THR A 104 8.99 23.31 10.55
C THR A 104 9.33 22.24 9.50
N MET A 105 8.40 21.35 9.25
CA MET A 105 8.61 20.26 8.35
C MET A 105 8.30 20.62 6.91
N ILE A 106 9.24 20.35 6.06
CA ILE A 106 9.05 20.52 4.65
C ILE A 106 8.88 19.18 4.04
N GLY A 107 7.66 18.85 3.80
CA GLY A 107 7.30 17.58 3.27
C GLY A 107 6.13 17.06 4.02
N HIS A 108 5.98 15.78 4.01
CA HIS A 108 4.89 15.13 4.69
C HIS A 108 5.40 14.33 5.86
N ARG A 109 4.50 13.90 6.67
CA ARG A 109 4.82 13.16 7.86
C ARG A 109 5.05 11.67 7.61
N SER A 110 4.31 11.05 6.72
CA SER A 110 4.39 9.60 6.63
C SER A 110 5.26 9.04 5.54
N ILE A 111 6.09 8.12 5.92
CA ILE A 111 6.99 7.45 5.03
C ILE A 111 6.60 6.02 4.88
N THR A 112 7.21 5.37 3.96
CA THR A 112 6.95 4.00 3.68
C THR A 112 8.28 3.33 3.49
N CYS A 113 8.44 2.14 3.99
CA CYS A 113 9.67 1.45 3.82
C CYS A 113 9.76 0.79 2.48
N ILE A 114 10.72 1.22 1.73
CA ILE A 114 10.99 0.76 0.41
C ILE A 114 12.45 0.31 0.33
N HIS A 115 12.67 -1.02 0.32
CA HIS A 115 14.02 -1.63 0.19
C HIS A 115 14.86 -1.45 1.44
N GLY A 116 14.23 -1.45 2.58
CA GLY A 116 14.93 -1.28 3.81
C GLY A 116 15.07 0.15 4.19
N VAL A 117 14.69 1.03 3.29
CA VAL A 117 14.86 2.37 3.50
C VAL A 117 13.51 3.01 3.51
N TRP A 118 13.34 4.03 4.22
CA TRP A 118 12.07 4.71 4.18
C TRP A 118 12.13 5.70 3.07
N THR A 119 10.98 6.02 2.49
CA THR A 119 10.84 6.85 1.28
C THR A 119 11.87 7.96 1.10
N GLN A 120 11.78 8.98 1.91
CA GLN A 120 12.64 10.13 1.71
C GLN A 120 12.78 11.03 2.90
N LEU A 121 11.72 11.09 3.69
CA LEU A 121 11.61 11.94 4.89
C LEU A 121 11.56 13.44 4.53
N PRO A 122 10.84 14.21 5.31
CA PRO A 122 10.78 15.65 5.13
C PRO A 122 12.05 16.31 5.66
N GLN A 123 12.12 17.59 5.56
CA GLN A 123 13.23 18.30 6.10
C GLN A 123 12.72 19.32 7.08
N CYS A 124 13.29 19.34 8.24
CA CYS A 124 12.85 20.25 9.26
C CYS A 124 13.82 21.40 9.30
N VAL A 125 13.32 22.57 9.08
CA VAL A 125 14.13 23.73 8.94
C VAL A 125 13.86 24.68 10.05
N ALA A 126 14.87 25.43 10.39
CA ALA A 126 14.79 26.40 11.44
C ALA A 126 13.81 27.50 11.09
N ILE A 127 12.75 27.55 11.85
CA ILE A 127 11.76 28.60 11.73
C ILE A 127 12.43 29.90 12.11
N GLU A 1 -22.42 -2.55 -36.40
CA GLU A 1 -21.89 -3.77 -35.79
C GLU A 1 -22.93 -4.34 -34.85
N ALA A 2 -22.61 -5.46 -34.25
CA ALA A 2 -23.46 -6.06 -33.26
C ALA A 2 -22.62 -6.23 -32.02
N GLU A 3 -22.95 -5.52 -30.99
CA GLU A 3 -22.16 -5.57 -29.80
C GLU A 3 -22.61 -6.69 -28.90
N ALA A 4 -21.74 -7.64 -28.69
CA ALA A 4 -22.00 -8.72 -27.77
C ALA A 4 -21.78 -8.20 -26.37
N ALA A 5 -22.65 -8.54 -25.47
CA ALA A 5 -22.59 -8.07 -24.10
C ALA A 5 -21.35 -8.59 -23.41
N GLY A 6 -20.46 -7.70 -23.11
CA GLY A 6 -19.27 -8.05 -22.42
C GLY A 6 -19.03 -7.05 -21.33
N VAL A 7 -20.03 -6.87 -20.51
CA VAL A 7 -20.08 -5.86 -19.46
C VAL A 7 -21.02 -6.27 -18.35
N GLN A 8 -20.68 -7.29 -17.67
CA GLN A 8 -21.44 -7.71 -16.54
C GLN A 8 -21.07 -6.83 -15.34
N SER A 9 -21.21 -7.35 -14.18
CA SER A 9 -21.00 -6.60 -12.97
C SER A 9 -20.70 -7.52 -11.80
N CYS A 10 -20.09 -6.98 -10.81
CA CYS A 10 -19.69 -7.72 -9.65
C CYS A 10 -19.90 -6.84 -8.43
N GLY A 11 -19.42 -7.27 -7.28
CA GLY A 11 -19.58 -6.51 -6.12
C GLY A 11 -18.24 -6.22 -5.54
N PRO A 12 -18.07 -6.35 -4.23
CA PRO A 12 -16.80 -6.09 -3.58
C PRO A 12 -15.71 -7.03 -4.10
N PRO A 13 -14.49 -6.51 -4.25
CA PRO A 13 -13.35 -7.28 -4.69
C PRO A 13 -13.07 -8.47 -3.77
N PRO A 14 -12.44 -9.51 -4.30
CA PRO A 14 -12.03 -10.68 -3.52
C PRO A 14 -10.95 -10.32 -2.47
N GLU A 15 -10.33 -11.29 -1.89
CA GLU A 15 -9.37 -11.00 -0.88
C GLU A 15 -7.99 -11.32 -1.38
N LEU A 16 -7.01 -10.75 -0.76
CA LEU A 16 -5.67 -11.02 -1.12
C LEU A 16 -5.10 -12.10 -0.22
N LEU A 17 -4.34 -12.97 -0.85
CA LEU A 17 -3.59 -14.06 -0.24
C LEU A 17 -3.10 -13.70 1.17
N ASN A 18 -2.27 -12.70 1.27
CA ASN A 18 -1.74 -12.32 2.57
C ASN A 18 -2.05 -10.87 2.92
N GLY A 19 -2.06 -10.02 1.92
CA GLY A 19 -2.39 -8.62 2.17
C GLY A 19 -3.87 -8.39 2.04
N ASN A 20 -4.26 -7.26 1.50
CA ASN A 20 -5.66 -6.96 1.35
C ASN A 20 -5.83 -5.77 0.42
N VAL A 21 -7.03 -5.30 0.28
CA VAL A 21 -7.36 -4.20 -0.58
C VAL A 21 -7.52 -2.93 0.25
N LYS A 22 -6.88 -1.87 -0.19
CA LYS A 22 -6.89 -0.60 0.54
C LYS A 22 -8.04 0.27 0.03
N GLU A 23 -8.58 -0.15 -1.09
CA GLU A 23 -9.65 0.55 -1.75
C GLU A 23 -10.93 0.25 -1.01
N LYS A 24 -11.79 1.24 -0.94
CA LYS A 24 -13.10 1.06 -0.34
C LYS A 24 -13.93 0.12 -1.20
N THR A 25 -14.85 -0.57 -0.61
CA THR A 25 -15.70 -1.46 -1.36
C THR A 25 -16.98 -0.75 -1.73
N LYS A 26 -17.24 -0.63 -3.01
CA LYS A 26 -18.45 0.03 -3.47
C LYS A 26 -19.60 -0.93 -3.47
N GLU A 27 -19.25 -2.22 -3.48
CA GLU A 27 -20.20 -3.37 -3.44
C GLU A 27 -21.01 -3.52 -4.73
N GLU A 28 -20.98 -2.53 -5.56
CA GLU A 28 -21.59 -2.58 -6.85
C GLU A 28 -20.59 -2.06 -7.84
N TYR A 29 -20.01 -2.96 -8.56
CA TYR A 29 -19.02 -2.64 -9.56
C TYR A 29 -19.55 -3.04 -10.90
N GLY A 30 -18.73 -2.93 -11.90
CA GLY A 30 -19.11 -3.23 -13.22
C GLY A 30 -17.91 -3.57 -14.02
N HIS A 31 -18.00 -3.40 -15.30
CA HIS A 31 -16.93 -3.75 -16.19
C HIS A 31 -15.83 -2.68 -16.17
N SER A 32 -14.59 -3.15 -16.12
CA SER A 32 -13.39 -2.33 -16.20
C SER A 32 -13.10 -1.55 -14.91
N GLU A 33 -13.71 -1.99 -13.81
CA GLU A 33 -13.44 -1.39 -12.51
C GLU A 33 -12.21 -2.06 -11.92
N VAL A 34 -11.27 -1.27 -11.44
CA VAL A 34 -10.04 -1.81 -10.89
C VAL A 34 -9.92 -1.60 -9.40
N VAL A 35 -9.28 -2.55 -8.76
CA VAL A 35 -9.08 -2.55 -7.35
C VAL A 35 -7.61 -2.76 -7.05
N GLU A 36 -7.08 -1.97 -6.12
CA GLU A 36 -5.71 -2.05 -5.75
C GLU A 36 -5.54 -2.70 -4.37
N TYR A 37 -4.64 -3.62 -4.32
CA TYR A 37 -4.30 -4.36 -3.14
C TYR A 37 -2.95 -3.92 -2.58
N TYR A 38 -2.69 -4.33 -1.37
CA TYR A 38 -1.43 -4.10 -0.69
C TYR A 38 -1.13 -5.39 0.05
N CYS A 39 0.10 -5.69 0.27
CA CYS A 39 0.43 -6.85 1.07
C CYS A 39 0.68 -6.42 2.47
N ASN A 40 0.63 -7.37 3.39
CA ASN A 40 0.95 -7.11 4.79
C ASN A 40 2.33 -6.49 4.85
N PRO A 41 2.65 -5.69 5.86
CA PRO A 41 3.89 -4.89 5.92
C PRO A 41 5.19 -5.71 6.05
N ARG A 42 5.06 -7.02 6.03
CA ARG A 42 6.19 -7.91 6.10
C ARG A 42 6.26 -8.81 4.86
N PHE A 43 5.25 -8.69 4.04
CA PHE A 43 5.17 -9.43 2.80
C PHE A 43 5.21 -8.48 1.63
N LEU A 44 5.86 -8.90 0.59
CA LEU A 44 6.03 -8.09 -0.56
C LEU A 44 5.05 -8.46 -1.61
N MET A 45 4.55 -7.45 -2.26
CA MET A 45 3.65 -7.62 -3.36
C MET A 45 4.41 -8.16 -4.54
N LYS A 46 4.13 -9.37 -4.86
CA LYS A 46 4.76 -10.01 -5.97
C LYS A 46 3.88 -9.91 -7.20
N GLY A 47 2.58 -9.96 -6.97
CA GLY A 47 1.62 -9.91 -8.06
C GLY A 47 1.39 -8.49 -8.62
N PRO A 48 0.41 -8.32 -9.53
CA PRO A 48 0.15 -7.03 -10.22
C PRO A 48 -0.57 -6.01 -9.33
N ASN A 49 -0.94 -6.44 -8.12
CA ASN A 49 -1.62 -5.67 -7.04
C ASN A 49 -2.90 -4.93 -7.46
N LYS A 50 -3.32 -5.10 -8.67
CA LYS A 50 -4.50 -4.48 -9.20
C LYS A 50 -5.23 -5.48 -10.01
N ILE A 51 -6.50 -5.49 -9.84
CA ILE A 51 -7.36 -6.37 -10.56
C ILE A 51 -8.47 -5.57 -11.17
N GLN A 52 -9.16 -6.16 -12.07
CA GLN A 52 -10.19 -5.52 -12.80
C GLN A 52 -11.37 -6.44 -12.90
N CYS A 53 -12.54 -5.89 -12.77
CA CYS A 53 -13.74 -6.67 -12.92
C CYS A 53 -14.08 -6.71 -14.40
N VAL A 54 -13.90 -7.87 -15.00
CA VAL A 54 -14.20 -8.00 -16.41
C VAL A 54 -15.61 -8.56 -16.58
N ASP A 55 -15.94 -8.98 -17.77
CA ASP A 55 -17.28 -9.52 -18.08
C ASP A 55 -17.44 -10.96 -17.61
N GLY A 56 -17.27 -11.16 -16.33
CA GLY A 56 -17.56 -12.42 -15.77
C GLY A 56 -16.99 -12.56 -14.38
N GLU A 57 -15.81 -12.03 -14.19
CA GLU A 57 -15.13 -12.14 -12.91
C GLU A 57 -14.06 -11.08 -12.80
N TRP A 58 -13.35 -11.09 -11.71
CA TRP A 58 -12.22 -10.23 -11.52
C TRP A 58 -11.00 -10.91 -12.12
N THR A 59 -9.99 -10.15 -12.44
CA THR A 59 -8.80 -10.66 -13.09
C THR A 59 -7.87 -11.42 -12.11
N THR A 60 -6.70 -11.83 -12.61
CA THR A 60 -5.73 -12.57 -11.82
C THR A 60 -5.26 -11.75 -10.61
N LEU A 61 -5.58 -12.24 -9.44
CA LEU A 61 -5.15 -11.63 -8.23
C LEU A 61 -3.68 -11.83 -7.94
N PRO A 62 -3.09 -10.85 -7.24
CA PRO A 62 -1.72 -10.92 -6.77
C PRO A 62 -1.53 -11.84 -5.64
N VAL A 63 -0.32 -11.92 -5.27
CA VAL A 63 0.13 -12.77 -4.31
C VAL A 63 1.14 -12.00 -3.48
N CYS A 64 1.43 -12.50 -2.33
CA CYS A 64 2.36 -11.87 -1.43
C CYS A 64 3.39 -12.90 -1.00
N ILE A 65 4.63 -12.48 -0.86
CA ILE A 65 5.72 -13.34 -0.43
C ILE A 65 6.54 -12.61 0.61
N VAL A 66 7.11 -13.32 1.54
CA VAL A 66 7.88 -12.69 2.58
C VAL A 66 9.31 -12.47 2.17
N GLU A 67 9.63 -11.23 2.12
CA GLU A 67 10.95 -10.73 1.84
C GLU A 67 11.92 -11.25 2.88
N GLU A 68 11.51 -11.14 4.13
CA GLU A 68 12.28 -11.53 5.29
C GLU A 68 13.54 -10.68 5.39
N SER A 69 13.33 -9.39 5.54
CA SER A 69 14.37 -8.39 5.71
C SER A 69 13.75 -7.19 6.40
N THR A 70 14.49 -6.55 7.26
CA THR A 70 14.01 -5.44 8.03
C THR A 70 14.86 -4.17 7.79
N CYS A 71 14.30 -3.01 8.09
CA CYS A 71 15.01 -1.74 7.95
C CYS A 71 15.84 -1.41 9.18
N GLY A 72 15.49 -2.01 10.30
CA GLY A 72 16.19 -1.72 11.53
C GLY A 72 15.28 -0.97 12.46
N ASP A 73 15.13 0.32 12.23
CA ASP A 73 14.25 1.15 13.03
C ASP A 73 13.99 2.42 12.23
N ILE A 74 13.42 3.38 12.88
CA ILE A 74 13.15 4.67 12.35
C ILE A 74 14.39 5.51 12.34
N PRO A 75 14.62 6.16 11.20
CA PRO A 75 15.77 7.01 10.98
C PRO A 75 15.63 8.32 11.74
N GLU A 76 16.49 9.22 11.43
CA GLU A 76 16.51 10.47 12.06
C GLU A 76 16.17 11.51 11.01
N LEU A 77 15.33 12.43 11.37
CA LEU A 77 14.96 13.48 10.47
C LEU A 77 15.45 14.78 11.08
N GLU A 78 15.88 15.73 10.25
CA GLU A 78 16.47 17.00 10.71
C GLU A 78 15.68 17.66 11.85
N HIS A 79 14.38 17.71 11.71
CA HIS A 79 13.51 18.36 12.66
C HIS A 79 12.23 17.56 12.80
N GLY A 80 12.36 16.28 12.54
CA GLY A 80 11.25 15.37 12.59
C GLY A 80 11.61 14.08 13.29
N TRP A 81 10.61 13.30 13.57
CA TRP A 81 10.67 12.08 14.29
C TRP A 81 9.46 11.30 13.87
N ALA A 82 8.94 10.46 14.68
CA ALA A 82 7.95 9.54 14.20
C ALA A 82 6.76 9.42 15.13
N GLN A 83 5.58 9.25 14.53
CA GLN A 83 4.36 9.06 15.31
C GLN A 83 4.23 7.61 15.68
N LEU A 84 4.18 6.78 14.68
CA LEU A 84 4.03 5.38 14.89
C LEU A 84 5.24 4.64 14.40
N SER A 85 5.63 3.67 15.14
CA SER A 85 6.72 2.84 14.83
C SER A 85 6.16 1.44 14.68
N SER A 86 6.35 0.82 13.55
CA SER A 86 5.76 -0.48 13.33
C SER A 86 6.84 -1.56 13.18
N PRO A 87 7.30 -2.14 14.28
CA PRO A 87 8.28 -3.20 14.26
C PRO A 87 7.64 -4.62 14.31
N PRO A 88 8.30 -5.62 13.73
CA PRO A 88 9.57 -5.45 13.01
C PRO A 88 9.36 -4.71 11.69
N TYR A 89 10.16 -3.69 11.47
CA TYR A 89 10.02 -2.85 10.29
C TYR A 89 10.57 -3.61 9.09
N TYR A 90 9.72 -4.34 8.40
CA TYR A 90 10.11 -5.11 7.23
C TYR A 90 10.10 -4.27 5.98
N TYR A 91 10.62 -4.81 4.89
CA TYR A 91 10.50 -4.18 3.59
C TYR A 91 9.02 -4.13 3.28
N GLY A 92 8.54 -3.00 2.86
CA GLY A 92 7.15 -2.86 2.54
C GLY A 92 6.37 -2.30 3.71
N ASP A 93 7.01 -2.21 4.88
CA ASP A 93 6.37 -1.66 6.07
C ASP A 93 6.31 -0.15 5.93
N SER A 94 5.65 0.49 6.85
CA SER A 94 5.42 1.91 6.74
C SER A 94 5.57 2.58 8.08
N VAL A 95 6.04 3.77 8.03
CA VAL A 95 6.18 4.58 9.17
C VAL A 95 5.75 5.97 8.86
N GLU A 96 5.12 6.61 9.82
CA GLU A 96 4.72 7.97 9.64
C GLU A 96 5.55 8.87 10.53
N PHE A 97 6.20 9.79 9.88
CA PHE A 97 7.06 10.76 10.49
C PHE A 97 6.31 12.04 10.79
N ASN A 98 6.70 12.69 11.84
CA ASN A 98 6.12 13.94 12.28
C ASN A 98 7.21 14.93 12.50
N CYS A 99 7.04 16.07 11.95
CA CYS A 99 7.94 17.17 12.17
C CYS A 99 7.46 17.90 13.39
N SER A 100 8.39 18.40 14.19
CA SER A 100 8.05 19.17 15.37
C SER A 100 7.06 20.29 14.99
N GLU A 101 6.07 20.53 15.82
CA GLU A 101 4.95 21.43 15.55
C GLU A 101 5.36 22.83 15.04
N SER A 102 6.47 23.38 15.52
CA SER A 102 6.94 24.70 15.06
C SER A 102 7.61 24.61 13.67
N PHE A 103 7.65 23.44 13.14
CA PHE A 103 8.20 23.18 11.86
C PHE A 103 7.12 22.65 10.98
N THR A 104 7.20 22.95 9.75
CA THR A 104 6.26 22.48 8.83
C THR A 104 6.91 21.43 7.95
N MET A 105 6.21 20.36 7.68
CA MET A 105 6.77 19.27 6.94
C MET A 105 6.54 19.46 5.47
N ILE A 106 7.54 19.21 4.72
CA ILE A 106 7.48 19.28 3.29
C ILE A 106 7.71 17.90 2.77
N GLY A 107 6.70 17.34 2.19
CA GLY A 107 6.76 16.01 1.70
C GLY A 107 5.71 15.17 2.35
N HIS A 108 5.91 13.88 2.41
CA HIS A 108 4.89 13.05 2.98
C HIS A 108 5.37 12.48 4.29
N ARG A 109 4.46 12.45 5.22
CA ARG A 109 4.70 11.90 6.53
C ARG A 109 5.05 10.42 6.50
N SER A 110 4.49 9.67 5.60
CA SER A 110 4.73 8.28 5.62
C SER A 110 5.85 7.85 4.71
N ILE A 111 6.52 6.82 5.12
CA ILE A 111 7.60 6.23 4.40
C ILE A 111 7.40 4.75 4.31
N THR A 112 8.14 4.14 3.43
CA THR A 112 8.06 2.73 3.21
C THR A 112 9.47 2.15 3.20
N CYS A 113 9.66 1.06 3.88
CA CYS A 113 10.96 0.40 3.97
C CYS A 113 11.34 -0.25 2.64
N ILE A 114 12.36 0.30 2.00
CA ILE A 114 12.80 -0.18 0.69
C ILE A 114 14.31 -0.53 0.71
N HIS A 115 14.61 -1.82 0.59
CA HIS A 115 15.99 -2.37 0.54
C HIS A 115 16.72 -2.22 1.86
N GLY A 116 15.99 -1.90 2.91
CA GLY A 116 16.59 -1.69 4.20
C GLY A 116 16.69 -0.22 4.53
N VAL A 117 16.17 0.61 3.64
CA VAL A 117 16.18 2.05 3.83
C VAL A 117 14.79 2.56 3.55
N TRP A 118 14.26 3.36 4.42
CA TRP A 118 12.95 3.96 4.19
C TRP A 118 13.02 4.87 2.97
N THR A 119 11.88 5.10 2.34
CA THR A 119 11.75 5.85 1.08
C THR A 119 12.69 7.05 0.93
N GLN A 120 12.42 8.11 1.68
CA GLN A 120 13.18 9.34 1.51
C GLN A 120 13.00 10.35 2.62
N LEU A 121 11.84 10.30 3.27
CA LEU A 121 11.46 11.20 4.38
C LEU A 121 11.22 12.64 3.89
N PRO A 122 10.40 13.39 4.60
CA PRO A 122 10.14 14.80 4.29
C PRO A 122 11.25 15.71 4.85
N GLN A 123 11.01 17.00 4.83
CA GLN A 123 11.91 17.95 5.42
C GLN A 123 11.10 18.90 6.28
N CYS A 124 11.60 19.20 7.45
CA CYS A 124 10.86 20.07 8.36
C CYS A 124 11.56 21.42 8.47
N VAL A 125 10.87 22.48 8.14
CA VAL A 125 11.43 23.80 8.13
C VAL A 125 10.68 24.67 9.09
N ALA A 126 11.38 25.60 9.72
CA ALA A 126 10.76 26.49 10.68
C ALA A 126 9.72 27.35 10.01
N ILE A 127 8.48 27.19 10.45
CA ILE A 127 7.33 27.95 9.97
C ILE A 127 7.62 29.47 10.02
N GLU A 1 -27.74 -16.87 -23.09
CA GLU A 1 -29.02 -16.48 -23.64
C GLU A 1 -29.13 -14.98 -23.73
N ALA A 2 -30.18 -14.50 -24.41
CA ALA A 2 -30.49 -13.09 -24.65
C ALA A 2 -29.52 -12.49 -25.67
N GLU A 3 -28.32 -12.24 -25.25
CA GLU A 3 -27.30 -11.69 -26.12
C GLU A 3 -25.89 -12.21 -25.79
N ALA A 4 -25.41 -11.91 -24.60
CA ALA A 4 -24.06 -12.28 -24.17
C ALA A 4 -23.81 -11.84 -22.74
N ALA A 5 -24.40 -10.70 -22.38
CA ALA A 5 -24.24 -10.07 -21.07
C ALA A 5 -22.79 -9.81 -20.76
N GLY A 6 -22.20 -8.89 -21.48
CA GLY A 6 -20.81 -8.54 -21.26
C GLY A 6 -20.63 -7.61 -20.08
N VAL A 7 -21.39 -7.88 -19.03
CA VAL A 7 -21.45 -7.08 -17.82
C VAL A 7 -22.46 -7.74 -16.85
N GLN A 8 -22.24 -9.04 -16.63
CA GLN A 8 -23.10 -9.88 -15.76
C GLN A 8 -23.27 -9.31 -14.35
N SER A 9 -22.28 -8.52 -13.95
CA SER A 9 -22.24 -7.77 -12.70
C SER A 9 -21.73 -8.56 -11.51
N CYS A 10 -20.67 -8.05 -10.94
CA CYS A 10 -20.03 -8.62 -9.80
C CYS A 10 -20.05 -7.62 -8.67
N GLY A 11 -19.99 -8.10 -7.46
CA GLY A 11 -19.96 -7.24 -6.34
C GLY A 11 -18.54 -7.00 -5.86
N PRO A 12 -18.32 -7.04 -4.55
CA PRO A 12 -17.01 -6.79 -3.93
C PRO A 12 -15.90 -7.70 -4.43
N PRO A 13 -14.65 -7.18 -4.45
CA PRO A 13 -13.48 -7.93 -4.88
C PRO A 13 -13.17 -9.11 -3.96
N PRO A 14 -12.53 -10.14 -4.51
CA PRO A 14 -12.10 -11.31 -3.75
C PRO A 14 -10.98 -10.99 -2.75
N GLU A 15 -10.40 -12.00 -2.16
CA GLU A 15 -9.36 -11.79 -1.20
C GLU A 15 -8.02 -12.23 -1.76
N LEU A 16 -7.00 -11.51 -1.41
CA LEU A 16 -5.68 -11.84 -1.81
C LEU A 16 -5.12 -12.86 -0.84
N LEU A 17 -4.28 -13.74 -1.37
CA LEU A 17 -3.53 -14.76 -0.63
C LEU A 17 -3.12 -14.26 0.75
N ASN A 18 -2.27 -13.26 0.79
CA ASN A 18 -1.82 -12.80 2.07
C ASN A 18 -2.38 -11.41 2.35
N GLY A 19 -2.19 -10.49 1.39
CA GLY A 19 -2.62 -9.10 1.56
C GLY A 19 -4.09 -8.92 1.28
N ASN A 20 -4.48 -7.76 0.76
CA ASN A 20 -5.90 -7.50 0.54
C ASN A 20 -6.09 -6.28 -0.34
N VAL A 21 -7.29 -5.81 -0.40
CA VAL A 21 -7.72 -4.71 -1.22
C VAL A 21 -7.56 -3.41 -0.45
N LYS A 22 -6.99 -2.40 -1.07
CA LYS A 22 -6.81 -1.10 -0.41
C LYS A 22 -7.97 -0.19 -0.76
N GLU A 23 -8.72 -0.62 -1.72
CA GLU A 23 -9.86 0.07 -2.20
C GLU A 23 -11.07 -0.34 -1.38
N LYS A 24 -12.06 0.48 -1.38
CA LYS A 24 -13.25 0.18 -0.65
C LYS A 24 -14.19 -0.61 -1.51
N THR A 25 -15.18 -1.20 -0.90
CA THR A 25 -16.10 -1.98 -1.62
C THR A 25 -17.15 -1.11 -2.25
N LYS A 26 -17.21 -1.15 -3.54
CA LYS A 26 -18.22 -0.40 -4.25
C LYS A 26 -19.44 -1.26 -4.34
N GLU A 27 -19.18 -2.57 -4.36
CA GLU A 27 -20.18 -3.65 -4.33
C GLU A 27 -21.06 -3.71 -5.57
N GLU A 28 -20.85 -2.76 -6.45
CA GLU A 28 -21.49 -2.71 -7.74
C GLU A 28 -20.42 -2.41 -8.75
N TYR A 29 -19.73 -3.43 -9.16
CA TYR A 29 -18.68 -3.26 -10.13
C TYR A 29 -19.23 -3.54 -11.51
N GLY A 30 -19.49 -4.78 -11.79
CA GLY A 30 -20.15 -5.10 -13.03
C GLY A 30 -19.24 -5.66 -14.08
N HIS A 31 -18.39 -4.82 -14.64
CA HIS A 31 -17.49 -5.22 -15.69
C HIS A 31 -16.42 -4.18 -15.90
N SER A 32 -15.22 -4.66 -16.23
CA SER A 32 -14.02 -3.86 -16.57
C SER A 32 -13.54 -2.98 -15.39
N GLU A 33 -14.06 -3.30 -14.25
CA GLU A 33 -13.73 -2.63 -13.01
C GLU A 33 -12.47 -3.25 -12.48
N VAL A 34 -11.63 -2.45 -11.91
CA VAL A 34 -10.37 -2.93 -11.38
C VAL A 34 -10.24 -2.65 -9.92
N VAL A 35 -9.46 -3.47 -9.27
CA VAL A 35 -9.22 -3.38 -7.85
C VAL A 35 -7.74 -3.54 -7.59
N GLU A 36 -7.18 -2.68 -6.75
CA GLU A 36 -5.81 -2.76 -6.43
C GLU A 36 -5.60 -3.44 -5.08
N TYR A 37 -4.76 -4.40 -5.10
CA TYR A 37 -4.39 -5.16 -3.95
C TYR A 37 -3.06 -4.71 -3.41
N TYR A 38 -2.85 -4.99 -2.17
CA TYR A 38 -1.60 -4.73 -1.51
C TYR A 38 -1.24 -5.96 -0.76
N CYS A 39 -0.02 -6.19 -0.58
CA CYS A 39 0.40 -7.23 0.28
C CYS A 39 0.64 -6.63 1.62
N ASN A 40 0.51 -7.46 2.62
CA ASN A 40 0.72 -7.07 4.01
C ASN A 40 2.01 -6.33 4.24
N PRO A 41 2.07 -5.54 5.33
CA PRO A 41 3.27 -4.75 5.69
C PRO A 41 4.58 -5.55 5.66
N ARG A 42 4.50 -6.85 5.93
CA ARG A 42 5.69 -7.69 5.90
C ARG A 42 5.85 -8.46 4.58
N PHE A 43 4.83 -8.42 3.76
CA PHE A 43 4.85 -9.13 2.51
C PHE A 43 4.89 -8.19 1.31
N LEU A 44 5.47 -8.64 0.26
CA LEU A 44 5.56 -7.88 -0.95
C LEU A 44 4.76 -8.49 -2.02
N MET A 45 4.31 -7.65 -2.89
CA MET A 45 3.52 -8.01 -4.00
C MET A 45 4.39 -8.61 -5.08
N LYS A 46 4.02 -9.78 -5.55
CA LYS A 46 4.76 -10.44 -6.59
C LYS A 46 3.93 -10.49 -7.86
N GLY A 47 2.66 -10.85 -7.72
CA GLY A 47 1.78 -11.02 -8.87
C GLY A 47 1.10 -9.73 -9.30
N PRO A 48 0.13 -9.83 -10.24
CA PRO A 48 -0.60 -8.65 -10.73
C PRO A 48 -1.51 -8.09 -9.66
N ASN A 49 -1.08 -7.00 -9.11
CA ASN A 49 -1.74 -6.36 -7.96
C ASN A 49 -3.05 -5.67 -8.31
N LYS A 50 -3.49 -5.83 -9.52
CA LYS A 50 -4.75 -5.30 -9.96
C LYS A 50 -5.49 -6.35 -10.69
N ILE A 51 -6.75 -6.45 -10.41
CA ILE A 51 -7.59 -7.42 -11.04
C ILE A 51 -8.72 -6.70 -11.71
N GLN A 52 -9.44 -7.41 -12.54
CA GLN A 52 -10.51 -6.85 -13.30
C GLN A 52 -11.70 -7.74 -13.27
N CYS A 53 -12.85 -7.13 -13.15
CA CYS A 53 -14.08 -7.85 -13.19
C CYS A 53 -14.47 -8.10 -14.63
N VAL A 54 -14.28 -9.29 -15.05
CA VAL A 54 -14.64 -9.71 -16.37
C VAL A 54 -16.13 -10.06 -16.34
N ASP A 55 -16.75 -10.30 -17.48
CA ASP A 55 -18.14 -10.64 -17.50
C ASP A 55 -18.36 -12.08 -17.03
N GLY A 56 -18.19 -12.28 -15.75
CA GLY A 56 -18.44 -13.54 -15.15
C GLY A 56 -17.74 -13.68 -13.83
N GLU A 57 -16.52 -13.22 -13.78
CA GLU A 57 -15.68 -13.40 -12.62
C GLU A 57 -14.52 -12.43 -12.68
N TRP A 58 -13.68 -12.45 -11.70
CA TRP A 58 -12.52 -11.61 -11.67
C TRP A 58 -11.34 -12.32 -12.33
N THR A 59 -10.30 -11.60 -12.56
CA THR A 59 -9.12 -12.11 -13.21
C THR A 59 -8.18 -12.82 -12.23
N THR A 60 -6.98 -13.10 -12.68
CA THR A 60 -5.99 -13.77 -11.90
C THR A 60 -5.49 -12.85 -10.79
N LEU A 61 -5.80 -13.21 -9.57
CA LEU A 61 -5.33 -12.48 -8.42
C LEU A 61 -3.83 -12.64 -8.23
N PRO A 62 -3.20 -11.65 -7.59
CA PRO A 62 -1.77 -11.66 -7.31
C PRO A 62 -1.36 -12.68 -6.24
N VAL A 63 -0.14 -12.55 -5.78
CA VAL A 63 0.43 -13.42 -4.79
C VAL A 63 1.45 -12.62 -4.00
N CYS A 64 1.63 -12.96 -2.74
CA CYS A 64 2.49 -12.22 -1.85
C CYS A 64 3.65 -13.07 -1.40
N ILE A 65 4.77 -12.44 -1.26
CA ILE A 65 6.01 -13.08 -0.85
C ILE A 65 6.70 -12.20 0.18
N VAL A 66 7.39 -12.78 1.10
CA VAL A 66 8.09 -12.03 2.10
C VAL A 66 9.47 -11.66 1.60
N GLU A 67 9.73 -10.42 1.75
CA GLU A 67 10.97 -9.81 1.42
C GLU A 67 12.01 -10.20 2.46
N GLU A 68 11.55 -10.26 3.71
CA GLU A 68 12.36 -10.57 4.88
C GLU A 68 13.40 -9.49 5.21
N SER A 69 13.33 -8.40 4.49
CA SER A 69 14.17 -7.28 4.69
C SER A 69 13.38 -6.30 5.54
N THR A 70 14.05 -5.54 6.34
CA THR A 70 13.41 -4.67 7.29
C THR A 70 14.08 -3.31 7.30
N CYS A 71 13.38 -2.32 7.78
CA CYS A 71 13.93 -0.99 7.88
C CYS A 71 14.57 -0.76 9.24
N GLY A 72 14.28 -1.64 10.18
CA GLY A 72 14.91 -1.57 11.47
C GLY A 72 14.07 -0.84 12.48
N ASP A 73 13.84 0.41 12.22
CA ASP A 73 13.10 1.28 13.10
C ASP A 73 12.96 2.57 12.34
N ILE A 74 12.52 3.57 13.01
CA ILE A 74 12.48 4.88 12.48
C ILE A 74 13.91 5.42 12.31
N PRO A 75 14.18 6.09 11.20
CA PRO A 75 15.47 6.70 10.92
C PRO A 75 15.68 7.96 11.75
N GLU A 76 16.67 8.71 11.45
CA GLU A 76 16.92 9.87 12.20
C GLU A 76 16.81 11.09 11.34
N LEU A 77 15.90 11.93 11.69
CA LEU A 77 15.72 13.16 11.00
C LEU A 77 16.53 14.19 11.75
N GLU A 78 17.11 15.12 11.02
CA GLU A 78 17.97 16.18 11.57
C GLU A 78 17.37 16.83 12.82
N HIS A 79 16.10 17.17 12.76
CA HIS A 79 15.43 17.89 13.81
C HIS A 79 14.00 17.38 13.96
N GLY A 80 13.77 16.23 13.39
CA GLY A 80 12.47 15.63 13.43
C GLY A 80 12.50 14.26 14.04
N TRP A 81 11.36 13.63 14.11
CA TRP A 81 11.14 12.36 14.76
C TRP A 81 9.85 11.81 14.24
N ALA A 82 9.18 11.01 14.98
CA ALA A 82 8.09 10.29 14.44
C ALA A 82 6.96 10.18 15.45
N GLN A 83 5.77 9.86 14.96
CA GLN A 83 4.62 9.73 15.86
C GLN A 83 4.43 8.29 16.16
N LEU A 84 4.31 7.53 15.12
CA LEU A 84 4.03 6.15 15.21
C LEU A 84 5.21 5.32 14.77
N SER A 85 5.34 4.21 15.37
CA SER A 85 6.33 3.25 15.05
C SER A 85 5.64 1.90 14.86
N SER A 86 5.73 1.37 13.69
CA SER A 86 5.03 0.15 13.37
C SER A 86 5.97 -1.01 13.02
N PRO A 87 6.29 -1.85 14.00
CA PRO A 87 7.07 -3.04 13.80
C PRO A 87 6.17 -4.28 13.55
N PRO A 88 6.68 -5.28 12.83
CA PRO A 88 8.01 -5.24 12.25
C PRO A 88 8.06 -4.29 11.06
N TYR A 89 9.08 -3.45 11.01
CA TYR A 89 9.22 -2.49 9.93
C TYR A 89 9.70 -3.19 8.69
N TYR A 90 8.81 -3.84 8.02
CA TYR A 90 9.12 -4.50 6.79
C TYR A 90 8.85 -3.61 5.63
N TYR A 91 9.22 -4.08 4.48
CA TYR A 91 9.06 -3.37 3.25
C TYR A 91 7.60 -3.06 2.99
N GLY A 92 7.32 -1.82 2.71
CA GLY A 92 5.97 -1.44 2.38
C GLY A 92 5.23 -0.83 3.53
N ASP A 93 5.71 -1.00 4.75
CA ASP A 93 5.05 -0.38 5.89
C ASP A 93 5.37 1.12 5.89
N SER A 94 4.80 1.86 6.78
CA SER A 94 4.89 3.29 6.71
C SER A 94 5.05 3.89 8.07
N VAL A 95 5.70 4.99 8.10
CA VAL A 95 5.89 5.71 9.29
C VAL A 95 5.61 7.17 9.05
N GLU A 96 5.03 7.83 10.00
CA GLU A 96 4.82 9.23 9.89
C GLU A 96 5.79 9.98 10.78
N PHE A 97 6.47 10.91 10.17
CA PHE A 97 7.45 11.74 10.80
C PHE A 97 6.87 13.09 11.08
N ASN A 98 7.40 13.73 12.06
CA ASN A 98 7.00 15.05 12.45
C ASN A 98 8.27 15.73 12.86
N CYS A 99 8.22 16.97 13.05
CA CYS A 99 9.37 17.72 13.41
C CYS A 99 9.18 18.33 14.79
N SER A 100 10.27 18.70 15.43
CA SER A 100 10.22 19.42 16.68
C SER A 100 9.49 20.75 16.47
N GLU A 101 8.75 21.19 17.47
CA GLU A 101 7.87 22.37 17.32
C GLU A 101 8.63 23.69 17.14
N SER A 102 9.89 23.74 17.57
CA SER A 102 10.71 24.93 17.35
C SER A 102 11.22 24.98 15.91
N PHE A 103 10.89 23.96 15.18
CA PHE A 103 11.26 23.84 13.81
C PHE A 103 10.01 23.57 13.02
N THR A 104 10.06 23.83 11.77
CA THR A 104 8.97 23.53 10.93
C THR A 104 9.48 22.56 9.88
N MET A 105 8.67 21.58 9.57
CA MET A 105 9.07 20.57 8.65
C MET A 105 8.65 20.96 7.24
N ILE A 106 9.45 20.59 6.33
CA ILE A 106 9.18 20.78 4.94
C ILE A 106 9.11 19.44 4.29
N GLY A 107 7.96 19.09 3.84
CA GLY A 107 7.77 17.82 3.20
C GLY A 107 6.58 17.11 3.76
N HIS A 108 6.59 15.80 3.69
CA HIS A 108 5.51 14.99 4.17
C HIS A 108 5.92 14.20 5.30
N ARG A 109 4.93 13.83 5.98
CA ARG A 109 5.00 13.14 7.16
C ARG A 109 5.36 11.70 6.92
N SER A 110 4.67 11.09 6.04
CA SER A 110 4.76 9.66 5.92
C SER A 110 5.82 9.18 4.97
N ILE A 111 6.47 8.14 5.39
CA ILE A 111 7.50 7.48 4.64
C ILE A 111 7.14 6.04 4.47
N THR A 112 7.79 5.41 3.54
CA THR A 112 7.52 4.05 3.24
C THR A 112 8.83 3.28 3.26
N CYS A 113 8.80 2.11 3.87
CA CYS A 113 9.97 1.25 3.98
C CYS A 113 10.30 0.64 2.64
N ILE A 114 11.35 1.13 2.01
CA ILE A 114 11.74 0.66 0.71
C ILE A 114 13.12 -0.02 0.76
N HIS A 115 13.06 -1.32 0.86
CA HIS A 115 14.21 -2.27 0.80
C HIS A 115 15.12 -2.13 1.99
N GLY A 116 14.60 -1.52 3.00
CA GLY A 116 15.35 -1.35 4.22
C GLY A 116 15.63 0.10 4.51
N VAL A 117 15.21 0.97 3.62
CA VAL A 117 15.40 2.39 3.81
C VAL A 117 14.07 3.07 3.61
N TRP A 118 13.73 3.98 4.46
CA TRP A 118 12.49 4.71 4.28
C TRP A 118 12.68 5.69 3.11
N THR A 119 11.57 6.14 2.57
CA THR A 119 11.55 6.98 1.35
C THR A 119 12.59 8.10 1.29
N GLN A 120 12.39 9.16 2.05
CA GLN A 120 13.23 10.34 1.93
C GLN A 120 13.16 11.27 3.10
N LEU A 121 12.02 11.26 3.78
CA LEU A 121 11.77 12.07 4.99
C LEU A 121 11.67 13.57 4.65
N PRO A 122 11.02 14.36 5.51
CA PRO A 122 10.97 15.80 5.34
C PRO A 122 12.31 16.45 5.77
N GLN A 123 12.28 17.73 6.00
CA GLN A 123 13.45 18.45 6.48
C GLN A 123 12.98 19.56 7.38
N CYS A 124 13.68 19.80 8.44
CA CYS A 124 13.29 20.84 9.36
C CYS A 124 14.09 22.11 9.16
N VAL A 125 13.51 23.22 9.58
CA VAL A 125 14.14 24.52 9.57
C VAL A 125 13.64 25.25 10.80
N ALA A 126 14.46 26.10 11.36
CA ALA A 126 14.09 26.77 12.60
C ALA A 126 13.09 27.86 12.37
N ILE A 127 12.01 27.80 13.10
CA ILE A 127 10.98 28.82 13.06
C ILE A 127 11.50 30.07 13.77
N GLU A 1 -28.11 -4.89 -24.57
CA GLU A 1 -28.48 -5.05 -23.17
C GLU A 1 -27.30 -5.58 -22.36
N ALA A 2 -26.69 -6.65 -22.87
CA ALA A 2 -25.51 -7.27 -22.28
C ALA A 2 -25.73 -7.75 -20.85
N GLU A 3 -26.28 -8.93 -20.74
CA GLU A 3 -26.44 -9.59 -19.46
C GLU A 3 -25.75 -10.92 -19.53
N ALA A 4 -25.19 -11.38 -18.42
CA ALA A 4 -24.42 -12.61 -18.31
C ALA A 4 -23.15 -12.57 -19.19
N ALA A 5 -23.31 -12.79 -20.48
CA ALA A 5 -22.21 -12.69 -21.39
C ALA A 5 -22.01 -11.25 -21.79
N GLY A 6 -21.18 -10.59 -21.04
CA GLY A 6 -20.94 -9.19 -21.26
C GLY A 6 -21.50 -8.38 -20.13
N VAL A 7 -20.58 -7.75 -19.37
CA VAL A 7 -20.90 -6.88 -18.22
C VAL A 7 -21.91 -7.51 -17.24
N GLN A 8 -21.56 -8.71 -16.86
CA GLN A 8 -22.29 -9.53 -15.90
C GLN A 8 -22.43 -8.87 -14.55
N SER A 9 -21.48 -8.02 -14.25
CA SER A 9 -21.45 -7.18 -13.08
C SER A 9 -21.15 -7.91 -11.77
N CYS A 10 -19.97 -7.69 -11.26
CA CYS A 10 -19.57 -8.25 -10.00
C CYS A 10 -19.75 -7.21 -8.89
N GLY A 11 -19.73 -7.67 -7.64
CA GLY A 11 -19.82 -6.79 -6.53
C GLY A 11 -18.46 -6.60 -5.90
N PRO A 12 -18.37 -6.67 -4.57
CA PRO A 12 -17.12 -6.46 -3.81
C PRO A 12 -15.96 -7.36 -4.28
N PRO A 13 -14.72 -6.84 -4.27
CA PRO A 13 -13.54 -7.57 -4.74
C PRO A 13 -13.24 -8.81 -3.89
N PRO A 14 -12.49 -9.76 -4.45
CA PRO A 14 -12.08 -10.94 -3.72
C PRO A 14 -11.00 -10.64 -2.68
N GLU A 15 -10.43 -11.66 -2.14
CA GLU A 15 -9.44 -11.52 -1.13
C GLU A 15 -8.07 -11.73 -1.70
N LEU A 16 -7.07 -11.35 -0.97
CA LEU A 16 -5.71 -11.55 -1.39
C LEU A 16 -5.06 -12.55 -0.49
N LEU A 17 -4.25 -13.41 -1.10
CA LEU A 17 -3.48 -14.47 -0.50
C LEU A 17 -3.08 -14.17 0.95
N ASN A 18 -2.29 -13.14 1.14
CA ASN A 18 -1.88 -12.78 2.49
C ASN A 18 -2.23 -11.32 2.79
N GLY A 19 -2.16 -10.47 1.79
CA GLY A 19 -2.57 -9.09 1.96
C GLY A 19 -4.07 -8.91 1.76
N ASN A 20 -4.50 -7.78 1.21
CA ASN A 20 -5.93 -7.57 0.98
C ASN A 20 -6.17 -6.34 0.14
N VAL A 21 -7.42 -5.95 0.06
CA VAL A 21 -7.87 -4.80 -0.64
C VAL A 21 -7.72 -3.62 0.28
N LYS A 22 -7.18 -2.54 -0.21
CA LYS A 22 -6.99 -1.36 0.62
C LYS A 22 -8.16 -0.41 0.43
N GLU A 23 -8.89 -0.63 -0.62
CA GLU A 23 -10.03 0.18 -0.95
C GLU A 23 -11.25 -0.45 -0.32
N LYS A 24 -12.29 0.32 -0.17
CA LYS A 24 -13.50 -0.24 0.35
C LYS A 24 -14.32 -0.83 -0.76
N THR A 25 -15.31 -1.55 -0.37
CA THR A 25 -16.15 -2.23 -1.27
C THR A 25 -17.23 -1.31 -1.80
N LYS A 26 -17.32 -1.22 -3.10
CA LYS A 26 -18.37 -0.40 -3.70
C LYS A 26 -19.64 -1.21 -3.85
N GLU A 27 -19.45 -2.53 -3.94
CA GLU A 27 -20.54 -3.53 -4.05
C GLU A 27 -21.20 -3.53 -5.44
N GLU A 28 -20.99 -2.48 -6.18
CA GLU A 28 -21.39 -2.43 -7.54
C GLU A 28 -20.21 -1.98 -8.36
N TYR A 29 -19.57 -2.92 -8.97
CA TYR A 29 -18.45 -2.62 -9.83
C TYR A 29 -18.90 -2.78 -11.25
N GLY A 30 -19.19 -3.98 -11.61
CA GLY A 30 -19.73 -4.23 -12.91
C GLY A 30 -18.74 -4.88 -13.81
N HIS A 31 -18.07 -4.08 -14.59
CA HIS A 31 -17.09 -4.55 -15.53
C HIS A 31 -16.02 -3.50 -15.67
N SER A 32 -14.80 -3.96 -15.95
CA SER A 32 -13.60 -3.16 -16.22
C SER A 32 -13.14 -2.31 -15.01
N GLU A 33 -13.69 -2.65 -13.86
CA GLU A 33 -13.37 -2.00 -12.61
C GLU A 33 -12.15 -2.66 -12.03
N VAL A 34 -11.26 -1.86 -11.48
CA VAL A 34 -10.03 -2.38 -10.93
C VAL A 34 -9.90 -2.11 -9.44
N VAL A 35 -9.27 -3.02 -8.77
CA VAL A 35 -9.04 -2.92 -7.34
C VAL A 35 -7.57 -3.08 -7.06
N GLU A 36 -7.05 -2.22 -6.20
CA GLU A 36 -5.68 -2.27 -5.83
C GLU A 36 -5.51 -3.00 -4.50
N TYR A 37 -4.73 -4.01 -4.54
CA TYR A 37 -4.41 -4.81 -3.39
C TYR A 37 -3.10 -4.39 -2.80
N TYR A 38 -2.89 -4.74 -1.57
CA TYR A 38 -1.66 -4.52 -0.87
C TYR A 38 -1.37 -5.79 -0.13
N CYS A 39 -0.15 -6.14 -0.03
CA CYS A 39 0.22 -7.28 0.77
C CYS A 39 0.36 -6.84 2.18
N ASN A 40 0.31 -7.78 3.11
CA ASN A 40 0.47 -7.47 4.53
C ASN A 40 1.78 -6.72 4.72
N PRO A 41 1.92 -5.89 5.75
CA PRO A 41 3.07 -4.95 5.92
C PRO A 41 4.45 -5.63 5.98
N ARG A 42 4.46 -6.93 6.15
CA ARG A 42 5.70 -7.68 6.19
C ARG A 42 5.88 -8.54 4.93
N PHE A 43 4.88 -8.51 4.12
CA PHE A 43 4.89 -9.22 2.85
C PHE A 43 4.96 -8.27 1.70
N LEU A 44 5.57 -8.71 0.66
CA LEU A 44 5.73 -7.95 -0.53
C LEU A 44 4.84 -8.45 -1.61
N MET A 45 4.38 -7.53 -2.38
CA MET A 45 3.53 -7.80 -3.50
C MET A 45 4.35 -8.35 -4.64
N LYS A 46 4.12 -9.58 -4.97
CA LYS A 46 4.83 -10.19 -6.06
C LYS A 46 3.95 -10.21 -7.29
N GLY A 47 2.66 -10.21 -7.04
CA GLY A 47 1.70 -10.26 -8.12
C GLY A 47 1.45 -8.89 -8.74
N PRO A 48 0.50 -8.80 -9.67
CA PRO A 48 0.20 -7.54 -10.39
C PRO A 48 -0.63 -6.54 -9.58
N ASN A 49 -0.82 -6.85 -8.27
CA ASN A 49 -1.62 -6.10 -7.23
C ASN A 49 -3.05 -5.70 -7.60
N LYS A 50 -3.22 -5.16 -8.75
CA LYS A 50 -4.47 -4.70 -9.22
C LYS A 50 -5.13 -5.77 -10.06
N ILE A 51 -6.41 -5.85 -9.93
CA ILE A 51 -7.19 -6.79 -10.69
C ILE A 51 -8.35 -6.07 -11.33
N GLN A 52 -8.96 -6.69 -12.27
CA GLN A 52 -10.04 -6.13 -13.03
C GLN A 52 -11.20 -7.07 -13.06
N CYS A 53 -12.36 -6.52 -12.88
CA CYS A 53 -13.55 -7.28 -12.95
C CYS A 53 -13.91 -7.37 -14.38
N VAL A 54 -13.57 -8.43 -14.97
CA VAL A 54 -13.79 -8.56 -16.35
C VAL A 54 -15.18 -9.20 -16.54
N ASP A 55 -15.61 -9.46 -17.76
CA ASP A 55 -16.96 -9.97 -17.94
C ASP A 55 -17.09 -11.45 -17.62
N GLY A 56 -17.07 -11.72 -16.34
CA GLY A 56 -17.31 -13.03 -15.84
C GLY A 56 -16.78 -13.21 -14.45
N GLU A 57 -15.62 -12.65 -14.20
CA GLU A 57 -14.98 -12.75 -12.89
C GLU A 57 -13.85 -11.76 -12.86
N TRP A 58 -13.08 -11.77 -11.81
CA TRP A 58 -11.95 -10.90 -11.72
C TRP A 58 -10.75 -11.54 -12.44
N THR A 59 -9.74 -10.75 -12.70
CA THR A 59 -8.55 -11.20 -13.37
C THR A 59 -7.65 -12.00 -12.42
N THR A 60 -6.48 -12.38 -12.90
CA THR A 60 -5.55 -13.14 -12.10
C THR A 60 -5.06 -12.31 -10.89
N LEU A 61 -5.48 -12.74 -9.72
CA LEU A 61 -5.10 -12.08 -8.51
C LEU A 61 -3.63 -12.23 -8.16
N PRO A 62 -3.09 -11.23 -7.46
CA PRO A 62 -1.72 -11.24 -6.99
C PRO A 62 -1.47 -12.17 -5.89
N VAL A 63 -0.25 -12.20 -5.54
CA VAL A 63 0.28 -13.04 -4.61
C VAL A 63 1.22 -12.24 -3.74
N CYS A 64 1.47 -12.74 -2.59
CA CYS A 64 2.32 -12.12 -1.64
C CYS A 64 3.46 -13.03 -1.30
N ILE A 65 4.58 -12.46 -0.97
CA ILE A 65 5.77 -13.20 -0.56
C ILE A 65 6.45 -12.44 0.55
N VAL A 66 7.07 -13.12 1.45
CA VAL A 66 7.80 -12.44 2.50
C VAL A 66 9.21 -12.21 2.08
N GLU A 67 9.56 -10.96 2.13
CA GLU A 67 10.87 -10.51 1.86
C GLU A 67 11.81 -11.04 2.93
N GLU A 68 11.30 -11.06 4.17
CA GLU A 68 12.02 -11.58 5.34
C GLU A 68 13.24 -10.67 5.64
N SER A 69 13.16 -9.45 5.15
CA SER A 69 14.18 -8.46 5.34
C SER A 69 13.51 -7.27 6.01
N THR A 70 14.19 -6.62 6.89
CA THR A 70 13.63 -5.54 7.63
C THR A 70 14.30 -4.24 7.28
N CYS A 71 13.72 -3.17 7.73
CA CYS A 71 14.22 -1.86 7.44
C CYS A 71 15.00 -1.31 8.62
N GLY A 72 14.80 -1.95 9.75
CA GLY A 72 15.55 -1.61 10.93
C GLY A 72 14.69 -0.92 11.91
N ASP A 73 14.66 0.37 11.82
CA ASP A 73 13.87 1.20 12.67
C ASP A 73 13.53 2.46 11.91
N ILE A 74 12.95 3.38 12.58
CA ILE A 74 12.66 4.67 12.10
C ILE A 74 13.95 5.47 12.01
N PRO A 75 14.14 6.12 10.88
CA PRO A 75 15.32 6.90 10.61
C PRO A 75 15.43 8.14 11.48
N GLU A 76 16.50 8.82 11.32
CA GLU A 76 16.77 9.97 12.10
C GLU A 76 16.61 11.25 11.30
N LEU A 77 15.49 11.88 11.45
CA LEU A 77 15.29 13.13 10.80
C LEU A 77 15.96 14.18 11.66
N GLU A 78 16.69 15.09 11.03
CA GLU A 78 17.47 16.15 11.70
C GLU A 78 16.71 16.82 12.84
N HIS A 79 15.44 17.10 12.59
CA HIS A 79 14.61 17.81 13.53
C HIS A 79 13.22 17.23 13.51
N GLY A 80 13.14 15.99 13.12
CA GLY A 80 11.90 15.27 13.10
C GLY A 80 12.03 13.90 13.73
N TRP A 81 10.91 13.25 13.92
CA TRP A 81 10.76 11.98 14.58
C TRP A 81 9.46 11.41 14.11
N ALA A 82 8.82 10.60 14.86
CA ALA A 82 7.71 9.86 14.35
C ALA A 82 6.60 9.75 15.36
N GLN A 83 5.38 9.54 14.89
CA GLN A 83 4.25 9.36 15.81
C GLN A 83 4.12 7.91 16.11
N LEU A 84 4.14 7.14 15.08
CA LEU A 84 3.93 5.73 15.17
C LEU A 84 5.17 4.98 14.75
N SER A 85 5.35 3.85 15.35
CA SER A 85 6.39 2.95 14.99
C SER A 85 5.74 1.61 14.75
N SER A 86 6.13 0.93 13.72
CA SER A 86 5.55 -0.35 13.40
C SER A 86 6.60 -1.43 13.14
N PRO A 87 7.19 -1.97 14.22
CA PRO A 87 8.18 -3.02 14.13
C PRO A 87 7.56 -4.43 14.20
N PRO A 88 8.17 -5.40 13.51
CA PRO A 88 9.36 -5.17 12.72
C PRO A 88 9.01 -4.44 11.42
N TYR A 89 9.75 -3.39 11.15
CA TYR A 89 9.52 -2.60 9.98
C TYR A 89 9.98 -3.37 8.77
N TYR A 90 9.06 -3.86 7.99
CA TYR A 90 9.37 -4.58 6.78
C TYR A 90 9.20 -3.69 5.57
N TYR A 91 9.60 -4.21 4.43
CA TYR A 91 9.47 -3.50 3.17
C TYR A 91 7.99 -3.24 2.88
N GLY A 92 7.68 -2.04 2.47
CA GLY A 92 6.32 -1.72 2.12
C GLY A 92 5.54 -1.12 3.26
N ASP A 93 6.07 -1.22 4.46
CA ASP A 93 5.40 -0.65 5.62
C ASP A 93 5.58 0.87 5.58
N SER A 94 4.83 1.58 6.38
CA SER A 94 4.83 3.01 6.33
C SER A 94 4.99 3.57 7.70
N VAL A 95 5.49 4.76 7.77
CA VAL A 95 5.70 5.40 9.01
C VAL A 95 5.44 6.86 8.85
N GLU A 96 4.72 7.42 9.78
CA GLU A 96 4.49 8.82 9.75
C GLU A 96 5.41 9.53 10.69
N PHE A 97 6.13 10.44 10.13
CA PHE A 97 7.06 11.29 10.78
C PHE A 97 6.41 12.57 11.14
N ASN A 98 6.92 13.22 12.13
CA ASN A 98 6.44 14.49 12.55
C ASN A 98 7.65 15.32 12.78
N CYS A 99 7.50 16.55 12.63
CA CYS A 99 8.57 17.46 12.77
C CYS A 99 8.52 18.08 14.16
N SER A 100 9.61 18.67 14.60
CA SER A 100 9.61 19.45 15.79
C SER A 100 8.63 20.60 15.60
N GLU A 101 7.92 20.95 16.63
CA GLU A 101 6.86 21.95 16.56
C GLU A 101 7.43 23.35 16.29
N SER A 102 8.70 23.54 16.57
CA SER A 102 9.34 24.82 16.33
C SER A 102 9.89 24.89 14.89
N PHE A 103 9.67 23.83 14.15
CA PHE A 103 10.12 23.70 12.81
C PHE A 103 8.93 23.36 11.94
N THR A 104 9.06 23.55 10.67
CA THR A 104 8.03 23.19 9.76
C THR A 104 8.59 22.15 8.81
N MET A 105 7.81 21.13 8.52
CA MET A 105 8.28 20.04 7.72
C MET A 105 7.88 20.27 6.28
N ILE A 106 8.77 19.98 5.41
CA ILE A 106 8.54 20.12 4.01
C ILE A 106 8.56 18.75 3.37
N GLY A 107 7.43 18.33 2.90
CA GLY A 107 7.32 17.04 2.25
C GLY A 107 6.33 16.16 2.92
N HIS A 108 6.45 14.89 2.66
CA HIS A 108 5.50 13.94 3.12
C HIS A 108 5.94 13.41 4.44
N ARG A 109 5.03 13.46 5.37
CA ARG A 109 5.27 12.99 6.71
C ARG A 109 5.42 11.48 6.73
N SER A 110 4.78 10.80 5.82
CA SER A 110 4.84 9.37 5.83
C SER A 110 5.80 8.88 4.81
N ILE A 111 6.37 7.78 5.11
CA ILE A 111 7.34 7.15 4.29
C ILE A 111 6.95 5.73 4.07
N THR A 112 7.71 5.08 3.28
CA THR A 112 7.49 3.71 2.98
C THR A 112 8.83 3.07 2.86
N CYS A 113 8.99 1.93 3.44
CA CYS A 113 10.24 1.25 3.40
C CYS A 113 10.48 0.64 2.06
N ILE A 114 11.47 1.13 1.39
CA ILE A 114 11.85 0.65 0.11
C ILE A 114 13.26 0.08 0.18
N HIS A 115 13.31 -1.23 0.19
CA HIS A 115 14.56 -2.01 0.24
C HIS A 115 15.37 -1.73 1.49
N GLY A 116 14.67 -1.63 2.60
CA GLY A 116 15.31 -1.41 3.88
C GLY A 116 15.42 0.07 4.20
N VAL A 117 15.15 0.90 3.23
CA VAL A 117 15.31 2.33 3.39
C VAL A 117 14.00 3.01 3.19
N TRP A 118 13.57 3.75 4.18
CA TRP A 118 12.36 4.52 4.05
C TRP A 118 12.55 5.56 2.97
N THR A 119 11.49 5.78 2.21
CA THR A 119 11.47 6.63 0.99
C THR A 119 12.46 7.77 0.94
N GLN A 120 12.26 8.79 1.75
CA GLN A 120 13.09 9.98 1.66
C GLN A 120 12.99 10.90 2.85
N LEU A 121 11.83 10.88 3.51
CA LEU A 121 11.51 11.73 4.65
C LEU A 121 11.38 13.20 4.22
N PRO A 122 10.65 13.99 4.98
CA PRO A 122 10.54 15.41 4.72
C PRO A 122 11.79 16.13 5.27
N GLN A 123 11.73 17.42 5.36
CA GLN A 123 12.82 18.18 5.96
C GLN A 123 12.24 19.25 6.85
N CYS A 124 12.81 19.40 8.01
CA CYS A 124 12.38 20.44 8.90
C CYS A 124 13.22 21.68 8.75
N VAL A 125 12.58 22.82 8.76
CA VAL A 125 13.24 24.08 8.69
C VAL A 125 12.72 24.95 9.80
N ALA A 126 13.61 25.68 10.42
CA ALA A 126 13.28 26.49 11.55
C ALA A 126 12.36 27.63 11.18
N ILE A 127 11.20 27.62 11.79
CA ILE A 127 10.23 28.68 11.60
C ILE A 127 10.73 29.92 12.31
N GLU A 1 -23.27 -8.33 -36.90
CA GLU A 1 -22.77 -7.38 -35.93
C GLU A 1 -22.94 -7.96 -34.55
N ALA A 2 -21.86 -8.11 -33.86
CA ALA A 2 -21.84 -8.70 -32.55
C ALA A 2 -22.08 -7.66 -31.48
N GLU A 3 -22.80 -8.04 -30.47
CA GLU A 3 -23.00 -7.19 -29.33
C GLU A 3 -22.41 -7.88 -28.14
N ALA A 4 -21.16 -7.61 -27.88
CA ALA A 4 -20.47 -8.23 -26.80
C ALA A 4 -20.91 -7.65 -25.49
N ALA A 5 -21.54 -8.46 -24.69
CA ALA A 5 -21.98 -8.05 -23.40
C ALA A 5 -20.85 -8.28 -22.45
N GLY A 6 -20.11 -7.25 -22.20
CA GLY A 6 -19.00 -7.35 -21.35
C GLY A 6 -19.19 -6.57 -20.11
N VAL A 7 -20.09 -7.04 -19.30
CA VAL A 7 -20.45 -6.40 -18.07
C VAL A 7 -21.49 -7.24 -17.33
N GLN A 8 -20.97 -8.15 -16.60
CA GLN A 8 -21.75 -9.05 -15.76
C GLN A 8 -21.97 -8.47 -14.39
N SER A 9 -21.10 -7.55 -14.06
CA SER A 9 -21.07 -6.79 -12.82
C SER A 9 -20.43 -7.54 -11.66
N CYS A 10 -19.24 -7.12 -11.32
CA CYS A 10 -18.57 -7.63 -10.14
C CYS A 10 -19.02 -6.81 -8.94
N GLY A 11 -18.92 -7.39 -7.77
CA GLY A 11 -19.28 -6.74 -6.58
C GLY A 11 -18.03 -6.44 -5.79
N PRO A 12 -18.03 -6.70 -4.49
CA PRO A 12 -16.88 -6.46 -3.63
C PRO A 12 -15.63 -7.22 -4.10
N PRO A 13 -14.45 -6.62 -3.96
CA PRO A 13 -13.19 -7.23 -4.36
C PRO A 13 -12.86 -8.48 -3.54
N PRO A 14 -12.13 -9.42 -4.16
CA PRO A 14 -11.67 -10.65 -3.52
C PRO A 14 -10.59 -10.41 -2.45
N GLU A 15 -10.01 -11.47 -1.92
CA GLU A 15 -9.00 -11.33 -0.88
C GLU A 15 -7.61 -11.51 -1.48
N LEU A 16 -6.64 -10.81 -0.96
CA LEU A 16 -5.30 -10.98 -1.47
C LEU A 16 -4.65 -12.14 -0.69
N LEU A 17 -3.85 -12.96 -1.42
CA LEU A 17 -3.02 -14.06 -0.88
C LEU A 17 -2.52 -13.71 0.53
N ASN A 18 -1.58 -12.79 0.63
CA ASN A 18 -1.12 -12.42 1.93
C ASN A 18 -1.05 -10.91 2.06
N GLY A 19 -2.03 -10.35 1.54
CA GLY A 19 -2.23 -8.96 1.58
C GLY A 19 -3.63 -8.69 1.98
N ASN A 20 -4.20 -7.62 1.49
CA ASN A 20 -5.56 -7.24 1.80
C ASN A 20 -5.93 -6.06 0.91
N VAL A 21 -7.14 -5.62 1.04
CA VAL A 21 -7.68 -4.55 0.24
C VAL A 21 -7.69 -3.28 1.07
N LYS A 22 -7.32 -2.16 0.48
CA LYS A 22 -7.31 -0.88 1.19
C LYS A 22 -8.56 -0.10 0.83
N GLU A 23 -9.24 -0.60 -0.17
CA GLU A 23 -10.43 -0.02 -0.68
C GLU A 23 -11.62 -0.64 -0.01
N LYS A 24 -12.56 0.18 0.39
CA LYS A 24 -13.76 -0.34 0.95
C LYS A 24 -14.61 -0.89 -0.17
N THR A 25 -15.38 -1.86 0.13
CA THR A 25 -16.21 -2.49 -0.83
C THR A 25 -17.36 -1.57 -1.25
N LYS A 26 -17.52 -1.37 -2.53
CA LYS A 26 -18.64 -0.58 -3.03
C LYS A 26 -19.81 -1.49 -3.29
N GLU A 27 -19.49 -2.79 -3.46
CA GLU A 27 -20.46 -3.88 -3.73
C GLU A 27 -21.11 -3.80 -5.11
N GLU A 28 -21.09 -2.66 -5.70
CA GLU A 28 -21.61 -2.47 -7.03
C GLU A 28 -20.53 -1.81 -7.84
N TYR A 29 -19.78 -2.60 -8.53
CA TYR A 29 -18.70 -2.11 -9.34
C TYR A 29 -19.12 -2.14 -10.79
N GLY A 30 -19.38 -3.30 -11.27
CA GLY A 30 -19.81 -3.43 -12.62
C GLY A 30 -18.75 -4.05 -13.47
N HIS A 31 -18.07 -3.24 -14.23
CA HIS A 31 -17.04 -3.70 -15.11
C HIS A 31 -15.98 -2.61 -15.24
N SER A 32 -14.75 -3.02 -15.57
CA SER A 32 -13.60 -2.12 -15.80
C SER A 32 -13.16 -1.38 -14.53
N GLU A 33 -13.62 -1.89 -13.42
CA GLU A 33 -13.40 -1.33 -12.10
C GLU A 33 -12.13 -1.90 -11.53
N VAL A 34 -11.36 -1.05 -10.87
CA VAL A 34 -10.10 -1.48 -10.28
C VAL A 34 -10.07 -1.31 -8.78
N VAL A 35 -9.39 -2.21 -8.13
CA VAL A 35 -9.23 -2.19 -6.69
C VAL A 35 -7.77 -2.31 -6.37
N GLU A 36 -7.29 -1.49 -5.44
CA GLU A 36 -5.93 -1.53 -5.07
C GLU A 36 -5.74 -2.30 -3.77
N TYR A 37 -4.77 -3.16 -3.78
CA TYR A 37 -4.44 -4.00 -2.67
C TYR A 37 -3.11 -3.60 -2.09
N TYR A 38 -2.86 -4.07 -0.91
CA TYR A 38 -1.62 -3.87 -0.23
C TYR A 38 -1.25 -5.19 0.40
N CYS A 39 -0.02 -5.41 0.69
CA CYS A 39 0.41 -6.64 1.35
C CYS A 39 0.48 -6.44 2.84
N ASN A 40 0.56 -7.54 3.57
CA ASN A 40 0.76 -7.51 5.01
C ASN A 40 2.08 -6.77 5.28
N PRO A 41 2.27 -6.20 6.47
CA PRO A 41 3.48 -5.36 6.81
C PRO A 41 4.75 -6.18 7.00
N ARG A 42 4.67 -7.38 6.56
CA ARG A 42 5.73 -8.34 6.65
C ARG A 42 5.98 -8.98 5.29
N PHE A 43 5.14 -8.67 4.36
CA PHE A 43 5.26 -9.16 3.03
C PHE A 43 5.34 -8.01 2.09
N LEU A 44 6.01 -8.22 1.04
CA LEU A 44 6.16 -7.20 0.08
C LEU A 44 5.50 -7.53 -1.23
N MET A 45 4.85 -6.52 -1.76
CA MET A 45 4.05 -6.62 -2.96
C MET A 45 4.87 -7.05 -4.17
N LYS A 46 4.57 -8.22 -4.66
CA LYS A 46 5.23 -8.76 -5.81
C LYS A 46 4.32 -8.61 -7.02
N GLY A 47 3.02 -8.71 -6.77
CA GLY A 47 2.04 -8.65 -7.84
C GLY A 47 1.77 -7.24 -8.34
N PRO A 48 0.76 -7.06 -9.22
CA PRO A 48 0.44 -5.75 -9.84
C PRO A 48 -0.29 -4.81 -8.87
N ASN A 49 -0.64 -5.36 -7.70
CA ASN A 49 -1.36 -4.72 -6.56
C ASN A 49 -2.74 -4.12 -6.89
N LYS A 50 -3.11 -4.12 -8.13
CA LYS A 50 -4.38 -3.60 -8.57
C LYS A 50 -5.01 -4.56 -9.51
N ILE A 51 -6.26 -4.81 -9.30
CA ILE A 51 -6.99 -5.75 -10.10
C ILE A 51 -8.14 -5.05 -10.74
N GLN A 52 -8.74 -5.68 -11.69
CA GLN A 52 -9.79 -5.10 -12.44
C GLN A 52 -10.84 -6.10 -12.75
N CYS A 53 -12.05 -5.67 -12.68
CA CYS A 53 -13.16 -6.49 -13.01
C CYS A 53 -13.34 -6.54 -14.50
N VAL A 54 -13.04 -7.67 -15.08
CA VAL A 54 -13.26 -7.83 -16.50
C VAL A 54 -14.67 -8.32 -16.71
N ASP A 55 -15.01 -8.81 -17.86
CA ASP A 55 -16.36 -9.24 -18.07
C ASP A 55 -16.52 -10.70 -17.70
N GLY A 56 -16.51 -10.91 -16.41
CA GLY A 56 -16.73 -12.20 -15.85
C GLY A 56 -16.37 -12.23 -14.41
N GLU A 57 -15.16 -11.87 -14.14
CA GLU A 57 -14.62 -11.89 -12.81
C GLU A 57 -13.47 -10.88 -12.76
N TRP A 58 -12.71 -10.91 -11.71
CA TRP A 58 -11.62 -10.01 -11.54
C TRP A 58 -10.36 -10.58 -12.22
N THR A 59 -9.36 -9.75 -12.36
CA THR A 59 -8.10 -10.15 -12.96
C THR A 59 -7.25 -10.94 -11.96
N THR A 60 -6.04 -11.29 -12.36
CA THR A 60 -5.15 -12.01 -11.50
C THR A 60 -4.69 -11.13 -10.34
N LEU A 61 -5.11 -11.51 -9.16
CA LEU A 61 -4.75 -10.83 -7.95
C LEU A 61 -3.28 -10.89 -7.68
N PRO A 62 -2.77 -9.87 -6.98
CA PRO A 62 -1.36 -9.77 -6.66
C PRO A 62 -0.89 -10.86 -5.71
N VAL A 63 0.39 -10.88 -5.55
CA VAL A 63 1.06 -11.85 -4.78
C VAL A 63 1.93 -11.11 -3.81
N CYS A 64 1.99 -11.61 -2.62
CA CYS A 64 2.78 -11.03 -1.58
C CYS A 64 3.80 -12.04 -1.15
N ILE A 65 5.00 -11.61 -0.99
CA ILE A 65 6.08 -12.49 -0.62
C ILE A 65 6.80 -11.92 0.56
N VAL A 66 7.23 -12.76 1.44
CA VAL A 66 7.94 -12.31 2.61
C VAL A 66 9.39 -12.36 2.28
N GLU A 67 10.09 -11.31 2.50
CA GLU A 67 11.51 -11.39 2.25
C GLU A 67 12.24 -11.74 3.53
N GLU A 68 11.49 -11.68 4.65
CA GLU A 68 11.99 -12.04 5.96
C GLU A 68 13.25 -11.26 6.33
N SER A 69 13.14 -9.94 6.29
CA SER A 69 14.21 -9.05 6.66
C SER A 69 13.60 -7.72 7.09
N THR A 70 14.38 -6.86 7.72
CA THR A 70 13.86 -5.64 8.31
C THR A 70 14.59 -4.37 7.84
N CYS A 71 13.93 -3.24 8.02
CA CYS A 71 14.54 -1.93 7.81
C CYS A 71 15.19 -1.43 9.09
N GLY A 72 14.95 -2.15 10.17
CA GLY A 72 15.55 -1.82 11.43
C GLY A 72 14.59 -1.09 12.29
N ASP A 73 14.49 0.19 12.06
CA ASP A 73 13.59 1.07 12.77
C ASP A 73 13.42 2.34 11.94
N ILE A 74 12.76 3.28 12.48
CA ILE A 74 12.51 4.53 11.91
C ILE A 74 13.78 5.36 11.85
N PRO A 75 13.98 6.00 10.72
CA PRO A 75 15.13 6.85 10.50
C PRO A 75 14.96 8.15 11.24
N GLU A 76 15.87 9.01 11.08
CA GLU A 76 15.73 10.25 11.70
C GLU A 76 15.67 11.34 10.70
N LEU A 77 14.61 12.07 10.79
CA LEU A 77 14.42 13.21 9.98
C LEU A 77 15.10 14.34 10.72
N GLU A 78 15.79 15.18 9.99
CA GLU A 78 16.57 16.32 10.51
C GLU A 78 15.87 17.08 11.64
N HIS A 79 14.56 17.21 11.51
CA HIS A 79 13.76 17.93 12.46
C HIS A 79 12.40 17.26 12.57
N GLY A 80 12.37 15.96 12.31
CA GLY A 80 11.15 15.19 12.36
C GLY A 80 11.36 13.82 13.00
N TRP A 81 10.26 13.12 13.20
CA TRP A 81 10.19 11.83 13.84
C TRP A 81 8.95 11.16 13.32
N ALA A 82 8.34 10.31 14.08
CA ALA A 82 7.29 9.51 13.52
C ALA A 82 6.14 9.32 14.50
N GLN A 83 4.95 9.11 13.97
CA GLN A 83 3.79 8.89 14.82
C GLN A 83 3.75 7.44 15.21
N LEU A 84 3.73 6.61 14.21
CA LEU A 84 3.59 5.21 14.41
C LEU A 84 4.88 4.47 14.13
N SER A 85 5.11 3.46 14.88
CA SER A 85 6.23 2.61 14.75
C SER A 85 5.80 1.18 15.04
N SER A 86 5.90 0.34 14.07
CA SER A 86 5.46 -1.00 14.22
C SER A 86 6.56 -2.00 13.79
N PRO A 87 7.38 -2.43 14.75
CA PRO A 87 8.40 -3.43 14.50
C PRO A 87 7.83 -4.85 14.62
N PRO A 88 8.39 -5.82 13.88
CA PRO A 88 9.52 -5.59 12.99
C PRO A 88 9.11 -4.86 11.70
N TYR A 89 9.89 -3.88 11.32
CA TYR A 89 9.61 -3.11 10.12
C TYR A 89 10.12 -3.88 8.92
N TYR A 90 9.26 -4.67 8.35
CA TYR A 90 9.61 -5.46 7.19
C TYR A 90 9.45 -4.67 5.92
N TYR A 91 10.06 -5.19 4.86
CA TYR A 91 9.97 -4.57 3.55
C TYR A 91 8.51 -4.58 3.13
N GLY A 92 8.08 -3.52 2.54
CA GLY A 92 6.71 -3.37 2.15
C GLY A 92 5.89 -2.62 3.19
N ASP A 93 6.30 -2.62 4.45
CA ASP A 93 5.56 -1.88 5.49
C ASP A 93 5.84 -0.39 5.37
N SER A 94 5.06 0.41 6.05
CA SER A 94 5.12 1.84 5.91
C SER A 94 5.18 2.48 7.25
N VAL A 95 5.66 3.68 7.26
CA VAL A 95 5.72 4.48 8.44
C VAL A 95 5.33 5.89 8.09
N GLU A 96 4.68 6.55 9.01
CA GLU A 96 4.27 7.89 8.84
C GLU A 96 5.05 8.81 9.77
N PHE A 97 5.70 9.75 9.16
CA PHE A 97 6.55 10.70 9.83
C PHE A 97 5.82 11.97 10.19
N ASN A 98 6.22 12.54 11.28
CA ASN A 98 5.65 13.77 11.78
C ASN A 98 6.79 14.71 12.03
N CYS A 99 6.63 15.90 11.62
CA CYS A 99 7.62 16.89 11.75
C CYS A 99 7.37 17.65 13.04
N SER A 100 8.43 18.02 13.74
CA SER A 100 8.33 18.78 14.96
C SER A 100 7.47 20.04 14.72
N GLU A 101 6.61 20.34 15.67
CA GLU A 101 5.57 21.35 15.50
C GLU A 101 6.08 22.77 15.13
N SER A 102 7.28 23.12 15.55
CA SER A 102 7.84 24.43 15.21
C SER A 102 8.42 24.42 13.77
N PHE A 103 8.34 23.28 13.14
CA PHE A 103 8.83 23.11 11.82
C PHE A 103 7.70 22.72 10.93
N THR A 104 7.87 22.92 9.67
CA THR A 104 6.92 22.52 8.70
C THR A 104 7.61 21.52 7.79
N MET A 105 6.91 20.49 7.43
CA MET A 105 7.49 19.44 6.65
C MET A 105 7.27 19.70 5.19
N ILE A 106 8.26 19.40 4.41
CA ILE A 106 8.17 19.52 2.99
C ILE A 106 8.21 18.14 2.40
N GLY A 107 7.06 17.67 2.05
CA GLY A 107 6.90 16.35 1.51
C GLY A 107 5.74 15.66 2.16
N HIS A 108 5.67 14.38 1.99
CA HIS A 108 4.60 13.60 2.54
C HIS A 108 5.08 12.89 3.79
N ARG A 109 4.18 12.27 4.50
CA ARG A 109 4.53 11.65 5.74
C ARG A 109 4.87 10.18 5.61
N SER A 110 4.32 9.52 4.64
CA SER A 110 4.47 8.08 4.65
C SER A 110 5.59 7.55 3.80
N ILE A 111 6.32 6.65 4.39
CA ILE A 111 7.45 6.02 3.76
C ILE A 111 7.20 4.54 3.72
N THR A 112 7.98 3.87 2.95
CA THR A 112 7.86 2.46 2.79
C THR A 112 9.23 1.82 2.91
N CYS A 113 9.29 0.74 3.65
CA CYS A 113 10.50 -0.03 3.86
C CYS A 113 10.93 -0.71 2.57
N ILE A 114 12.00 -0.20 2.00
CA ILE A 114 12.53 -0.67 0.74
C ILE A 114 14.05 -0.92 0.88
N HIS A 115 14.44 -2.19 0.97
CA HIS A 115 15.88 -2.60 1.01
C HIS A 115 16.58 -2.22 2.29
N GLY A 116 15.84 -2.05 3.35
CA GLY A 116 16.46 -1.68 4.59
C GLY A 116 16.40 -0.21 4.81
N VAL A 117 15.88 0.49 3.84
CA VAL A 117 15.82 1.85 3.90
C VAL A 117 14.39 2.24 3.67
N TRP A 118 13.99 3.33 4.17
CA TRP A 118 12.67 3.79 3.88
C TRP A 118 12.74 4.61 2.61
N THR A 119 11.59 4.95 2.04
CA THR A 119 11.54 5.67 0.75
C THR A 119 12.47 6.86 0.66
N GLN A 120 12.15 7.92 1.36
CA GLN A 120 12.91 9.15 1.19
C GLN A 120 12.75 10.15 2.30
N LEU A 121 11.57 10.16 2.90
CA LEU A 121 11.20 11.08 3.97
C LEU A 121 11.05 12.51 3.43
N PRO A 122 10.27 13.35 4.10
CA PRO A 122 10.17 14.76 3.75
C PRO A 122 11.40 15.51 4.33
N GLN A 123 11.30 16.79 4.47
CA GLN A 123 12.35 17.55 5.13
C GLN A 123 11.69 18.65 5.92
N CYS A 124 12.20 18.94 7.08
CA CYS A 124 11.60 19.97 7.90
C CYS A 124 12.35 21.26 7.82
N VAL A 125 11.63 22.35 7.86
CA VAL A 125 12.19 23.65 7.84
C VAL A 125 11.52 24.45 8.91
N ALA A 126 12.22 25.36 9.49
CA ALA A 126 11.71 26.14 10.58
C ALA A 126 10.70 27.13 10.09
N ILE A 127 9.54 27.10 10.67
CA ILE A 127 8.50 28.05 10.38
C ILE A 127 9.00 29.45 10.76
N GLU A 1 -10.54 -13.54 -29.66
CA GLU A 1 -11.77 -12.83 -29.92
C GLU A 1 -12.88 -13.37 -29.04
N ALA A 2 -14.14 -12.98 -29.34
CA ALA A 2 -15.35 -13.37 -28.58
C ALA A 2 -15.48 -12.54 -27.33
N GLU A 3 -14.68 -11.51 -27.26
CA GLU A 3 -14.72 -10.61 -26.17
C GLU A 3 -15.69 -9.52 -26.58
N ALA A 4 -16.32 -8.88 -25.60
CA ALA A 4 -17.37 -7.86 -25.82
C ALA A 4 -18.62 -8.54 -26.37
N ALA A 5 -18.66 -9.83 -26.15
CA ALA A 5 -19.75 -10.69 -26.53
C ALA A 5 -20.03 -11.55 -25.34
N GLY A 6 -20.94 -11.13 -24.55
CA GLY A 6 -21.26 -11.79 -23.33
C GLY A 6 -21.35 -10.76 -22.26
N VAL A 7 -20.15 -10.33 -21.77
CA VAL A 7 -19.99 -9.27 -20.79
C VAL A 7 -20.94 -9.42 -19.61
N GLN A 8 -20.62 -10.38 -18.81
CA GLN A 8 -21.37 -10.65 -17.62
C GLN A 8 -21.11 -9.57 -16.56
N SER A 9 -21.26 -9.93 -15.34
CA SER A 9 -21.26 -9.01 -14.27
C SER A 9 -20.88 -9.78 -13.00
N CYS A 10 -20.52 -9.09 -11.98
CA CYS A 10 -20.10 -9.70 -10.74
C CYS A 10 -20.49 -8.80 -9.58
N GLY A 11 -20.08 -9.13 -8.39
CA GLY A 11 -20.42 -8.35 -7.27
C GLY A 11 -19.19 -7.76 -6.68
N PRO A 12 -19.05 -7.80 -5.37
CA PRO A 12 -17.87 -7.27 -4.69
C PRO A 12 -16.64 -8.09 -5.06
N PRO A 13 -15.48 -7.45 -5.17
CA PRO A 13 -14.23 -8.13 -5.51
C PRO A 13 -13.87 -9.20 -4.47
N PRO A 14 -13.10 -10.20 -4.91
CA PRO A 14 -12.62 -11.28 -4.05
C PRO A 14 -11.64 -10.79 -2.94
N GLU A 15 -10.94 -11.71 -2.34
CA GLU A 15 -10.01 -11.38 -1.29
C GLU A 15 -8.59 -11.63 -1.71
N LEU A 16 -7.67 -11.09 -0.96
CA LEU A 16 -6.27 -11.28 -1.26
C LEU A 16 -5.58 -12.12 -0.18
N LEU A 17 -4.60 -12.88 -0.60
CA LEU A 17 -3.73 -13.71 0.22
C LEU A 17 -3.31 -13.03 1.53
N ASN A 18 -2.37 -12.14 1.47
CA ASN A 18 -1.94 -11.54 2.70
C ASN A 18 -2.02 -10.06 2.56
N GLY A 19 -3.12 -9.71 2.13
CA GLY A 19 -3.50 -8.35 1.92
C GLY A 19 -4.97 -8.29 1.75
N ASN A 20 -5.46 -7.29 1.07
CA ASN A 20 -6.88 -7.15 0.84
C ASN A 20 -7.08 -6.11 -0.23
N VAL A 21 -8.29 -5.84 -0.53
CA VAL A 21 -8.68 -4.80 -1.43
C VAL A 21 -8.91 -3.52 -0.61
N LYS A 22 -8.47 -2.40 -1.11
CA LYS A 22 -8.59 -1.16 -0.37
C LYS A 22 -9.80 -0.38 -0.84
N GLU A 23 -10.29 -0.75 -1.99
CA GLU A 23 -11.40 -0.06 -2.57
C GLU A 23 -12.67 -0.64 -2.04
N LYS A 24 -13.63 0.20 -1.86
CA LYS A 24 -14.84 -0.20 -1.23
C LYS A 24 -15.81 -0.79 -2.19
N THR A 25 -16.36 -1.88 -1.75
CA THR A 25 -17.21 -2.72 -2.50
C THR A 25 -18.54 -2.06 -2.88
N LYS A 26 -18.79 -2.01 -4.17
CA LYS A 26 -20.01 -1.45 -4.70
C LYS A 26 -21.07 -2.53 -4.80
N GLU A 27 -20.59 -3.80 -4.88
CA GLU A 27 -21.42 -5.03 -4.96
C GLU A 27 -22.08 -5.20 -6.33
N GLU A 28 -21.96 -4.20 -7.14
CA GLU A 28 -22.47 -4.21 -8.48
C GLU A 28 -21.34 -3.80 -9.41
N TYR A 29 -20.66 -4.79 -9.92
CA TYR A 29 -19.55 -4.56 -10.83
C TYR A 29 -19.85 -5.26 -12.10
N GLY A 30 -19.66 -4.59 -13.17
CA GLY A 30 -19.85 -5.19 -14.44
C GLY A 30 -18.54 -5.58 -15.06
N HIS A 31 -18.53 -5.63 -16.35
CA HIS A 31 -17.35 -6.00 -17.09
C HIS A 31 -16.40 -4.81 -17.10
N SER A 32 -15.10 -5.12 -17.16
CA SER A 32 -14.00 -4.16 -17.25
C SER A 32 -13.75 -3.37 -15.96
N GLU A 33 -14.40 -3.81 -14.89
CA GLU A 33 -14.22 -3.20 -13.58
C GLU A 33 -12.95 -3.69 -12.95
N VAL A 34 -12.07 -2.79 -12.64
CA VAL A 34 -10.80 -3.11 -12.08
C VAL A 34 -10.72 -2.69 -10.60
N VAL A 35 -10.11 -3.54 -9.82
CA VAL A 35 -10.03 -3.36 -8.38
C VAL A 35 -8.59 -3.44 -7.90
N GLU A 36 -8.21 -2.52 -7.02
CA GLU A 36 -6.87 -2.46 -6.51
C GLU A 36 -6.75 -3.06 -5.09
N TYR A 37 -5.80 -3.93 -4.98
CA TYR A 37 -5.47 -4.62 -3.76
C TYR A 37 -4.19 -4.06 -3.17
N TYR A 38 -3.95 -4.38 -1.93
CA TYR A 38 -2.75 -4.00 -1.23
C TYR A 38 -2.38 -5.16 -0.36
N CYS A 39 -1.13 -5.34 -0.09
CA CYS A 39 -0.71 -6.38 0.83
C CYS A 39 -0.49 -5.76 2.19
N ASN A 40 -0.42 -6.59 3.21
CA ASN A 40 -0.12 -6.12 4.58
C ASN A 40 1.27 -5.44 4.54
N PRO A 41 1.61 -4.58 5.51
CA PRO A 41 2.87 -3.79 5.47
C PRO A 41 4.15 -4.64 5.64
N ARG A 42 3.94 -5.89 5.99
CA ARG A 42 5.02 -6.84 6.18
C ARG A 42 5.15 -7.77 4.98
N PHE A 43 4.22 -7.65 4.06
CA PHE A 43 4.20 -8.45 2.84
C PHE A 43 4.23 -7.56 1.62
N LEU A 44 4.95 -7.99 0.66
CA LEU A 44 5.12 -7.26 -0.55
C LEU A 44 4.23 -7.78 -1.61
N MET A 45 3.68 -6.87 -2.36
CA MET A 45 2.85 -7.19 -3.48
C MET A 45 3.71 -7.72 -4.59
N LYS A 46 3.61 -8.99 -4.85
CA LYS A 46 4.38 -9.61 -5.90
C LYS A 46 3.54 -9.66 -7.17
N GLY A 47 2.25 -9.73 -6.97
CA GLY A 47 1.32 -9.79 -8.07
C GLY A 47 1.04 -8.44 -8.72
N PRO A 48 0.07 -8.37 -9.66
CA PRO A 48 -0.25 -7.14 -10.41
C PRO A 48 -1.13 -6.17 -9.61
N ASN A 49 -1.52 -6.60 -8.41
CA ASN A 49 -2.36 -5.85 -7.39
C ASN A 49 -3.75 -5.43 -7.86
N LYS A 50 -3.92 -5.21 -9.12
CA LYS A 50 -5.21 -4.86 -9.66
C LYS A 50 -5.77 -6.00 -10.44
N ILE A 51 -7.04 -6.22 -10.30
CA ILE A 51 -7.73 -7.26 -11.03
C ILE A 51 -8.90 -6.65 -11.76
N GLN A 52 -9.53 -7.41 -12.60
CA GLN A 52 -10.61 -6.92 -13.41
C GLN A 52 -11.71 -7.96 -13.56
N CYS A 53 -12.94 -7.50 -13.52
CA CYS A 53 -14.10 -8.35 -13.70
C CYS A 53 -14.30 -8.57 -15.18
N VAL A 54 -13.86 -9.70 -15.61
CA VAL A 54 -13.93 -10.12 -16.96
C VAL A 54 -15.29 -10.79 -17.18
N ASP A 55 -15.63 -11.10 -18.41
CA ASP A 55 -16.88 -11.74 -18.74
C ASP A 55 -16.84 -13.23 -18.39
N GLY A 56 -16.89 -13.47 -17.11
CA GLY A 56 -17.01 -14.77 -16.59
C GLY A 56 -16.52 -14.86 -15.17
N GLU A 57 -15.43 -14.17 -14.88
CA GLU A 57 -14.81 -14.19 -13.57
C GLU A 57 -13.86 -13.00 -13.46
N TRP A 58 -13.21 -12.89 -12.34
CA TRP A 58 -12.20 -11.88 -12.15
C TRP A 58 -10.87 -12.39 -12.71
N THR A 59 -9.93 -11.52 -12.91
CA THR A 59 -8.64 -11.89 -13.43
C THR A 59 -7.78 -12.60 -12.38
N THR A 60 -6.54 -12.89 -12.73
CA THR A 60 -5.64 -13.56 -11.84
C THR A 60 -5.23 -12.61 -10.71
N LEU A 61 -5.70 -12.93 -9.52
CA LEU A 61 -5.38 -12.16 -8.35
C LEU A 61 -3.91 -12.20 -7.98
N PRO A 62 -3.44 -11.12 -7.35
CA PRO A 62 -2.06 -11.01 -6.90
C PRO A 62 -1.66 -11.98 -5.77
N VAL A 63 -0.45 -11.83 -5.32
CA VAL A 63 0.17 -12.68 -4.31
C VAL A 63 1.02 -11.76 -3.44
N CYS A 64 1.04 -12.04 -2.18
CA CYS A 64 1.81 -11.28 -1.24
C CYS A 64 2.90 -12.18 -0.70
N ILE A 65 4.10 -11.67 -0.66
CA ILE A 65 5.25 -12.41 -0.17
C ILE A 65 5.96 -11.58 0.87
N VAL A 66 6.51 -12.19 1.85
CA VAL A 66 7.25 -11.46 2.82
C VAL A 66 8.62 -11.20 2.29
N GLU A 67 8.95 -9.98 2.31
CA GLU A 67 10.21 -9.47 1.91
C GLU A 67 11.31 -10.09 2.77
N GLU A 68 11.06 -10.14 4.08
CA GLU A 68 12.00 -10.63 5.08
C GLU A 68 13.24 -9.74 5.19
N SER A 69 13.13 -8.57 4.63
CA SER A 69 14.13 -7.54 4.70
C SER A 69 13.49 -6.35 5.40
N THR A 70 14.17 -5.78 6.35
CA THR A 70 13.60 -4.71 7.11
C THR A 70 14.44 -3.43 7.00
N CYS A 71 13.85 -2.31 7.39
CA CYS A 71 14.51 -1.01 7.32
C CYS A 71 15.38 -0.67 8.51
N GLY A 72 15.35 -1.51 9.52
CA GLY A 72 16.23 -1.32 10.65
C GLY A 72 15.93 -0.09 11.49
N ASP A 73 14.68 0.01 11.92
CA ASP A 73 14.20 1.09 12.84
C ASP A 73 14.13 2.47 12.15
N ILE A 74 13.57 3.43 12.88
CA ILE A 74 13.48 4.79 12.47
C ILE A 74 14.86 5.45 12.36
N PRO A 75 15.10 6.15 11.27
CA PRO A 75 16.34 6.90 11.02
C PRO A 75 16.38 8.20 11.82
N GLU A 76 17.34 9.02 11.56
CA GLU A 76 17.42 10.27 12.23
C GLU A 76 17.21 11.38 11.25
N LEU A 77 16.50 12.36 11.68
CA LEU A 77 16.31 13.54 10.91
C LEU A 77 17.12 14.64 11.58
N GLU A 78 17.63 15.58 10.78
CA GLU A 78 18.45 16.72 11.23
C GLU A 78 17.91 17.37 12.51
N HIS A 79 16.62 17.64 12.52
CA HIS A 79 15.95 18.28 13.62
C HIS A 79 14.58 17.67 13.79
N GLY A 80 14.49 16.43 13.44
CA GLY A 80 13.28 15.69 13.53
C GLY A 80 13.54 14.31 14.06
N TRP A 81 12.48 13.61 14.35
CA TRP A 81 12.46 12.30 14.93
C TRP A 81 11.15 11.68 14.57
N ALA A 82 10.62 10.82 15.35
CA ALA A 82 9.49 10.07 14.90
C ALA A 82 8.49 9.87 15.99
N GLN A 83 7.29 9.52 15.60
CA GLN A 83 6.24 9.32 16.56
C GLN A 83 6.14 7.86 16.90
N LEU A 84 5.72 7.08 15.95
CA LEU A 84 5.50 5.68 16.15
C LEU A 84 6.64 4.88 15.61
N SER A 85 6.98 3.86 16.31
CA SER A 85 7.93 2.91 15.87
C SER A 85 7.35 1.55 16.12
N SER A 86 6.82 0.97 15.12
CA SER A 86 6.18 -0.29 15.24
C SER A 86 6.91 -1.33 14.37
N PRO A 87 7.79 -2.14 14.99
CA PRO A 87 8.54 -3.19 14.31
C PRO A 87 7.69 -4.46 14.19
N PRO A 88 8.02 -5.36 13.27
CA PRO A 88 9.15 -5.22 12.35
C PRO A 88 8.87 -4.23 11.23
N TYR A 89 9.85 -3.42 10.93
CA TYR A 89 9.72 -2.41 9.91
C TYR A 89 10.04 -3.05 8.56
N TYR A 90 9.09 -3.79 8.02
CA TYR A 90 9.27 -4.44 6.73
C TYR A 90 9.06 -3.49 5.59
N TYR A 91 9.57 -3.88 4.43
CA TYR A 91 9.36 -3.14 3.21
C TYR A 91 7.85 -2.99 3.02
N GLY A 92 7.43 -1.80 2.74
CA GLY A 92 6.03 -1.57 2.56
C GLY A 92 5.37 -0.99 3.79
N ASP A 93 6.02 -1.08 4.95
CA ASP A 93 5.48 -0.51 6.17
C ASP A 93 5.76 1.00 6.17
N SER A 94 5.25 1.71 7.11
CA SER A 94 5.35 3.15 7.11
C SER A 94 5.62 3.67 8.47
N VAL A 95 6.27 4.79 8.51
CA VAL A 95 6.56 5.45 9.73
C VAL A 95 6.28 6.92 9.60
N GLU A 96 5.77 7.51 10.63
CA GLU A 96 5.55 8.90 10.64
C GLU A 96 6.60 9.61 11.45
N PHE A 97 7.17 10.59 10.85
CA PHE A 97 8.19 11.41 11.45
C PHE A 97 7.58 12.68 11.97
N ASN A 98 8.24 13.27 12.90
CA ASN A 98 7.80 14.51 13.49
C ASN A 98 8.99 15.40 13.63
N CYS A 99 8.76 16.64 13.48
CA CYS A 99 9.81 17.61 13.58
C CYS A 99 9.83 18.16 15.01
N SER A 100 10.95 18.73 15.40
CA SER A 100 11.05 19.34 16.72
C SER A 100 10.21 20.61 16.78
N GLU A 101 9.86 21.03 17.97
CA GLU A 101 9.11 22.24 18.11
C GLU A 101 10.02 23.42 17.80
N SER A 102 9.45 24.43 17.19
CA SER A 102 10.11 25.65 16.69
C SER A 102 10.68 25.38 15.30
N PHE A 103 10.56 24.15 14.86
CA PHE A 103 10.93 23.80 13.53
C PHE A 103 9.73 23.26 12.83
N THR A 104 9.66 23.48 11.57
CA THR A 104 8.61 22.98 10.78
C THR A 104 9.20 22.01 9.77
N MET A 105 8.51 20.95 9.52
CA MET A 105 8.97 19.94 8.61
C MET A 105 8.44 20.26 7.23
N ILE A 106 9.23 20.03 6.25
CA ILE A 106 8.84 20.28 4.89
C ILE A 106 8.60 18.95 4.19
N GLY A 107 7.44 18.81 3.58
CA GLY A 107 7.12 17.61 2.87
C GLY A 107 6.00 16.86 3.55
N HIS A 108 6.18 15.58 3.69
CA HIS A 108 5.22 14.73 4.32
C HIS A 108 5.80 14.15 5.58
N ARG A 109 4.96 13.66 6.42
CA ARG A 109 5.38 13.08 7.66
C ARG A 109 5.64 11.59 7.57
N SER A 110 4.95 10.93 6.69
CA SER A 110 5.06 9.49 6.64
C SER A 110 5.98 8.94 5.56
N ILE A 111 6.83 8.04 5.96
CA ILE A 111 7.78 7.40 5.07
C ILE A 111 7.39 5.98 4.85
N THR A 112 8.05 5.36 3.95
CA THR A 112 7.76 4.00 3.61
C THR A 112 9.07 3.23 3.50
N CYS A 113 9.08 2.06 4.07
CA CYS A 113 10.23 1.19 4.04
C CYS A 113 10.42 0.62 2.63
N ILE A 114 11.46 1.09 1.97
CA ILE A 114 11.77 0.74 0.59
C ILE A 114 13.22 0.28 0.47
N HIS A 115 13.43 -1.00 0.19
CA HIS A 115 14.77 -1.60 -0.05
C HIS A 115 15.65 -1.60 1.18
N GLY A 116 15.06 -1.43 2.33
CA GLY A 116 15.84 -1.41 3.53
C GLY A 116 16.02 -0.03 4.03
N VAL A 117 15.57 0.92 3.27
CA VAL A 117 15.72 2.25 3.60
C VAL A 117 14.36 2.88 3.61
N TRP A 118 14.17 3.91 4.36
CA TRP A 118 12.92 4.59 4.28
C TRP A 118 13.01 5.55 3.11
N THR A 119 11.87 5.97 2.59
CA THR A 119 11.77 6.81 1.39
C THR A 119 12.83 7.90 1.26
N GLN A 120 12.76 8.92 2.10
CA GLN A 120 13.67 10.09 2.01
C GLN A 120 13.52 11.09 3.13
N LEU A 121 12.36 11.04 3.81
CA LEU A 121 12.05 11.86 5.00
C LEU A 121 11.85 13.33 4.66
N PRO A 122 11.09 14.03 5.47
CA PRO A 122 10.96 15.47 5.35
C PRO A 122 12.23 16.14 5.86
N GLN A 123 12.23 17.42 5.99
CA GLN A 123 13.34 18.11 6.56
C GLN A 123 12.86 19.32 7.31
N CYS A 124 13.48 19.60 8.41
CA CYS A 124 13.05 20.68 9.25
C CYS A 124 13.75 21.97 8.93
N VAL A 125 13.10 23.06 9.23
CA VAL A 125 13.65 24.38 9.11
C VAL A 125 13.16 25.17 10.29
N ALA A 126 13.98 26.03 10.79
CA ALA A 126 13.65 26.82 11.95
C ALA A 126 12.61 27.87 11.62
N ILE A 127 11.53 27.84 12.35
CA ILE A 127 10.50 28.83 12.23
C ILE A 127 11.02 30.13 12.82
N GLU A 1 -18.70 0.70 -30.87
CA GLU A 1 -18.69 1.52 -29.67
C GLU A 1 -17.24 1.47 -29.14
N ALA A 2 -17.00 1.70 -27.85
CA ALA A 2 -15.66 1.61 -27.29
C ALA A 2 -15.22 0.15 -27.25
N GLU A 3 -16.22 -0.72 -27.24
CA GLU A 3 -16.09 -2.17 -27.28
C GLU A 3 -15.60 -2.69 -25.95
N ALA A 4 -16.54 -2.98 -25.09
CA ALA A 4 -16.22 -3.56 -23.81
C ALA A 4 -16.04 -5.05 -24.00
N ALA A 5 -16.67 -5.56 -25.07
CA ALA A 5 -16.66 -6.96 -25.50
C ALA A 5 -17.61 -7.76 -24.67
N GLY A 6 -17.40 -7.65 -23.43
CA GLY A 6 -18.20 -8.26 -22.47
C GLY A 6 -18.38 -7.31 -21.34
N VAL A 7 -19.38 -7.54 -20.58
CA VAL A 7 -19.74 -6.71 -19.47
C VAL A 7 -20.90 -7.33 -18.70
N GLN A 8 -20.53 -8.22 -17.86
CA GLN A 8 -21.43 -8.89 -16.98
C GLN A 8 -21.79 -8.00 -15.79
N SER A 9 -20.98 -8.09 -14.74
CA SER A 9 -21.15 -7.34 -13.51
C SER A 9 -20.24 -7.93 -12.46
N CYS A 10 -19.59 -7.09 -11.72
CA CYS A 10 -18.80 -7.51 -10.60
C CYS A 10 -19.19 -6.63 -9.44
N GLY A 11 -19.37 -7.22 -8.29
CA GLY A 11 -19.68 -6.47 -7.14
C GLY A 11 -18.43 -6.23 -6.34
N PRO A 12 -18.47 -6.46 -5.04
CA PRO A 12 -17.33 -6.24 -4.16
C PRO A 12 -16.15 -7.17 -4.52
N PRO A 13 -14.93 -6.63 -4.54
CA PRO A 13 -13.72 -7.39 -4.92
C PRO A 13 -13.44 -8.60 -3.99
N PRO A 14 -12.69 -9.58 -4.49
CA PRO A 14 -12.29 -10.76 -3.72
C PRO A 14 -11.26 -10.46 -2.64
N GLU A 15 -10.55 -11.46 -2.20
CA GLU A 15 -9.58 -11.30 -1.14
C GLU A 15 -8.16 -11.33 -1.73
N LEU A 16 -7.19 -11.09 -0.88
CA LEU A 16 -5.83 -11.30 -1.23
C LEU A 16 -5.32 -12.38 -0.27
N LEU A 17 -4.49 -13.25 -0.79
CA LEU A 17 -3.78 -14.33 -0.11
C LEU A 17 -3.35 -13.95 1.31
N ASN A 18 -2.41 -13.04 1.44
CA ASN A 18 -1.96 -12.63 2.77
C ASN A 18 -2.29 -11.19 2.99
N GLY A 19 -2.27 -10.46 1.91
CA GLY A 19 -2.62 -9.08 1.91
C GLY A 19 -4.12 -8.89 1.93
N ASN A 20 -4.58 -7.75 1.48
CA ASN A 20 -6.00 -7.49 1.43
C ASN A 20 -6.25 -6.23 0.65
N VAL A 21 -7.46 -5.81 0.56
CA VAL A 21 -7.85 -4.67 -0.22
C VAL A 21 -8.05 -3.47 0.70
N LYS A 22 -7.63 -2.30 0.24
CA LYS A 22 -7.73 -1.11 1.05
C LYS A 22 -8.99 -0.34 0.72
N GLU A 23 -9.41 -0.45 -0.53
CA GLU A 23 -10.53 0.29 -1.00
C GLU A 23 -11.79 -0.37 -0.53
N LYS A 24 -12.78 0.41 -0.34
CA LYS A 24 -14.03 -0.08 0.12
C LYS A 24 -14.88 -0.51 -1.02
N THR A 25 -15.85 -1.29 -0.72
CA THR A 25 -16.61 -1.93 -1.70
C THR A 25 -17.72 -1.06 -2.23
N LYS A 26 -17.71 -0.85 -3.53
CA LYS A 26 -18.73 -0.06 -4.19
C LYS A 26 -19.94 -0.91 -4.44
N GLU A 27 -19.70 -2.22 -4.50
CA GLU A 27 -20.73 -3.28 -4.69
C GLU A 27 -21.39 -3.25 -6.07
N GLU A 28 -21.21 -2.18 -6.79
CA GLU A 28 -21.65 -2.10 -8.14
C GLU A 28 -20.52 -1.54 -8.93
N TYR A 29 -19.67 -2.41 -9.38
CA TYR A 29 -18.54 -2.02 -10.17
C TYR A 29 -18.94 -2.08 -11.63
N GLY A 30 -19.21 -3.25 -12.10
CA GLY A 30 -19.69 -3.42 -13.45
C GLY A 30 -18.68 -4.11 -14.31
N HIS A 31 -17.80 -3.34 -14.91
CA HIS A 31 -16.78 -3.88 -15.78
C HIS A 31 -15.66 -2.86 -15.95
N SER A 32 -14.42 -3.35 -16.05
CA SER A 32 -13.21 -2.54 -16.27
C SER A 32 -12.81 -1.79 -14.99
N GLU A 33 -13.56 -2.02 -13.94
CA GLU A 33 -13.32 -1.42 -12.67
C GLU A 33 -12.13 -2.05 -12.00
N VAL A 34 -11.33 -1.25 -11.35
CA VAL A 34 -10.11 -1.72 -10.72
C VAL A 34 -10.15 -1.57 -9.22
N VAL A 35 -9.44 -2.42 -8.55
CA VAL A 35 -9.35 -2.43 -7.12
C VAL A 35 -7.91 -2.57 -6.69
N GLU A 36 -7.50 -1.76 -5.72
CA GLU A 36 -6.15 -1.80 -5.25
C GLU A 36 -6.04 -2.57 -3.92
N TYR A 37 -5.19 -3.55 -3.93
CA TYR A 37 -4.87 -4.35 -2.77
C TYR A 37 -3.54 -3.89 -2.18
N TYR A 38 -3.25 -4.38 -1.01
CA TYR A 38 -2.02 -4.12 -0.31
C TYR A 38 -1.56 -5.41 0.31
N CYS A 39 -0.30 -5.59 0.51
CA CYS A 39 0.16 -6.70 1.27
C CYS A 39 0.34 -6.30 2.70
N ASN A 40 0.42 -7.27 3.55
CA ASN A 40 0.66 -7.02 4.96
C ASN A 40 2.05 -6.38 5.11
N PRO A 41 2.30 -5.63 6.18
CA PRO A 41 3.55 -4.84 6.36
C PRO A 41 4.83 -5.68 6.57
N ARG A 42 4.72 -6.96 6.39
CA ARG A 42 5.87 -7.84 6.48
C ARG A 42 5.91 -8.77 5.28
N PHE A 43 5.02 -8.52 4.37
CA PHE A 43 4.94 -9.24 3.12
C PHE A 43 5.00 -8.29 1.95
N LEU A 44 5.66 -8.70 0.90
CA LEU A 44 5.79 -7.90 -0.28
C LEU A 44 4.76 -8.30 -1.29
N MET A 45 4.31 -7.33 -2.01
CA MET A 45 3.43 -7.54 -3.12
C MET A 45 4.24 -8.06 -4.30
N LYS A 46 3.98 -9.29 -4.68
CA LYS A 46 4.62 -9.87 -5.83
C LYS A 46 3.75 -9.67 -7.07
N GLY A 47 2.49 -9.99 -6.93
CA GLY A 47 1.59 -9.97 -8.06
C GLY A 47 0.99 -8.61 -8.34
N PRO A 48 -0.03 -8.55 -9.20
CA PRO A 48 -0.71 -7.30 -9.51
C PRO A 48 -1.65 -6.90 -8.41
N ASN A 49 -1.26 -5.90 -7.72
CA ASN A 49 -2.01 -5.37 -6.59
C ASN A 49 -3.25 -4.62 -7.04
N LYS A 50 -3.43 -4.45 -8.32
CA LYS A 50 -4.60 -3.83 -8.84
C LYS A 50 -5.25 -4.71 -9.87
N ILE A 51 -6.45 -5.10 -9.57
CA ILE A 51 -7.18 -6.03 -10.39
C ILE A 51 -8.30 -5.31 -11.09
N GLN A 52 -8.89 -5.97 -12.03
CA GLN A 52 -9.93 -5.41 -12.85
C GLN A 52 -11.00 -6.41 -13.10
N CYS A 53 -12.20 -5.94 -13.08
CA CYS A 53 -13.34 -6.73 -13.40
C CYS A 53 -13.42 -6.91 -14.90
N VAL A 54 -13.12 -8.08 -15.34
CA VAL A 54 -13.25 -8.36 -16.75
C VAL A 54 -14.59 -9.00 -16.98
N ASP A 55 -14.88 -9.38 -18.20
CA ASP A 55 -16.16 -9.97 -18.50
C ASP A 55 -16.24 -11.42 -18.03
N GLY A 56 -16.51 -11.55 -16.76
CA GLY A 56 -16.78 -12.81 -16.17
C GLY A 56 -16.39 -12.86 -14.72
N GLU A 57 -15.27 -12.27 -14.41
CA GLU A 57 -14.73 -12.29 -13.06
C GLU A 57 -13.65 -11.24 -12.97
N TRP A 58 -12.93 -11.24 -11.88
CA TRP A 58 -11.83 -10.31 -11.71
C TRP A 58 -10.56 -10.91 -12.28
N THR A 59 -9.57 -10.10 -12.47
CA THR A 59 -8.31 -10.53 -13.00
C THR A 59 -7.50 -11.31 -11.95
N THR A 60 -6.33 -11.75 -12.33
CA THR A 60 -5.50 -12.54 -11.46
C THR A 60 -5.08 -11.78 -10.21
N LEU A 61 -5.54 -12.28 -9.09
CA LEU A 61 -5.22 -11.75 -7.81
C LEU A 61 -3.75 -11.88 -7.50
N PRO A 62 -3.19 -10.92 -6.78
CA PRO A 62 -1.78 -10.89 -6.46
C PRO A 62 -1.35 -11.97 -5.45
N VAL A 63 -0.10 -11.90 -5.05
CA VAL A 63 0.53 -12.83 -4.13
C VAL A 63 1.40 -12.00 -3.21
N CYS A 64 1.34 -12.30 -1.94
CA CYS A 64 2.14 -11.62 -0.96
C CYS A 64 3.16 -12.61 -0.43
N ILE A 65 4.41 -12.24 -0.44
CA ILE A 65 5.51 -13.09 -0.01
C ILE A 65 6.31 -12.38 1.06
N VAL A 66 6.86 -13.10 1.97
CA VAL A 66 7.62 -12.47 3.04
C VAL A 66 9.08 -12.39 2.65
N GLU A 67 9.58 -11.19 2.53
CA GLU A 67 10.95 -10.99 2.15
C GLU A 67 11.86 -11.23 3.34
N GLU A 68 11.25 -11.05 4.52
CA GLU A 68 11.84 -11.29 5.82
C GLU A 68 13.10 -10.43 5.98
N SER A 69 12.97 -9.17 5.65
CA SER A 69 14.07 -8.24 5.69
C SER A 69 13.67 -6.99 6.48
N THR A 70 14.61 -6.36 7.13
CA THR A 70 14.31 -5.23 7.95
C THR A 70 15.09 -3.98 7.56
N CYS A 71 14.47 -2.85 7.74
CA CYS A 71 15.10 -1.55 7.50
C CYS A 71 15.91 -1.08 8.70
N GLY A 72 15.86 -1.83 9.76
CA GLY A 72 16.61 -1.47 10.93
C GLY A 72 15.74 -0.73 11.88
N ASP A 73 15.68 0.57 11.71
CA ASP A 73 14.84 1.41 12.53
C ASP A 73 14.47 2.65 11.78
N ILE A 74 13.82 3.55 12.45
CA ILE A 74 13.42 4.81 11.91
C ILE A 74 14.61 5.74 11.69
N PRO A 75 14.66 6.35 10.52
CA PRO A 75 15.73 7.25 10.13
C PRO A 75 15.67 8.57 10.87
N GLU A 76 16.55 9.42 10.55
CA GLU A 76 16.64 10.69 11.16
C GLU A 76 16.24 11.78 10.18
N LEU A 77 15.20 12.47 10.51
CA LEU A 77 14.76 13.60 9.74
C LEU A 77 15.42 14.80 10.38
N GLU A 78 15.88 15.75 9.58
CA GLU A 78 16.64 16.93 10.04
C GLU A 78 16.02 17.61 11.26
N HIS A 79 14.70 17.62 11.32
CA HIS A 79 13.95 18.18 12.42
C HIS A 79 12.67 17.40 12.61
N GLY A 80 12.76 16.10 12.41
CA GLY A 80 11.61 15.24 12.59
C GLY A 80 11.95 13.87 13.12
N TRP A 81 10.91 13.12 13.46
CA TRP A 81 10.97 11.80 14.03
C TRP A 81 9.65 11.15 13.72
N ALA A 82 9.18 10.24 14.50
CA ALA A 82 8.08 9.45 14.05
C ALA A 82 6.98 9.27 15.07
N GLN A 83 5.77 9.06 14.59
CA GLN A 83 4.62 8.83 15.47
C GLN A 83 4.50 7.37 15.79
N LEU A 84 4.59 6.55 14.77
CA LEU A 84 4.45 5.15 14.95
C LEU A 84 5.69 4.41 14.52
N SER A 85 6.15 3.58 15.38
CA SER A 85 7.25 2.73 15.10
C SER A 85 6.81 1.31 15.41
N SER A 86 6.95 0.41 14.49
CA SER A 86 6.61 -0.95 14.77
C SER A 86 7.70 -1.87 14.24
N PRO A 87 8.68 -2.21 15.07
CA PRO A 87 9.73 -3.13 14.71
C PRO A 87 9.33 -4.59 14.96
N PRO A 88 9.91 -5.54 14.22
CA PRO A 88 10.90 -5.25 13.18
C PRO A 88 10.27 -4.60 11.95
N TYR A 89 10.91 -3.59 11.42
CA TYR A 89 10.42 -2.84 10.28
C TYR A 89 10.76 -3.59 9.00
N TYR A 90 9.84 -4.40 8.54
CA TYR A 90 10.04 -5.20 7.34
C TYR A 90 9.86 -4.37 6.09
N TYR A 91 10.29 -4.93 4.96
CA TYR A 91 10.13 -4.26 3.70
C TYR A 91 8.65 -4.21 3.41
N GLY A 92 8.19 -3.10 2.93
CA GLY A 92 6.81 -3.00 2.62
C GLY A 92 6.02 -2.36 3.76
N ASP A 93 6.62 -2.30 4.95
CA ASP A 93 5.98 -1.63 6.09
C ASP A 93 6.15 -0.13 5.95
N SER A 94 5.39 0.61 6.70
CA SER A 94 5.35 2.02 6.58
C SER A 94 5.57 2.64 7.92
N VAL A 95 6.03 3.85 7.89
CA VAL A 95 6.22 4.62 9.05
C VAL A 95 5.74 6.02 8.79
N GLU A 96 5.07 6.57 9.74
CA GLU A 96 4.60 7.91 9.64
C GLU A 96 5.42 8.81 10.54
N PHE A 97 6.03 9.77 9.93
CA PHE A 97 6.92 10.73 10.57
C PHE A 97 6.18 11.97 11.02
N ASN A 98 6.63 12.54 12.10
CA ASN A 98 6.08 13.76 12.67
C ASN A 98 7.17 14.77 12.66
N CYS A 99 6.83 15.95 12.31
CA CYS A 99 7.77 17.01 12.29
C CYS A 99 7.90 17.57 13.70
N SER A 100 9.02 18.19 14.01
CA SER A 100 9.23 18.80 15.29
C SER A 100 8.23 19.92 15.43
N GLU A 101 7.79 20.16 16.61
CA GLU A 101 6.85 21.18 16.83
C GLU A 101 7.58 22.50 16.68
N SER A 102 6.91 23.42 16.02
CA SER A 102 7.40 24.73 15.63
C SER A 102 8.14 24.65 14.28
N PHE A 103 8.08 23.48 13.67
CA PHE A 103 8.56 23.28 12.35
C PHE A 103 7.43 22.75 11.51
N THR A 104 7.46 23.00 10.25
CA THR A 104 6.45 22.50 9.37
C THR A 104 7.11 21.52 8.41
N MET A 105 6.45 20.41 8.16
CA MET A 105 7.01 19.37 7.33
C MET A 105 6.60 19.59 5.87
N ILE A 106 7.52 19.36 5.00
CA ILE A 106 7.29 19.48 3.59
C ILE A 106 7.61 18.15 2.97
N GLY A 107 6.64 17.55 2.35
CA GLY A 107 6.85 16.28 1.70
C GLY A 107 5.90 15.27 2.19
N HIS A 108 6.28 14.02 2.09
CA HIS A 108 5.39 12.98 2.49
C HIS A 108 5.72 12.52 3.88
N ARG A 109 4.76 12.70 4.73
CA ARG A 109 4.81 12.32 6.15
C ARG A 109 5.06 10.85 6.36
N SER A 110 4.72 10.05 5.40
CA SER A 110 4.82 8.65 5.62
C SER A 110 5.81 8.04 4.66
N ILE A 111 6.44 7.00 5.11
CA ILE A 111 7.46 6.33 4.34
C ILE A 111 7.18 4.87 4.27
N THR A 112 7.97 4.19 3.50
CA THR A 112 7.85 2.78 3.32
C THR A 112 9.26 2.20 3.27
N CYS A 113 9.45 1.08 3.94
CA CYS A 113 10.72 0.37 3.99
C CYS A 113 11.02 -0.23 2.65
N ILE A 114 12.02 0.33 1.96
CA ILE A 114 12.37 -0.11 0.63
C ILE A 114 13.88 -0.43 0.52
N HIS A 115 14.21 -1.71 0.48
CA HIS A 115 15.58 -2.22 0.26
C HIS A 115 16.52 -1.83 1.40
N GLY A 116 15.96 -1.67 2.56
CA GLY A 116 16.73 -1.33 3.73
C GLY A 116 16.76 0.16 3.98
N VAL A 117 16.02 0.93 3.19
CA VAL A 117 15.98 2.36 3.33
C VAL A 117 14.55 2.81 3.24
N TRP A 118 14.16 3.75 4.03
CA TRP A 118 12.81 4.26 3.92
C TRP A 118 12.75 5.23 2.76
N THR A 119 11.60 5.29 2.12
CA THR A 119 11.35 6.05 0.88
C THR A 119 12.12 7.35 0.71
N GLN A 120 11.74 8.38 1.44
CA GLN A 120 12.31 9.68 1.19
C GLN A 120 12.22 10.66 2.33
N LEU A 121 11.18 10.51 3.13
CA LEU A 121 10.90 11.37 4.30
C LEU A 121 10.57 12.80 3.88
N PRO A 122 9.87 13.54 4.71
CA PRO A 122 9.65 14.93 4.49
C PRO A 122 10.81 15.75 5.07
N GLN A 123 10.74 17.05 4.95
CA GLN A 123 11.75 17.92 5.49
C GLN A 123 11.08 18.93 6.38
N CYS A 124 11.69 19.28 7.44
CA CYS A 124 11.13 20.29 8.33
C CYS A 124 11.83 21.61 8.22
N VAL A 125 11.07 22.68 8.24
CA VAL A 125 11.58 24.03 8.20
C VAL A 125 10.97 24.80 9.36
N ALA A 126 11.74 25.70 9.93
CA ALA A 126 11.33 26.44 11.09
C ALA A 126 10.25 27.45 10.77
N ILE A 127 9.09 27.24 11.36
CA ILE A 127 7.98 28.17 11.22
C ILE A 127 8.33 29.45 11.95
N GLU A 1 -25.80 -7.04 -33.84
CA GLU A 1 -25.08 -5.82 -33.52
C GLU A 1 -26.03 -4.88 -32.78
N ALA A 2 -25.99 -4.96 -31.49
CA ALA A 2 -26.76 -4.16 -30.57
C ALA A 2 -26.26 -4.51 -29.22
N GLU A 3 -26.29 -3.59 -28.28
CA GLU A 3 -25.79 -3.80 -26.92
C GLU A 3 -24.31 -4.21 -26.98
N ALA A 4 -23.86 -4.91 -25.97
CA ALA A 4 -22.50 -5.39 -25.92
C ALA A 4 -22.50 -6.87 -25.60
N ALA A 5 -21.54 -7.58 -26.12
CA ALA A 5 -21.43 -9.00 -25.87
C ALA A 5 -20.65 -9.23 -24.59
N GLY A 6 -21.35 -9.67 -23.59
CA GLY A 6 -20.78 -9.87 -22.31
C GLY A 6 -21.31 -8.85 -21.37
N VAL A 7 -20.41 -8.20 -20.66
CA VAL A 7 -20.69 -7.17 -19.67
C VAL A 7 -21.83 -7.56 -18.69
N GLN A 8 -21.45 -8.32 -17.73
CA GLN A 8 -22.32 -8.91 -16.76
C GLN A 8 -22.57 -8.03 -15.52
N SER A 9 -21.87 -8.34 -14.44
CA SER A 9 -22.07 -7.71 -13.13
C SER A 9 -21.10 -8.36 -12.18
N CYS A 10 -20.53 -7.60 -11.34
CA CYS A 10 -19.60 -8.11 -10.40
C CYS A 10 -19.96 -7.59 -9.05
N GLY A 11 -19.53 -8.25 -8.00
CA GLY A 11 -19.80 -7.76 -6.73
C GLY A 11 -18.53 -7.22 -6.18
N PRO A 12 -18.37 -7.27 -4.88
CA PRO A 12 -17.16 -6.80 -4.20
C PRO A 12 -15.93 -7.58 -4.67
N PRO A 13 -14.76 -6.95 -4.68
CA PRO A 13 -13.55 -7.62 -5.08
C PRO A 13 -13.21 -8.77 -4.12
N PRO A 14 -12.55 -9.81 -4.61
CA PRO A 14 -12.15 -10.95 -3.79
C PRO A 14 -11.05 -10.58 -2.79
N GLU A 15 -10.44 -11.55 -2.20
CA GLU A 15 -9.44 -11.28 -1.22
C GLU A 15 -8.07 -11.61 -1.76
N LEU A 16 -7.09 -10.91 -1.27
CA LEU A 16 -5.73 -11.20 -1.62
C LEU A 16 -5.19 -12.16 -0.57
N LEU A 17 -4.48 -13.16 -1.05
CA LEU A 17 -3.73 -14.15 -0.27
C LEU A 17 -3.17 -13.61 1.06
N ASN A 18 -2.20 -12.72 0.99
CA ASN A 18 -1.61 -12.18 2.21
C ASN A 18 -1.48 -10.68 2.08
N GLY A 19 -2.41 -10.20 1.42
CA GLY A 19 -2.61 -8.80 1.24
C GLY A 19 -4.08 -8.52 1.32
N ASN A 20 -4.52 -7.43 0.74
CA ASN A 20 -5.93 -7.05 0.74
C ASN A 20 -6.14 -5.83 -0.13
N VAL A 21 -7.34 -5.35 -0.21
CA VAL A 21 -7.71 -4.25 -1.10
C VAL A 21 -7.78 -2.92 -0.34
N LYS A 22 -7.30 -1.84 -0.97
CA LYS A 22 -7.27 -0.55 -0.31
C LYS A 22 -8.49 0.29 -0.68
N GLU A 23 -9.08 -0.03 -1.81
CA GLU A 23 -10.25 0.67 -2.29
C GLU A 23 -11.48 0.14 -1.57
N LYS A 24 -12.60 0.78 -1.76
CA LYS A 24 -13.79 0.39 -1.04
C LYS A 24 -14.63 -0.53 -1.87
N THR A 25 -15.57 -1.19 -1.24
CA THR A 25 -16.42 -2.11 -1.93
C THR A 25 -17.69 -1.43 -2.46
N LYS A 26 -17.88 -1.48 -3.75
CA LYS A 26 -19.05 -0.89 -4.38
C LYS A 26 -20.17 -1.90 -4.43
N GLU A 27 -19.76 -3.17 -4.42
CA GLU A 27 -20.65 -4.35 -4.42
C GLU A 27 -21.43 -4.55 -5.73
N GLU A 28 -21.45 -3.55 -6.56
CA GLU A 28 -22.04 -3.64 -7.87
C GLU A 28 -21.04 -3.07 -8.85
N TYR A 29 -20.25 -3.95 -9.39
CA TYR A 29 -19.24 -3.62 -10.35
C TYR A 29 -19.65 -4.17 -11.69
N GLY A 30 -18.84 -3.98 -12.66
CA GLY A 30 -19.15 -4.45 -13.94
C GLY A 30 -17.90 -4.75 -14.71
N HIS A 31 -18.00 -4.62 -15.98
CA HIS A 31 -16.94 -4.98 -16.86
C HIS A 31 -15.88 -3.88 -16.89
N SER A 32 -14.63 -4.31 -16.80
CA SER A 32 -13.45 -3.46 -16.84
C SER A 32 -13.24 -2.67 -15.52
N GLU A 33 -13.89 -3.13 -14.47
CA GLU A 33 -13.67 -2.54 -13.17
C GLU A 33 -12.40 -3.06 -12.57
N VAL A 34 -11.56 -2.19 -12.12
CA VAL A 34 -10.30 -2.60 -11.52
C VAL A 34 -10.29 -2.31 -10.06
N VAL A 35 -9.54 -3.10 -9.34
CA VAL A 35 -9.39 -2.98 -7.91
C VAL A 35 -7.92 -3.11 -7.55
N GLU A 36 -7.43 -2.20 -6.74
CA GLU A 36 -6.06 -2.19 -6.33
C GLU A 36 -5.88 -2.78 -4.92
N TYR A 37 -4.98 -3.72 -4.83
CA TYR A 37 -4.63 -4.40 -3.62
C TYR A 37 -3.27 -3.94 -3.11
N TYR A 38 -3.00 -4.28 -1.88
CA TYR A 38 -1.75 -4.03 -1.21
C TYR A 38 -1.41 -5.32 -0.47
N CYS A 39 -0.17 -5.53 -0.17
CA CYS A 39 0.23 -6.68 0.65
C CYS A 39 0.30 -6.27 2.11
N ASN A 40 0.34 -7.25 3.01
CA ASN A 40 0.51 -7.01 4.44
C ASN A 40 1.76 -6.15 4.66
N PRO A 41 1.86 -5.43 5.79
CA PRO A 41 2.96 -4.45 6.07
C PRO A 41 4.35 -5.11 6.30
N ARG A 42 4.42 -6.38 6.03
CA ARG A 42 5.62 -7.17 6.16
C ARG A 42 5.87 -8.02 4.93
N PHE A 43 4.97 -7.93 4.00
CA PHE A 43 5.02 -8.66 2.76
C PHE A 43 5.15 -7.74 1.58
N LEU A 44 5.64 -8.28 0.50
CA LEU A 44 5.90 -7.57 -0.71
C LEU A 44 5.00 -8.09 -1.81
N MET A 45 4.52 -7.20 -2.61
CA MET A 45 3.64 -7.53 -3.71
C MET A 45 4.42 -8.16 -4.85
N LYS A 46 4.10 -9.39 -5.19
CA LYS A 46 4.77 -10.06 -6.28
C LYS A 46 3.92 -9.98 -7.55
N GLY A 47 2.65 -10.28 -7.41
CA GLY A 47 1.79 -10.38 -8.57
C GLY A 47 1.16 -9.06 -8.95
N PRO A 48 0.19 -9.08 -9.90
CA PRO A 48 -0.51 -7.88 -10.32
C PRO A 48 -1.49 -7.42 -9.27
N ASN A 49 -1.12 -6.40 -8.59
CA ASN A 49 -1.89 -5.84 -7.49
C ASN A 49 -3.19 -5.17 -7.93
N LYS A 50 -3.43 -5.13 -9.21
CA LYS A 50 -4.65 -4.61 -9.73
C LYS A 50 -5.34 -5.66 -10.56
N ILE A 51 -6.57 -5.87 -10.25
CA ILE A 51 -7.35 -6.86 -10.91
C ILE A 51 -8.49 -6.19 -11.62
N GLN A 52 -9.12 -6.90 -12.48
CA GLN A 52 -10.18 -6.38 -13.30
C GLN A 52 -11.27 -7.38 -13.38
N CYS A 53 -12.49 -6.91 -13.33
CA CYS A 53 -13.58 -7.80 -13.49
C CYS A 53 -13.91 -7.87 -14.95
N VAL A 54 -13.72 -9.01 -15.50
CA VAL A 54 -14.01 -9.23 -16.90
C VAL A 54 -15.45 -9.68 -17.01
N ASP A 55 -15.90 -10.09 -18.19
CA ASP A 55 -17.30 -10.51 -18.31
C ASP A 55 -17.51 -11.90 -17.78
N GLY A 56 -17.54 -11.97 -16.47
CA GLY A 56 -17.87 -13.15 -15.77
C GLY A 56 -17.32 -13.11 -14.36
N GLU A 57 -16.04 -12.90 -14.23
CA GLU A 57 -15.37 -12.87 -12.94
C GLU A 57 -14.17 -11.95 -12.99
N TRP A 58 -13.42 -11.89 -11.91
CA TRP A 58 -12.25 -11.05 -11.83
C TRP A 58 -11.01 -11.75 -12.43
N THR A 59 -9.91 -11.04 -12.49
CA THR A 59 -8.67 -11.56 -13.03
C THR A 59 -7.83 -12.23 -11.95
N THR A 60 -6.64 -12.64 -12.35
CA THR A 60 -5.71 -13.30 -11.49
C THR A 60 -5.30 -12.42 -10.31
N LEU A 61 -5.63 -12.89 -9.13
CA LEU A 61 -5.27 -12.23 -7.89
C LEU A 61 -3.78 -12.30 -7.64
N PRO A 62 -3.22 -11.25 -7.06
CA PRO A 62 -1.82 -11.17 -6.70
C PRO A 62 -1.52 -11.93 -5.50
N VAL A 63 -0.29 -12.04 -5.29
CA VAL A 63 0.24 -12.79 -4.30
C VAL A 63 1.27 -11.96 -3.59
N CYS A 64 1.52 -12.31 -2.39
CA CYS A 64 2.38 -11.58 -1.55
C CYS A 64 3.41 -12.51 -0.98
N ILE A 65 4.62 -12.06 -0.93
CA ILE A 65 5.73 -12.81 -0.40
C ILE A 65 6.45 -11.99 0.62
N VAL A 66 7.06 -12.60 1.54
CA VAL A 66 7.75 -11.89 2.58
C VAL A 66 9.23 -11.82 2.21
N GLU A 67 9.83 -10.66 2.30
CA GLU A 67 11.25 -10.56 2.01
C GLU A 67 12.05 -11.03 3.21
N GLU A 68 11.36 -10.98 4.35
CA GLU A 68 11.89 -11.30 5.66
C GLU A 68 13.29 -10.81 5.91
N SER A 69 13.36 -9.54 5.81
CA SER A 69 14.46 -8.72 6.09
C SER A 69 13.77 -7.47 6.58
N THR A 70 14.40 -6.69 7.36
CA THR A 70 13.73 -5.60 7.93
C THR A 70 14.38 -4.32 7.49
N CYS A 71 13.78 -3.26 7.88
CA CYS A 71 14.23 -1.95 7.54
C CYS A 71 15.10 -1.40 8.64
N GLY A 72 15.07 -2.07 9.74
CA GLY A 72 15.94 -1.73 10.84
C GLY A 72 15.22 -1.02 11.91
N ASP A 73 14.98 0.25 11.66
CA ASP A 73 14.27 1.11 12.58
C ASP A 73 14.02 2.40 11.81
N ILE A 74 13.66 3.41 12.52
CA ILE A 74 13.40 4.70 12.02
C ILE A 74 14.69 5.47 11.78
N PRO A 75 14.76 6.16 10.65
CA PRO A 75 15.91 6.95 10.27
C PRO A 75 15.98 8.23 11.06
N GLU A 76 16.93 9.03 10.76
CA GLU A 76 17.07 10.25 11.46
C GLU A 76 16.84 11.39 10.51
N LEU A 77 15.85 12.15 10.77
CA LEU A 77 15.52 13.27 9.95
C LEU A 77 16.29 14.46 10.48
N GLU A 78 16.75 15.33 9.57
CA GLU A 78 17.59 16.51 9.86
C GLU A 78 17.16 17.24 11.14
N HIS A 79 15.88 17.47 11.27
CA HIS A 79 15.31 18.19 12.39
C HIS A 79 13.99 17.54 12.72
N GLY A 80 13.93 16.26 12.47
CA GLY A 80 12.74 15.50 12.65
C GLY A 80 13.00 14.20 13.39
N TRP A 81 11.93 13.49 13.66
CA TRP A 81 11.89 12.28 14.42
C TRP A 81 10.55 11.63 14.14
N ALA A 82 10.07 10.82 15.03
CA ALA A 82 8.95 9.99 14.67
C ALA A 82 7.88 9.90 15.77
N GLN A 83 6.64 9.70 15.34
CA GLN A 83 5.51 9.57 16.27
C GLN A 83 5.35 8.14 16.72
N LEU A 84 5.49 7.23 15.78
CA LEU A 84 5.32 5.84 16.06
C LEU A 84 6.43 5.04 15.44
N SER A 85 6.79 3.98 16.10
CA SER A 85 7.73 3.04 15.59
C SER A 85 7.00 1.70 15.52
N SER A 86 7.08 1.04 14.41
CA SER A 86 6.38 -0.22 14.24
C SER A 86 7.32 -1.39 13.87
N PRO A 87 7.88 -2.05 14.89
CA PRO A 87 8.71 -3.21 14.69
C PRO A 87 7.88 -4.52 14.73
N PRO A 88 8.31 -5.53 13.97
CA PRO A 88 9.49 -5.43 13.11
C PRO A 88 9.19 -4.59 11.87
N TYR A 89 10.04 -3.61 11.63
CA TYR A 89 9.84 -2.71 10.50
C TYR A 89 10.17 -3.48 9.24
N TYR A 90 9.19 -4.00 8.59
CA TYR A 90 9.37 -4.74 7.37
C TYR A 90 9.14 -3.88 6.16
N TYR A 91 9.36 -4.49 5.01
CA TYR A 91 9.10 -3.83 3.76
C TYR A 91 7.60 -3.65 3.65
N GLY A 92 7.19 -2.51 3.20
CA GLY A 92 5.79 -2.23 3.09
C GLY A 92 5.19 -1.69 4.38
N ASP A 93 5.98 -1.58 5.45
CA ASP A 93 5.46 -1.00 6.69
C ASP A 93 5.60 0.52 6.55
N SER A 94 5.10 1.25 7.49
CA SER A 94 5.06 2.69 7.35
C SER A 94 5.31 3.34 8.67
N VAL A 95 5.82 4.51 8.61
CA VAL A 95 6.10 5.26 9.79
C VAL A 95 5.71 6.70 9.61
N GLU A 96 5.17 7.29 10.66
CA GLU A 96 4.85 8.69 10.64
C GLU A 96 5.91 9.49 11.36
N PHE A 97 6.51 10.39 10.65
CA PHE A 97 7.54 11.27 11.13
C PHE A 97 6.97 12.61 11.49
N ASN A 98 7.69 13.34 12.27
CA ASN A 98 7.28 14.67 12.67
C ASN A 98 8.54 15.45 12.86
N CYS A 99 8.42 16.72 12.89
CA CYS A 99 9.53 17.60 13.05
C CYS A 99 9.47 18.21 14.43
N SER A 100 10.60 18.62 14.94
CA SER A 100 10.69 19.21 16.26
C SER A 100 9.88 20.49 16.36
N GLU A 101 9.44 20.82 17.56
CA GLU A 101 8.73 22.04 17.77
C GLU A 101 9.69 23.19 17.46
N SER A 102 9.14 24.17 16.80
CA SER A 102 9.83 25.35 16.26
C SER A 102 10.35 25.06 14.86
N PHE A 103 10.13 23.85 14.40
CA PHE A 103 10.42 23.50 13.06
C PHE A 103 9.14 23.12 12.38
N THR A 104 9.06 23.34 11.13
CA THR A 104 7.92 22.98 10.37
C THR A 104 8.34 21.96 9.34
N MET A 105 7.46 21.04 9.05
CA MET A 105 7.77 19.98 8.13
C MET A 105 7.32 20.30 6.72
N ILE A 106 8.15 19.98 5.79
CA ILE A 106 7.88 20.15 4.40
C ILE A 106 7.77 18.78 3.78
N GLY A 107 6.61 18.47 3.27
CA GLY A 107 6.34 17.17 2.73
C GLY A 107 5.22 16.53 3.49
N HIS A 108 5.35 15.27 3.75
CA HIS A 108 4.38 14.54 4.50
C HIS A 108 5.05 13.79 5.62
N ARG A 109 4.27 13.31 6.51
CA ARG A 109 4.75 12.62 7.66
C ARG A 109 4.96 11.14 7.45
N SER A 110 4.15 10.51 6.64
CA SER A 110 4.25 9.06 6.56
C SER A 110 5.16 8.53 5.46
N ILE A 111 5.98 7.60 5.83
CA ILE A 111 6.91 6.96 4.94
C ILE A 111 6.60 5.50 4.85
N THR A 112 7.15 4.86 3.88
CA THR A 112 6.96 3.46 3.68
C THR A 112 8.32 2.84 3.47
N CYS A 113 8.54 1.70 4.04
CA CYS A 113 9.79 1.04 3.87
C CYS A 113 9.88 0.34 2.54
N ILE A 114 10.87 0.74 1.82
CA ILE A 114 11.19 0.23 0.52
C ILE A 114 12.68 -0.16 0.51
N HIS A 115 12.95 -1.47 0.50
CA HIS A 115 14.35 -2.01 0.38
C HIS A 115 15.16 -1.78 1.65
N GLY A 116 14.50 -1.69 2.76
CA GLY A 116 15.19 -1.43 3.99
C GLY A 116 15.19 0.03 4.32
N VAL A 117 14.84 0.85 3.37
CA VAL A 117 14.93 2.23 3.52
C VAL A 117 13.54 2.78 3.50
N TRP A 118 13.33 3.92 4.03
CA TRP A 118 12.03 4.51 3.97
C TRP A 118 11.99 5.46 2.79
N THR A 119 10.78 5.75 2.32
CA THR A 119 10.56 6.56 1.10
C THR A 119 11.48 7.77 0.91
N GLN A 120 11.32 8.78 1.72
CA GLN A 120 12.06 10.03 1.51
C GLN A 120 12.10 10.95 2.69
N LEU A 121 11.06 10.89 3.52
CA LEU A 121 10.91 11.70 4.74
C LEU A 121 10.65 13.19 4.36
N PRO A 122 10.06 13.97 5.26
CA PRO A 122 9.89 15.41 5.02
C PRO A 122 11.20 16.17 5.27
N GLN A 123 11.12 17.47 5.26
CA GLN A 123 12.25 18.33 5.58
C GLN A 123 11.79 19.24 6.69
N CYS A 124 12.54 19.36 7.73
CA CYS A 124 12.12 20.20 8.84
C CYS A 124 12.98 21.45 8.86
N VAL A 125 12.35 22.59 8.85
CA VAL A 125 13.06 23.84 8.77
C VAL A 125 12.70 24.71 9.94
N ALA A 126 13.65 25.50 10.38
CA ALA A 126 13.47 26.37 11.52
C ALA A 126 12.51 27.49 11.20
N ILE A 127 11.40 27.49 11.87
CA ILE A 127 10.39 28.54 11.77
C ILE A 127 10.99 29.86 12.25
N GLU A 1 -14.88 -14.26 -27.18
CA GLU A 1 -14.16 -13.09 -27.71
C GLU A 1 -14.61 -11.82 -27.00
N ALA A 2 -15.94 -11.65 -26.91
CA ALA A 2 -16.57 -10.51 -26.24
C ALA A 2 -16.26 -9.18 -26.92
N GLU A 3 -17.03 -8.85 -27.94
CA GLU A 3 -16.82 -7.59 -28.65
C GLU A 3 -17.50 -6.43 -27.92
N ALA A 4 -18.67 -6.68 -27.41
CA ALA A 4 -19.38 -5.68 -26.64
C ALA A 4 -20.08 -6.36 -25.48
N ALA A 5 -20.79 -7.42 -25.79
CA ALA A 5 -21.46 -8.23 -24.79
C ALA A 5 -20.44 -9.17 -24.17
N GLY A 6 -20.81 -9.87 -23.15
CA GLY A 6 -19.87 -10.69 -22.46
C GLY A 6 -19.23 -9.85 -21.40
N VAL A 7 -20.05 -9.35 -20.53
CA VAL A 7 -19.61 -8.43 -19.51
C VAL A 7 -20.05 -8.88 -18.14
N GLN A 8 -20.97 -9.83 -18.16
CA GLN A 8 -21.84 -10.37 -17.05
C GLN A 8 -22.17 -9.45 -15.85
N SER A 9 -21.16 -8.80 -15.33
CA SER A 9 -21.19 -7.90 -14.18
C SER A 9 -21.21 -8.66 -12.87
N CYS A 10 -20.29 -8.31 -12.03
CA CYS A 10 -20.09 -8.94 -10.76
C CYS A 10 -20.35 -7.95 -9.62
N GLY A 11 -20.05 -8.35 -8.40
CA GLY A 11 -20.18 -7.53 -7.29
C GLY A 11 -18.83 -7.31 -6.66
N PRO A 12 -18.75 -7.36 -5.33
CA PRO A 12 -17.52 -7.09 -4.57
C PRO A 12 -16.35 -8.00 -4.94
N PRO A 13 -15.13 -7.47 -4.85
CA PRO A 13 -13.91 -8.20 -5.17
C PRO A 13 -13.66 -9.36 -4.21
N PRO A 14 -12.88 -10.34 -4.65
CA PRO A 14 -12.39 -11.43 -3.80
C PRO A 14 -11.42 -10.93 -2.72
N GLU A 15 -10.67 -11.81 -2.11
CA GLU A 15 -9.75 -11.40 -1.09
C GLU A 15 -8.33 -11.65 -1.53
N LEU A 16 -7.38 -10.97 -0.93
CA LEU A 16 -6.00 -11.21 -1.26
C LEU A 16 -5.48 -12.24 -0.25
N LEU A 17 -4.74 -13.22 -0.77
CA LEU A 17 -4.03 -14.26 -0.02
C LEU A 17 -3.55 -13.74 1.33
N ASN A 18 -2.64 -12.79 1.31
CA ASN A 18 -2.10 -12.30 2.55
C ASN A 18 -2.57 -10.88 2.81
N GLY A 19 -2.73 -10.14 1.74
CA GLY A 19 -3.15 -8.76 1.82
C GLY A 19 -4.65 -8.59 1.93
N ASN A 20 -5.14 -7.52 1.37
CA ASN A 20 -6.56 -7.19 1.42
C ASN A 20 -6.86 -6.18 0.31
N VAL A 21 -8.06 -5.68 0.31
CA VAL A 21 -8.57 -4.77 -0.67
C VAL A 21 -8.63 -3.37 -0.08
N LYS A 22 -8.28 -2.38 -0.86
CA LYS A 22 -8.32 -1.01 -0.39
C LYS A 22 -9.49 -0.28 -1.06
N GLU A 23 -10.04 -0.93 -2.06
CA GLU A 23 -11.15 -0.41 -2.83
C GLU A 23 -12.42 -0.60 -2.04
N LYS A 24 -13.40 0.23 -2.30
CA LYS A 24 -14.65 0.14 -1.60
C LYS A 24 -15.59 -0.75 -2.34
N THR A 25 -16.38 -1.46 -1.60
CA THR A 25 -17.33 -2.38 -2.15
C THR A 25 -18.57 -1.64 -2.63
N LYS A 26 -18.84 -1.79 -3.90
CA LYS A 26 -19.96 -1.09 -4.54
C LYS A 26 -21.13 -2.02 -4.75
N GLU A 27 -20.86 -3.34 -4.62
CA GLU A 27 -21.84 -4.46 -4.90
C GLU A 27 -22.21 -4.54 -6.40
N GLU A 28 -22.18 -3.43 -7.07
CA GLU A 28 -22.44 -3.37 -8.48
C GLU A 28 -21.16 -3.01 -9.19
N TYR A 29 -20.54 -3.98 -9.78
CA TYR A 29 -19.37 -3.77 -10.59
C TYR A 29 -19.73 -4.22 -11.99
N GLY A 30 -18.77 -4.50 -12.80
CA GLY A 30 -19.04 -4.90 -14.12
C GLY A 30 -17.79 -5.26 -14.83
N HIS A 31 -17.90 -5.37 -16.12
CA HIS A 31 -16.80 -5.72 -16.97
C HIS A 31 -15.80 -4.60 -17.00
N SER A 32 -14.55 -4.97 -16.91
CA SER A 32 -13.43 -4.07 -16.97
C SER A 32 -13.21 -3.27 -15.68
N GLU A 33 -14.01 -3.56 -14.65
CA GLU A 33 -13.86 -2.91 -13.34
C GLU A 33 -12.61 -3.43 -12.68
N VAL A 34 -11.87 -2.57 -12.04
CA VAL A 34 -10.60 -2.96 -11.45
C VAL A 34 -10.55 -2.73 -9.97
N VAL A 35 -9.97 -3.67 -9.28
CA VAL A 35 -9.79 -3.60 -7.85
C VAL A 35 -8.32 -3.69 -7.52
N GLU A 36 -7.89 -2.79 -6.67
CA GLU A 36 -6.54 -2.72 -6.26
C GLU A 36 -6.37 -3.32 -4.86
N TYR A 37 -5.46 -4.21 -4.77
CA TYR A 37 -5.12 -4.88 -3.55
C TYR A 37 -3.86 -4.30 -2.97
N TYR A 38 -3.67 -4.55 -1.71
CA TYR A 38 -2.46 -4.17 -1.02
C TYR A 38 -2.07 -5.34 -0.17
N CYS A 39 -0.81 -5.59 -0.06
CA CYS A 39 -0.33 -6.63 0.81
C CYS A 39 -0.17 -6.07 2.21
N ASN A 40 -0.07 -6.96 3.18
CA ASN A 40 0.20 -6.58 4.57
C ASN A 40 1.55 -5.86 4.57
N PRO A 41 1.81 -4.99 5.52
CA PRO A 41 3.01 -4.12 5.56
C PRO A 41 4.34 -4.87 5.75
N ARG A 42 4.27 -6.17 5.94
CA ARG A 42 5.45 -6.97 6.09
C ARG A 42 5.63 -7.89 4.89
N PHE A 43 4.68 -7.84 4.03
CA PHE A 43 4.67 -8.60 2.81
C PHE A 43 4.67 -7.68 1.62
N LEU A 44 5.25 -8.12 0.58
CA LEU A 44 5.34 -7.38 -0.63
C LEU A 44 4.45 -7.99 -1.65
N MET A 45 3.92 -7.14 -2.46
CA MET A 45 3.07 -7.54 -3.55
C MET A 45 3.94 -8.22 -4.60
N LYS A 46 3.61 -9.43 -4.94
CA LYS A 46 4.38 -10.17 -5.91
C LYS A 46 3.68 -10.10 -7.26
N GLY A 47 2.40 -10.39 -7.26
CA GLY A 47 1.67 -10.49 -8.50
C GLY A 47 0.97 -9.21 -8.89
N PRO A 48 -0.01 -9.29 -9.81
CA PRO A 48 -0.78 -8.14 -10.24
C PRO A 48 -1.77 -7.74 -9.18
N ASN A 49 -1.47 -6.67 -8.52
CA ASN A 49 -2.28 -6.18 -7.39
C ASN A 49 -3.64 -5.66 -7.83
N LYS A 50 -3.82 -5.56 -9.08
CA LYS A 50 -5.02 -5.05 -9.64
C LYS A 50 -5.67 -6.10 -10.48
N ILE A 51 -6.92 -6.31 -10.25
CA ILE A 51 -7.67 -7.29 -10.96
C ILE A 51 -8.80 -6.62 -11.67
N GLN A 52 -9.37 -7.32 -12.58
CA GLN A 52 -10.41 -6.80 -13.41
C GLN A 52 -11.51 -7.82 -13.54
N CYS A 53 -12.72 -7.35 -13.48
CA CYS A 53 -13.87 -8.22 -13.61
C CYS A 53 -14.17 -8.43 -15.08
N VAL A 54 -13.90 -9.60 -15.56
CA VAL A 54 -14.10 -9.90 -16.95
C VAL A 54 -15.44 -10.63 -17.17
N ASP A 55 -15.59 -11.23 -18.33
CA ASP A 55 -16.79 -11.97 -18.69
C ASP A 55 -16.85 -13.30 -17.95
N GLY A 56 -17.26 -13.22 -16.72
CA GLY A 56 -17.49 -14.37 -15.91
C GLY A 56 -17.04 -14.19 -14.49
N GLU A 57 -15.83 -13.75 -14.32
CA GLU A 57 -15.25 -13.59 -12.98
C GLU A 57 -14.15 -12.55 -13.02
N TRP A 58 -13.42 -12.43 -11.94
CA TRP A 58 -12.31 -11.51 -11.85
C TRP A 58 -11.04 -12.18 -12.39
N THR A 59 -10.04 -11.38 -12.71
CA THR A 59 -8.78 -11.88 -13.24
C THR A 59 -7.90 -12.51 -12.17
N THR A 60 -6.72 -12.95 -12.58
CA THR A 60 -5.73 -13.55 -11.72
C THR A 60 -5.32 -12.59 -10.60
N LEU A 61 -5.66 -12.96 -9.39
CA LEU A 61 -5.29 -12.21 -8.22
C LEU A 61 -3.81 -12.30 -7.91
N PRO A 62 -3.28 -11.30 -7.20
CA PRO A 62 -1.89 -11.23 -6.82
C PRO A 62 -1.51 -12.22 -5.72
N VAL A 63 -0.27 -12.14 -5.35
CA VAL A 63 0.33 -12.97 -4.34
C VAL A 63 1.12 -12.02 -3.46
N CYS A 64 1.24 -12.35 -2.21
CA CYS A 64 1.99 -11.56 -1.28
C CYS A 64 3.11 -12.42 -0.72
N ILE A 65 4.31 -11.91 -0.77
CA ILE A 65 5.49 -12.63 -0.34
C ILE A 65 6.19 -11.83 0.71
N VAL A 66 6.99 -12.46 1.49
CA VAL A 66 7.70 -11.75 2.52
C VAL A 66 9.14 -11.57 2.10
N GLU A 67 9.46 -10.34 2.01
CA GLU A 67 10.76 -9.85 1.66
C GLU A 67 11.79 -10.29 2.70
N GLU A 68 11.36 -10.30 3.96
CA GLU A 68 12.21 -10.65 5.09
C GLU A 68 13.51 -9.87 5.15
N SER A 69 13.34 -8.60 4.96
CA SER A 69 14.37 -7.62 5.07
C SER A 69 13.65 -6.39 5.59
N THR A 70 14.23 -5.71 6.52
CA THR A 70 13.57 -4.61 7.13
C THR A 70 14.35 -3.31 6.95
N CYS A 71 13.77 -2.25 7.37
CA CYS A 71 14.44 -0.96 7.38
C CYS A 71 15.18 -0.75 8.69
N GLY A 72 15.04 -1.70 9.58
CA GLY A 72 15.75 -1.69 10.82
C GLY A 72 14.98 -0.98 11.86
N ASP A 73 14.97 0.32 11.77
CA ASP A 73 14.24 1.16 12.67
C ASP A 73 14.04 2.50 12.00
N ILE A 74 13.65 3.45 12.75
CA ILE A 74 13.45 4.79 12.32
C ILE A 74 14.77 5.52 12.24
N PRO A 75 14.97 6.23 11.13
CA PRO A 75 16.17 7.00 10.89
C PRO A 75 16.19 8.27 11.72
N GLU A 76 17.18 9.04 11.53
CA GLU A 76 17.32 10.25 12.22
C GLU A 76 17.07 11.40 11.29
N LEU A 77 16.09 12.19 11.60
CA LEU A 77 15.82 13.36 10.83
C LEU A 77 16.63 14.46 11.49
N GLU A 78 17.25 15.33 10.67
CA GLU A 78 18.19 16.39 11.15
C GLU A 78 17.72 17.11 12.42
N HIS A 79 16.44 17.39 12.49
CA HIS A 79 15.82 18.02 13.63
C HIS A 79 14.46 17.42 13.86
N GLY A 80 14.31 16.17 13.43
CA GLY A 80 13.06 15.48 13.57
C GLY A 80 13.22 14.08 14.16
N TRP A 81 12.09 13.41 14.30
CA TRP A 81 11.93 12.11 14.90
C TRP A 81 10.61 11.57 14.39
N ALA A 82 9.97 10.73 15.12
CA ALA A 82 8.83 10.03 14.59
C ALA A 82 7.69 9.92 15.59
N GLN A 83 6.47 9.87 15.07
CA GLN A 83 5.29 9.78 15.92
C GLN A 83 5.01 8.35 16.32
N LEU A 84 5.13 7.47 15.35
CA LEU A 84 4.88 6.08 15.58
C LEU A 84 6.02 5.24 15.07
N SER A 85 6.26 4.15 15.72
CA SER A 85 7.26 3.21 15.33
C SER A 85 6.63 1.84 15.21
N SER A 86 6.72 1.26 14.06
CA SER A 86 6.10 -0.03 13.81
C SER A 86 7.10 -1.12 13.36
N PRO A 87 7.72 -1.79 14.33
CA PRO A 87 8.61 -2.88 14.05
C PRO A 87 7.87 -4.24 14.09
N PRO A 88 8.29 -5.20 13.27
CA PRO A 88 9.39 -5.04 12.34
C PRO A 88 9.03 -4.14 11.18
N TYR A 89 9.87 -3.16 10.92
CA TYR A 89 9.63 -2.22 9.86
C TYR A 89 9.99 -2.88 8.53
N TYR A 90 9.06 -3.63 7.99
CA TYR A 90 9.28 -4.29 6.73
C TYR A 90 9.02 -3.38 5.58
N TYR A 91 9.42 -3.84 4.42
CA TYR A 91 9.18 -3.14 3.19
C TYR A 91 7.67 -2.98 3.02
N GLY A 92 7.24 -1.78 2.80
CA GLY A 92 5.84 -1.52 2.63
C GLY A 92 5.22 -0.90 3.86
N ASP A 93 5.85 -1.06 5.01
CA ASP A 93 5.33 -0.46 6.23
C ASP A 93 5.62 1.04 6.18
N SER A 94 5.07 1.78 7.07
CA SER A 94 5.16 3.22 7.00
C SER A 94 5.39 3.82 8.36
N VAL A 95 6.07 4.90 8.35
CA VAL A 95 6.33 5.62 9.53
C VAL A 95 6.02 7.06 9.30
N GLU A 96 5.49 7.70 10.29
CA GLU A 96 5.23 9.09 10.19
C GLU A 96 6.18 9.86 11.09
N PHE A 97 6.91 10.75 10.48
CA PHE A 97 7.93 11.55 11.13
C PHE A 97 7.39 12.88 11.55
N ASN A 98 8.07 13.51 12.44
CA ASN A 98 7.72 14.83 12.90
C ASN A 98 8.98 15.52 13.30
N CYS A 99 9.01 16.78 13.14
CA CYS A 99 10.15 17.57 13.51
C CYS A 99 9.98 18.05 14.93
N SER A 100 11.08 18.54 15.53
CA SER A 100 11.07 19.11 16.87
C SER A 100 9.96 20.17 16.95
N GLU A 101 9.36 20.31 18.11
CA GLU A 101 8.20 21.15 18.31
C GLU A 101 8.43 22.62 17.88
N SER A 102 9.65 23.09 18.00
CA SER A 102 9.98 24.46 17.60
C SER A 102 10.52 24.52 16.14
N PHE A 103 10.37 23.43 15.41
CA PHE A 103 10.79 23.35 14.02
C PHE A 103 9.63 22.86 13.19
N THR A 104 9.63 23.19 11.96
CA THR A 104 8.59 22.78 11.09
C THR A 104 9.21 21.96 9.98
N MET A 105 8.51 20.96 9.51
CA MET A 105 9.02 20.16 8.46
C MET A 105 8.58 20.73 7.13
N ILE A 106 9.27 20.33 6.13
CA ILE A 106 8.97 20.68 4.77
C ILE A 106 8.81 19.38 4.02
N GLY A 107 7.68 19.20 3.42
CA GLY A 107 7.37 17.97 2.76
C GLY A 107 6.24 17.30 3.49
N HIS A 108 6.27 16.01 3.55
CA HIS A 108 5.27 15.27 4.26
C HIS A 108 5.92 14.49 5.36
N ARG A 109 5.12 13.94 6.22
CA ARG A 109 5.64 13.30 7.38
C ARG A 109 5.84 11.81 7.18
N SER A 110 5.05 11.21 6.34
CA SER A 110 5.10 9.78 6.24
C SER A 110 6.15 9.24 5.30
N ILE A 111 6.67 8.11 5.64
CA ILE A 111 7.63 7.43 4.83
C ILE A 111 7.22 6.00 4.68
N THR A 112 7.85 5.32 3.80
CA THR A 112 7.57 3.95 3.55
C THR A 112 8.88 3.21 3.40
N CYS A 113 8.97 2.06 4.00
CA CYS A 113 10.16 1.24 3.95
C CYS A 113 10.33 0.66 2.55
N ILE A 114 11.32 1.16 1.84
CA ILE A 114 11.59 0.75 0.49
C ILE A 114 13.03 0.25 0.35
N HIS A 115 13.17 -1.05 0.20
CA HIS A 115 14.45 -1.74 -0.03
C HIS A 115 15.38 -1.69 1.17
N GLY A 116 14.81 -1.42 2.32
CA GLY A 116 15.59 -1.36 3.53
C GLY A 116 15.94 0.06 3.91
N VAL A 117 15.37 1.01 3.17
CA VAL A 117 15.58 2.42 3.42
C VAL A 117 14.21 3.07 3.34
N TRP A 118 13.94 4.03 4.15
CA TRP A 118 12.67 4.71 4.07
C TRP A 118 12.68 5.66 2.86
N THR A 119 11.50 6.08 2.45
CA THR A 119 11.33 6.91 1.25
C THR A 119 12.29 8.08 1.13
N GLN A 120 12.11 9.08 1.95
CA GLN A 120 12.88 10.29 1.77
C GLN A 120 12.96 11.16 2.98
N LEU A 121 11.91 11.16 3.78
CA LEU A 121 11.78 12.01 4.99
C LEU A 121 11.71 13.50 4.58
N PRO A 122 11.10 14.32 5.40
CA PRO A 122 11.06 15.76 5.16
C PRO A 122 12.39 16.42 5.60
N GLN A 123 12.35 17.70 5.77
CA GLN A 123 13.47 18.47 6.26
C GLN A 123 12.92 19.49 7.25
N CYS A 124 13.55 19.61 8.40
CA CYS A 124 13.05 20.52 9.41
C CYS A 124 13.76 21.85 9.31
N VAL A 125 13.05 22.92 9.60
CA VAL A 125 13.58 24.25 9.58
C VAL A 125 13.02 24.98 10.75
N ALA A 126 13.72 25.97 11.20
CA ALA A 126 13.30 26.77 12.31
C ALA A 126 12.10 27.60 11.93
N ILE A 127 11.03 27.46 12.70
CA ILE A 127 9.83 28.23 12.51
C ILE A 127 10.13 29.71 12.73
N GLU A 1 -28.38 -19.60 -21.21
CA GLU A 1 -27.81 -19.68 -19.86
C GLU A 1 -26.70 -18.65 -19.64
N ALA A 2 -26.35 -17.91 -20.69
CA ALA A 2 -25.34 -16.89 -20.59
C ALA A 2 -25.91 -15.64 -19.94
N GLU A 3 -25.26 -15.15 -18.92
CA GLU A 3 -25.72 -13.96 -18.22
C GLU A 3 -24.91 -12.76 -18.68
N ALA A 4 -24.22 -12.92 -19.78
CA ALA A 4 -23.38 -11.89 -20.31
C ALA A 4 -23.22 -12.02 -21.79
N ALA A 5 -23.17 -10.90 -22.45
CA ALA A 5 -22.73 -10.85 -23.83
C ALA A 5 -21.23 -10.67 -23.80
N GLY A 6 -20.82 -10.02 -22.73
CA GLY A 6 -19.43 -9.79 -22.43
C GLY A 6 -19.33 -8.75 -21.37
N VAL A 7 -20.21 -8.88 -20.42
CA VAL A 7 -20.37 -7.99 -19.30
C VAL A 7 -21.51 -8.52 -18.46
N GLN A 8 -21.17 -9.44 -17.64
CA GLN A 8 -22.11 -10.06 -16.73
C GLN A 8 -22.45 -9.14 -15.56
N SER A 9 -21.76 -9.34 -14.46
CA SER A 9 -21.93 -8.62 -13.24
C SER A 9 -21.18 -9.38 -12.16
N CYS A 10 -20.60 -8.67 -11.28
CA CYS A 10 -19.93 -9.25 -10.16
C CYS A 10 -20.12 -8.28 -9.01
N GLY A 11 -19.62 -8.62 -7.86
CA GLY A 11 -19.79 -7.77 -6.75
C GLY A 11 -18.47 -7.28 -6.27
N PRO A 12 -18.31 -7.17 -4.95
CA PRO A 12 -17.07 -6.71 -4.35
C PRO A 12 -15.91 -7.64 -4.68
N PRO A 13 -14.71 -7.05 -4.82
CA PRO A 13 -13.49 -7.81 -5.08
C PRO A 13 -13.25 -8.90 -4.04
N PRO A 14 -12.62 -9.99 -4.46
CA PRO A 14 -12.29 -11.11 -3.60
C PRO A 14 -11.15 -10.78 -2.62
N GLU A 15 -10.63 -11.77 -1.98
CA GLU A 15 -9.58 -11.55 -1.03
C GLU A 15 -8.23 -11.86 -1.65
N LEU A 16 -7.21 -11.31 -1.07
CA LEU A 16 -5.89 -11.56 -1.54
C LEU A 16 -5.31 -12.64 -0.62
N LEU A 17 -4.48 -13.49 -1.21
CA LEU A 17 -3.72 -14.58 -0.60
C LEU A 17 -3.31 -14.21 0.83
N ASN A 18 -2.61 -13.11 0.97
CA ASN A 18 -2.24 -12.65 2.29
C ASN A 18 -2.78 -11.24 2.50
N GLY A 19 -2.55 -10.38 1.49
CA GLY A 19 -2.99 -8.97 1.48
C GLY A 19 -4.51 -8.77 1.37
N ASN A 20 -4.94 -7.63 0.82
CA ASN A 20 -6.39 -7.35 0.68
C ASN A 20 -6.62 -6.07 -0.12
N VAL A 21 -7.86 -5.66 -0.16
CA VAL A 21 -8.37 -4.56 -0.96
C VAL A 21 -8.37 -3.28 -0.15
N LYS A 22 -8.01 -2.19 -0.81
CA LYS A 22 -8.04 -0.89 -0.18
C LYS A 22 -9.26 -0.10 -0.69
N GLU A 23 -9.71 -0.48 -1.86
CA GLU A 23 -10.80 0.16 -2.55
C GLU A 23 -12.12 -0.08 -1.85
N LYS A 24 -13.05 0.81 -2.10
CA LYS A 24 -14.33 0.73 -1.49
C LYS A 24 -15.29 0.02 -2.38
N THR A 25 -15.78 -1.05 -1.85
CA THR A 25 -16.58 -1.99 -2.57
C THR A 25 -17.92 -1.41 -2.96
N LYS A 26 -18.18 -1.41 -4.24
CA LYS A 26 -19.42 -0.85 -4.78
C LYS A 26 -20.51 -1.90 -4.77
N GLU A 27 -20.09 -3.15 -4.82
CA GLU A 27 -20.97 -4.34 -4.85
C GLU A 27 -21.65 -4.54 -6.21
N GLU A 28 -21.69 -3.50 -7.00
CA GLU A 28 -22.17 -3.62 -8.35
C GLU A 28 -21.04 -3.32 -9.29
N TYR A 29 -20.43 -4.35 -9.77
CA TYR A 29 -19.36 -4.23 -10.73
C TYR A 29 -19.83 -4.94 -11.98
N GLY A 30 -19.51 -4.40 -13.12
CA GLY A 30 -19.98 -4.99 -14.33
C GLY A 30 -18.90 -5.67 -15.11
N HIS A 31 -18.01 -4.91 -15.69
CA HIS A 31 -16.95 -5.46 -16.50
C HIS A 31 -15.85 -4.45 -16.61
N SER A 32 -14.62 -4.92 -16.61
CA SER A 32 -13.43 -4.09 -16.76
C SER A 32 -13.16 -3.24 -15.51
N GLU A 33 -13.86 -3.57 -14.44
CA GLU A 33 -13.68 -2.92 -13.18
C GLU A 33 -12.39 -3.42 -12.58
N VAL A 34 -11.58 -2.52 -12.15
CA VAL A 34 -10.26 -2.85 -11.67
C VAL A 34 -10.04 -2.38 -10.25
N VAL A 35 -9.58 -3.30 -9.44
CA VAL A 35 -9.41 -3.08 -8.02
C VAL A 35 -7.96 -3.25 -7.63
N GLU A 36 -7.46 -2.35 -6.80
CA GLU A 36 -6.12 -2.41 -6.36
C GLU A 36 -6.03 -3.01 -4.97
N TYR A 37 -5.11 -3.92 -4.83
CA TYR A 37 -4.86 -4.58 -3.59
C TYR A 37 -3.59 -4.04 -2.98
N TYR A 38 -3.40 -4.36 -1.74
CA TYR A 38 -2.20 -4.04 -1.04
C TYR A 38 -1.71 -5.28 -0.36
N CYS A 39 -0.45 -5.39 -0.18
CA CYS A 39 0.06 -6.43 0.63
C CYS A 39 0.39 -5.88 2.00
N ASN A 40 0.39 -6.76 2.94
CA ASN A 40 0.65 -6.51 4.35
C ASN A 40 1.97 -5.76 4.60
N PRO A 41 2.13 -5.16 5.80
CA PRO A 41 3.34 -4.37 6.15
C PRO A 41 4.65 -5.17 6.06
N ARG A 42 4.53 -6.49 6.06
CA ARG A 42 5.68 -7.36 5.96
C ARG A 42 5.64 -8.22 4.71
N PHE A 43 4.58 -8.09 3.97
CA PHE A 43 4.41 -8.82 2.76
C PHE A 43 4.43 -7.90 1.57
N LEU A 44 5.09 -8.31 0.58
CA LEU A 44 5.25 -7.55 -0.60
C LEU A 44 4.44 -8.08 -1.71
N MET A 45 3.94 -7.18 -2.46
CA MET A 45 3.17 -7.47 -3.62
C MET A 45 4.04 -8.05 -4.69
N LYS A 46 3.84 -9.31 -4.97
CA LYS A 46 4.55 -9.98 -6.03
C LYS A 46 3.62 -10.09 -7.23
N GLY A 47 2.34 -10.22 -6.95
CA GLY A 47 1.34 -10.38 -7.99
C GLY A 47 1.02 -9.08 -8.73
N PRO A 48 0.03 -9.10 -9.65
CA PRO A 48 -0.33 -7.93 -10.49
C PRO A 48 -0.95 -6.77 -9.70
N ASN A 49 -1.29 -7.04 -8.45
CA ASN A 49 -1.89 -6.09 -7.45
C ASN A 49 -3.28 -5.55 -7.83
N LYS A 50 -3.55 -5.48 -9.09
CA LYS A 50 -4.81 -5.03 -9.58
C LYS A 50 -5.48 -6.12 -10.34
N ILE A 51 -6.74 -6.29 -10.07
CA ILE A 51 -7.53 -7.27 -10.75
C ILE A 51 -8.66 -6.61 -11.48
N GLN A 52 -9.29 -7.34 -12.32
CA GLN A 52 -10.33 -6.83 -13.14
C GLN A 52 -11.44 -7.82 -13.24
N CYS A 53 -12.65 -7.33 -13.18
CA CYS A 53 -13.80 -8.18 -13.31
C CYS A 53 -14.09 -8.36 -14.76
N VAL A 54 -13.81 -9.51 -15.26
CA VAL A 54 -14.05 -9.80 -16.64
C VAL A 54 -15.41 -10.44 -16.76
N ASP A 55 -15.78 -10.90 -17.95
CA ASP A 55 -17.12 -11.43 -18.16
C ASP A 55 -17.28 -12.85 -17.63
N GLY A 56 -17.30 -12.92 -16.34
CA GLY A 56 -17.58 -14.10 -15.60
C GLY A 56 -17.21 -13.89 -14.16
N GLU A 57 -15.98 -13.51 -13.93
CA GLU A 57 -15.49 -13.22 -12.58
C GLU A 57 -14.26 -12.33 -12.65
N TRP A 58 -13.57 -12.21 -11.57
CA TRP A 58 -12.39 -11.41 -11.49
C TRP A 58 -11.18 -12.16 -12.06
N THR A 59 -10.14 -11.43 -12.39
CA THR A 59 -8.94 -11.98 -12.97
C THR A 59 -8.08 -12.68 -11.91
N THR A 60 -6.92 -13.15 -12.33
CA THR A 60 -5.99 -13.77 -11.46
C THR A 60 -5.51 -12.77 -10.41
N LEU A 61 -5.83 -13.06 -9.18
CA LEU A 61 -5.43 -12.26 -8.06
C LEU A 61 -3.96 -12.38 -7.73
N PRO A 62 -3.41 -11.34 -7.09
CA PRO A 62 -2.02 -11.29 -6.70
C PRO A 62 -1.63 -12.28 -5.59
N VAL A 63 -0.36 -12.22 -5.27
CA VAL A 63 0.29 -13.04 -4.30
C VAL A 63 1.19 -12.12 -3.48
N CYS A 64 1.19 -12.32 -2.20
CA CYS A 64 1.99 -11.53 -1.30
C CYS A 64 3.07 -12.42 -0.74
N ILE A 65 4.27 -11.93 -0.73
CA ILE A 65 5.43 -12.66 -0.26
C ILE A 65 6.16 -11.84 0.78
N VAL A 66 6.73 -12.48 1.72
CA VAL A 66 7.43 -11.79 2.79
C VAL A 66 8.80 -11.34 2.32
N GLU A 67 9.07 -10.07 2.59
CA GLU A 67 10.34 -9.48 2.26
C GLU A 67 11.50 -10.24 2.91
N GLU A 68 11.26 -10.63 4.17
CA GLU A 68 12.23 -11.32 4.98
C GLU A 68 13.50 -10.53 5.23
N SER A 69 13.32 -9.24 5.30
CA SER A 69 14.34 -8.31 5.61
C SER A 69 13.70 -7.15 6.29
N THR A 70 14.46 -6.31 6.91
CA THR A 70 13.93 -5.17 7.55
C THR A 70 14.57 -3.89 7.09
N CYS A 71 13.89 -2.83 7.36
CA CYS A 71 14.32 -1.51 7.06
C CYS A 71 15.13 -0.95 8.20
N GLY A 72 15.06 -1.65 9.30
CA GLY A 72 15.84 -1.30 10.44
C GLY A 72 14.95 -0.77 11.49
N ASP A 73 14.76 0.51 11.46
CA ASP A 73 13.92 1.21 12.40
C ASP A 73 13.66 2.55 11.81
N ILE A 74 13.13 3.44 12.59
CA ILE A 74 12.94 4.78 12.19
C ILE A 74 14.29 5.47 12.06
N PRO A 75 14.49 6.15 10.94
CA PRO A 75 15.71 6.89 10.68
C PRO A 75 15.80 8.13 11.53
N GLU A 76 16.83 8.84 11.37
CA GLU A 76 17.04 10.01 12.13
C GLU A 76 16.82 11.24 11.29
N LEU A 77 15.95 12.06 11.74
CA LEU A 77 15.73 13.33 11.13
C LEU A 77 16.48 14.31 12.00
N GLU A 78 17.25 15.19 11.39
CA GLU A 78 18.14 16.12 12.12
C GLU A 78 17.42 16.88 13.24
N HIS A 79 16.18 17.25 13.02
CA HIS A 79 15.40 17.93 14.03
C HIS A 79 14.02 17.35 14.15
N GLY A 80 13.89 16.17 13.65
CA GLY A 80 12.64 15.46 13.72
C GLY A 80 12.81 14.08 14.29
N TRP A 81 11.72 13.41 14.45
CA TRP A 81 11.64 12.13 15.05
C TRP A 81 10.36 11.50 14.55
N ALA A 82 9.78 10.65 15.29
CA ALA A 82 8.71 9.88 14.75
C ALA A 82 7.61 9.68 15.74
N GLN A 83 6.44 9.39 15.23
CA GLN A 83 5.29 9.19 16.07
C GLN A 83 5.11 7.72 16.33
N LEU A 84 4.89 6.99 15.27
CA LEU A 84 4.66 5.58 15.40
C LEU A 84 5.88 4.80 15.00
N SER A 85 6.00 3.65 15.56
CA SER A 85 7.02 2.73 15.29
C SER A 85 6.45 1.33 15.41
N SER A 86 6.35 0.66 14.32
CA SER A 86 5.81 -0.66 14.33
C SER A 86 6.77 -1.67 13.70
N PRO A 87 7.60 -2.30 14.53
CA PRO A 87 8.53 -3.31 14.09
C PRO A 87 7.85 -4.69 14.02
N PRO A 88 8.35 -5.60 13.18
CA PRO A 88 9.52 -5.33 12.34
C PRO A 88 9.15 -4.47 11.14
N TYR A 89 9.98 -3.50 10.86
CA TYR A 89 9.71 -2.60 9.75
C TYR A 89 10.18 -3.27 8.49
N TYR A 90 9.26 -3.80 7.75
CA TYR A 90 9.55 -4.42 6.49
C TYR A 90 9.25 -3.45 5.38
N TYR A 91 9.66 -3.81 4.20
CA TYR A 91 9.38 -3.07 2.98
C TYR A 91 7.86 -2.87 2.85
N GLY A 92 7.46 -1.70 2.45
CA GLY A 92 6.08 -1.50 2.23
C GLY A 92 5.35 -0.86 3.40
N ASP A 93 5.90 -0.97 4.60
CA ASP A 93 5.23 -0.40 5.76
C ASP A 93 5.49 1.10 5.82
N SER A 94 4.83 1.79 6.70
CA SER A 94 4.89 3.21 6.75
C SER A 94 5.22 3.67 8.14
N VAL A 95 5.74 4.85 8.22
CA VAL A 95 6.09 5.47 9.47
C VAL A 95 5.76 6.94 9.41
N GLU A 96 5.22 7.45 10.49
CA GLU A 96 4.94 8.86 10.59
C GLU A 96 6.09 9.57 11.30
N PHE A 97 6.66 10.52 10.64
CA PHE A 97 7.68 11.38 11.19
C PHE A 97 7.08 12.68 11.63
N ASN A 98 7.72 13.32 12.56
CA ASN A 98 7.29 14.60 13.06
C ASN A 98 8.50 15.39 13.38
N CYS A 99 8.40 16.65 13.26
CA CYS A 99 9.49 17.52 13.51
C CYS A 99 9.29 18.19 14.85
N SER A 100 10.35 18.70 15.42
CA SER A 100 10.27 19.46 16.65
C SER A 100 9.52 20.75 16.35
N GLU A 101 8.71 21.21 17.26
CA GLU A 101 7.75 22.28 17.02
C GLU A 101 8.39 23.67 16.78
N SER A 102 9.63 23.83 17.19
CA SER A 102 10.36 25.07 16.94
C SER A 102 10.92 25.06 15.50
N PHE A 103 10.69 23.96 14.83
CA PHE A 103 11.13 23.77 13.50
C PHE A 103 9.94 23.36 12.67
N THR A 104 9.97 23.68 11.46
CA THR A 104 8.92 23.31 10.59
C THR A 104 9.46 22.33 9.57
N MET A 105 8.75 21.25 9.38
CA MET A 105 9.17 20.23 8.48
C MET A 105 8.71 20.59 7.09
N ILE A 106 9.56 20.39 6.16
CA ILE A 106 9.26 20.62 4.78
C ILE A 106 9.09 19.30 4.10
N GLY A 107 7.88 18.99 3.83
CA GLY A 107 7.54 17.74 3.24
C GLY A 107 6.39 17.15 3.98
N HIS A 108 6.17 15.87 3.85
CA HIS A 108 5.09 15.22 4.53
C HIS A 108 5.58 14.50 5.74
N ARG A 109 4.65 13.98 6.48
CA ARG A 109 4.95 13.28 7.70
C ARG A 109 5.22 11.80 7.51
N SER A 110 4.54 11.15 6.62
CA SER A 110 4.64 9.70 6.61
C SER A 110 5.45 9.13 5.45
N ILE A 111 6.26 8.16 5.77
CA ILE A 111 7.18 7.53 4.83
C ILE A 111 6.78 6.10 4.56
N THR A 112 7.46 5.49 3.63
CA THR A 112 7.22 4.11 3.25
C THR A 112 8.57 3.46 3.03
N CYS A 113 8.75 2.26 3.50
CA CYS A 113 10.02 1.59 3.33
C CYS A 113 10.16 1.01 1.95
N ILE A 114 11.19 1.45 1.27
CA ILE A 114 11.49 1.04 -0.06
C ILE A 114 12.95 0.52 -0.16
N HIS A 115 13.08 -0.79 -0.24
CA HIS A 115 14.36 -1.51 -0.39
C HIS A 115 15.27 -1.29 0.79
N GLY A 116 14.72 -1.49 1.96
CA GLY A 116 15.45 -1.37 3.18
C GLY A 116 15.60 0.05 3.68
N VAL A 117 15.11 1.01 2.92
CA VAL A 117 15.28 2.40 3.27
C VAL A 117 13.95 3.07 3.15
N TRP A 118 13.61 3.93 4.06
CA TRP A 118 12.37 4.66 3.95
C TRP A 118 12.44 5.63 2.76
N THR A 119 11.29 6.14 2.35
CA THR A 119 11.16 6.98 1.16
C THR A 119 12.22 8.05 0.98
N GLN A 120 12.20 9.06 1.82
CA GLN A 120 13.15 10.17 1.67
C GLN A 120 13.20 11.10 2.87
N LEU A 121 12.06 11.18 3.59
CA LEU A 121 11.88 12.02 4.80
C LEU A 121 11.88 13.52 4.47
N PRO A 122 11.19 14.31 5.26
CA PRO A 122 11.20 15.76 5.09
C PRO A 122 12.48 16.36 5.69
N GLN A 123 12.51 17.66 5.87
CA GLN A 123 13.63 18.30 6.51
C GLN A 123 13.09 19.43 7.36
N CYS A 124 13.68 19.65 8.48
CA CYS A 124 13.25 20.73 9.33
C CYS A 124 14.04 22.00 9.07
N VAL A 125 13.41 23.12 9.31
CA VAL A 125 14.03 24.42 9.25
C VAL A 125 13.51 25.20 10.43
N ALA A 126 14.35 26.03 10.99
CA ALA A 126 13.98 26.78 12.16
C ALA A 126 12.91 27.80 11.86
N ILE A 127 11.86 27.76 12.63
CA ILE A 127 10.82 28.75 12.54
C ILE A 127 11.32 30.00 13.27
N GLU A 1 -16.21 -15.35 -26.61
CA GLU A 1 -17.55 -15.41 -27.22
C GLU A 1 -18.55 -14.62 -26.37
N ALA A 2 -18.66 -15.01 -25.08
CA ALA A 2 -19.62 -14.41 -24.13
C ALA A 2 -21.06 -14.73 -24.55
N GLU A 3 -22.04 -14.09 -23.94
CA GLU A 3 -23.42 -14.32 -24.35
C GLU A 3 -23.68 -13.53 -25.62
N ALA A 4 -23.75 -12.23 -25.49
CA ALA A 4 -23.90 -11.37 -26.64
C ALA A 4 -22.74 -10.41 -26.67
N ALA A 5 -22.59 -9.68 -25.59
CA ALA A 5 -21.53 -8.72 -25.47
C ALA A 5 -20.61 -9.13 -24.34
N GLY A 6 -19.34 -8.82 -24.48
CA GLY A 6 -18.36 -9.14 -23.47
C GLY A 6 -18.41 -8.14 -22.34
N VAL A 7 -19.37 -8.31 -21.47
CA VAL A 7 -19.59 -7.40 -20.37
C VAL A 7 -20.61 -7.98 -19.39
N GLN A 8 -20.17 -8.86 -18.59
CA GLN A 8 -20.99 -9.36 -17.55
C GLN A 8 -20.78 -8.46 -16.31
N SER A 9 -20.95 -8.99 -15.16
CA SER A 9 -20.96 -8.19 -13.96
C SER A 9 -20.32 -8.94 -12.81
N CYS A 10 -19.68 -8.22 -11.93
CA CYS A 10 -19.10 -8.78 -10.73
C CYS A 10 -19.53 -7.90 -9.59
N GLY A 11 -19.58 -8.47 -8.41
CA GLY A 11 -19.89 -7.72 -7.25
C GLY A 11 -18.62 -7.43 -6.50
N PRO A 12 -18.61 -7.60 -5.18
CA PRO A 12 -17.44 -7.37 -4.33
C PRO A 12 -16.21 -8.17 -4.78
N PRO A 13 -15.01 -7.58 -4.71
CA PRO A 13 -13.77 -8.22 -5.10
C PRO A 13 -13.45 -9.43 -4.22
N PRO A 14 -12.70 -10.39 -4.75
CA PRO A 14 -12.27 -11.58 -4.01
C PRO A 14 -11.21 -11.23 -2.95
N GLU A 15 -10.56 -12.23 -2.43
CA GLU A 15 -9.58 -12.01 -1.42
C GLU A 15 -8.18 -12.11 -1.99
N LEU A 16 -7.25 -11.54 -1.31
CA LEU A 16 -5.88 -11.72 -1.65
C LEU A 16 -5.30 -12.71 -0.69
N LEU A 17 -4.46 -13.59 -1.22
CA LEU A 17 -3.75 -14.62 -0.48
C LEU A 17 -3.26 -14.13 0.88
N ASN A 18 -2.31 -13.21 0.89
CA ASN A 18 -1.77 -12.80 2.16
C ASN A 18 -2.24 -11.40 2.54
N GLY A 19 -2.37 -10.52 1.57
CA GLY A 19 -2.87 -9.19 1.83
C GLY A 19 -4.35 -9.12 1.56
N ASN A 20 -4.86 -7.98 1.10
CA ASN A 20 -6.29 -7.87 0.85
C ASN A 20 -6.62 -6.60 0.09
N VAL A 21 -7.88 -6.27 0.05
CA VAL A 21 -8.39 -5.11 -0.60
C VAL A 21 -8.33 -3.95 0.38
N LYS A 22 -7.87 -2.81 -0.07
CA LYS A 22 -7.77 -1.67 0.81
C LYS A 22 -8.93 -0.71 0.55
N GLU A 23 -9.62 -0.98 -0.52
CA GLU A 23 -10.73 -0.17 -0.92
C GLU A 23 -12.00 -0.77 -0.35
N LYS A 24 -13.11 -0.11 -0.50
CA LYS A 24 -14.31 -0.59 0.08
C LYS A 24 -15.14 -1.34 -0.95
N THR A 25 -15.84 -2.34 -0.50
CA THR A 25 -16.69 -3.14 -1.32
C THR A 25 -17.95 -2.35 -1.71
N LYS A 26 -18.22 -2.28 -2.99
CA LYS A 26 -19.35 -1.49 -3.48
C LYS A 26 -20.51 -2.33 -3.90
N GLU A 27 -20.28 -3.66 -4.03
CA GLU A 27 -21.21 -4.70 -4.61
C GLU A 27 -21.63 -4.42 -6.07
N GLU A 28 -21.71 -3.17 -6.41
CA GLU A 28 -22.04 -2.73 -7.71
C GLU A 28 -20.75 -2.40 -8.42
N TYR A 29 -20.25 -3.33 -9.18
CA TYR A 29 -19.09 -3.07 -9.97
C TYR A 29 -19.42 -3.14 -11.44
N GLY A 30 -19.43 -4.33 -11.97
CA GLY A 30 -19.66 -4.48 -13.38
C GLY A 30 -18.35 -4.65 -14.12
N HIS A 31 -18.38 -4.53 -15.41
CA HIS A 31 -17.23 -4.77 -16.25
C HIS A 31 -16.25 -3.59 -16.20
N SER A 32 -14.96 -3.90 -16.21
CA SER A 32 -13.85 -2.95 -16.28
C SER A 32 -13.56 -2.26 -14.91
N GLU A 33 -14.31 -2.61 -13.90
CA GLU A 33 -14.07 -2.08 -12.56
C GLU A 33 -12.79 -2.65 -12.01
N VAL A 34 -11.96 -1.80 -11.44
CA VAL A 34 -10.67 -2.19 -10.93
C VAL A 34 -10.68 -2.14 -9.40
N VAL A 35 -9.89 -2.98 -8.79
CA VAL A 35 -9.74 -3.04 -7.34
C VAL A 35 -8.26 -3.10 -7.00
N GLU A 36 -7.84 -2.32 -6.01
CA GLU A 36 -6.47 -2.31 -5.59
C GLU A 36 -6.28 -3.12 -4.30
N TYR A 37 -5.39 -4.05 -4.39
CA TYR A 37 -4.99 -4.89 -3.31
C TYR A 37 -3.68 -4.39 -2.70
N TYR A 38 -3.39 -4.88 -1.52
CA TYR A 38 -2.16 -4.57 -0.83
C TYR A 38 -1.74 -5.81 -0.11
N CYS A 39 -0.49 -6.00 0.05
CA CYS A 39 0.00 -7.09 0.83
C CYS A 39 0.21 -6.63 2.24
N ASN A 40 0.24 -7.59 3.15
CA ASN A 40 0.52 -7.32 4.57
C ASN A 40 1.86 -6.60 4.70
N PRO A 41 2.08 -5.83 5.79
CA PRO A 41 3.27 -4.94 5.96
C PRO A 41 4.64 -5.64 5.89
N ARG A 42 4.64 -6.95 6.00
CA ARG A 42 5.88 -7.71 5.93
C ARG A 42 5.99 -8.47 4.61
N PHE A 43 4.93 -8.45 3.86
CA PHE A 43 4.87 -9.14 2.60
C PHE A 43 4.87 -8.18 1.44
N LEU A 44 5.59 -8.51 0.44
CA LEU A 44 5.70 -7.69 -0.73
C LEU A 44 4.80 -8.20 -1.82
N MET A 45 4.22 -7.26 -2.52
CA MET A 45 3.36 -7.54 -3.63
C MET A 45 4.19 -8.05 -4.80
N LYS A 46 3.93 -9.27 -5.19
CA LYS A 46 4.69 -9.88 -6.25
C LYS A 46 3.82 -9.97 -7.52
N GLY A 47 2.53 -9.99 -7.33
CA GLY A 47 1.62 -10.12 -8.47
C GLY A 47 0.98 -8.80 -8.84
N PRO A 48 -0.03 -8.82 -9.73
CA PRO A 48 -0.75 -7.61 -10.10
C PRO A 48 -1.73 -7.19 -9.03
N ASN A 49 -1.36 -6.16 -8.33
CA ASN A 49 -2.12 -5.64 -7.18
C ASN A 49 -3.44 -4.99 -7.57
N LYS A 50 -3.75 -4.96 -8.83
CA LYS A 50 -5.00 -4.46 -9.29
C LYS A 50 -5.69 -5.46 -10.17
N ILE A 51 -6.98 -5.57 -10.00
CA ILE A 51 -7.76 -6.52 -10.76
C ILE A 51 -8.93 -5.83 -11.38
N GLN A 52 -9.54 -6.47 -12.31
CA GLN A 52 -10.62 -5.92 -13.06
C GLN A 52 -11.65 -6.98 -13.35
N CYS A 53 -12.89 -6.60 -13.28
CA CYS A 53 -13.96 -7.49 -13.60
C CYS A 53 -14.12 -7.58 -15.09
N VAL A 54 -13.79 -8.69 -15.63
CA VAL A 54 -13.95 -8.90 -17.03
C VAL A 54 -15.24 -9.65 -17.30
N ASP A 55 -15.45 -10.06 -18.50
CA ASP A 55 -16.66 -10.76 -18.88
C ASP A 55 -16.58 -12.23 -18.51
N GLY A 56 -16.74 -12.47 -17.24
CA GLY A 56 -16.88 -13.78 -16.72
C GLY A 56 -16.55 -13.83 -15.26
N GLU A 57 -15.46 -13.18 -14.89
CA GLU A 57 -14.97 -13.16 -13.52
C GLU A 57 -13.99 -12.01 -13.39
N TRP A 58 -13.31 -11.92 -12.28
CA TRP A 58 -12.28 -10.92 -12.09
C TRP A 58 -10.99 -11.42 -12.73
N THR A 59 -10.02 -10.54 -12.87
CA THR A 59 -8.76 -10.90 -13.46
C THR A 59 -7.86 -11.65 -12.47
N THR A 60 -6.62 -11.87 -12.86
CA THR A 60 -5.68 -12.63 -12.10
C THR A 60 -5.27 -11.91 -10.81
N LEU A 61 -5.65 -12.48 -9.70
CA LEU A 61 -5.26 -12.04 -8.40
C LEU A 61 -3.75 -12.11 -8.19
N PRO A 62 -3.25 -11.20 -7.37
CA PRO A 62 -1.85 -11.15 -7.01
C PRO A 62 -1.51 -12.09 -5.94
N VAL A 63 -0.30 -12.00 -5.59
CA VAL A 63 0.30 -12.82 -4.67
C VAL A 63 1.24 -11.97 -3.83
N CYS A 64 1.56 -12.48 -2.70
CA CYS A 64 2.39 -11.81 -1.76
C CYS A 64 3.52 -12.73 -1.33
N ILE A 65 4.69 -12.18 -1.19
CA ILE A 65 5.85 -12.93 -0.75
C ILE A 65 6.54 -12.18 0.36
N VAL A 66 7.15 -12.87 1.24
CA VAL A 66 7.84 -12.22 2.32
C VAL A 66 9.27 -11.99 1.97
N GLU A 67 9.57 -10.74 1.95
CA GLU A 67 10.88 -10.24 1.74
C GLU A 67 11.74 -10.69 2.92
N GLU A 68 11.15 -10.56 4.10
CA GLU A 68 11.70 -11.00 5.37
C GLU A 68 12.94 -10.16 5.78
N SER A 69 13.17 -9.12 5.03
CA SER A 69 14.22 -8.19 5.27
C SER A 69 13.61 -7.02 6.00
N THR A 70 14.30 -6.51 6.97
CA THR A 70 13.78 -5.51 7.81
C THR A 70 14.51 -4.18 7.64
N CYS A 71 13.94 -3.16 8.21
CA CYS A 71 14.42 -1.81 8.00
C CYS A 71 15.12 -1.24 9.22
N GLY A 72 14.90 -1.85 10.34
CA GLY A 72 15.60 -1.46 11.54
C GLY A 72 14.69 -0.78 12.52
N ASP A 73 14.44 0.50 12.27
CA ASP A 73 13.61 1.33 13.10
C ASP A 73 13.49 2.65 12.36
N ILE A 74 13.02 3.64 13.01
CA ILE A 74 12.94 4.95 12.50
C ILE A 74 14.35 5.54 12.37
N PRO A 75 14.62 6.18 11.23
CA PRO A 75 15.90 6.83 10.95
C PRO A 75 16.11 8.09 11.79
N GLU A 76 17.02 8.90 11.39
CA GLU A 76 17.31 10.10 12.10
C GLU A 76 17.05 11.29 11.21
N LEU A 77 16.25 12.19 11.68
CA LEU A 77 15.99 13.37 10.94
C LEU A 77 16.61 14.53 11.68
N GLU A 78 17.29 15.42 10.96
CA GLU A 78 18.04 16.56 11.51
C GLU A 78 17.33 17.28 12.66
N HIS A 79 16.06 17.54 12.49
CA HIS A 79 15.27 18.22 13.48
C HIS A 79 13.88 17.61 13.50
N GLY A 80 13.84 16.35 13.14
CA GLY A 80 12.62 15.62 13.06
C GLY A 80 12.71 14.27 13.74
N TRP A 81 11.58 13.67 13.94
CA TRP A 81 11.40 12.45 14.64
C TRP A 81 10.12 11.85 14.16
N ALA A 82 9.47 11.05 14.93
CA ALA A 82 8.40 10.28 14.41
C ALA A 82 7.21 10.23 15.34
N GLN A 83 6.05 9.87 14.78
CA GLN A 83 4.82 9.79 15.58
C GLN A 83 4.60 8.38 16.05
N LEU A 84 4.54 7.48 15.10
CA LEU A 84 4.31 6.12 15.37
C LEU A 84 5.39 5.28 14.76
N SER A 85 5.81 4.33 15.50
CA SER A 85 6.79 3.40 15.05
C SER A 85 6.07 2.07 14.94
N SER A 86 6.14 1.44 13.81
CA SER A 86 5.43 0.21 13.63
C SER A 86 6.36 -0.95 13.30
N PRO A 87 6.75 -1.72 14.32
CA PRO A 87 7.56 -2.89 14.16
C PRO A 87 6.70 -4.17 13.99
N PRO A 88 7.25 -5.19 13.32
CA PRO A 88 8.58 -5.14 12.76
C PRO A 88 8.61 -4.32 11.48
N TYR A 89 9.60 -3.46 11.36
CA TYR A 89 9.69 -2.59 10.23
C TYR A 89 10.19 -3.37 9.03
N TYR A 90 9.28 -3.79 8.20
CA TYR A 90 9.61 -4.49 6.99
C TYR A 90 9.49 -3.56 5.81
N TYR A 91 9.86 -4.08 4.67
CA TYR A 91 9.71 -3.37 3.43
C TYR A 91 8.21 -3.25 3.18
N GLY A 92 7.75 -2.06 2.91
CA GLY A 92 6.35 -1.87 2.68
C GLY A 92 5.63 -1.33 3.89
N ASP A 93 6.31 -1.24 5.04
CA ASP A 93 5.66 -0.67 6.20
C ASP A 93 5.79 0.85 6.14
N SER A 94 5.12 1.56 7.00
CA SER A 94 5.06 3.01 6.89
C SER A 94 5.23 3.66 8.23
N VAL A 95 5.82 4.80 8.23
CA VAL A 95 6.05 5.52 9.42
C VAL A 95 5.75 6.98 9.18
N GLU A 96 5.23 7.64 10.16
CA GLU A 96 5.02 9.07 10.07
C GLU A 96 6.09 9.79 10.83
N PHE A 97 6.67 10.76 10.20
CA PHE A 97 7.68 11.61 10.77
C PHE A 97 7.08 12.95 11.06
N ASN A 98 7.67 13.65 11.94
CA ASN A 98 7.25 14.98 12.28
C ASN A 98 8.44 15.72 12.75
N CYS A 99 8.43 16.97 12.56
CA CYS A 99 9.52 17.78 12.97
C CYS A 99 9.19 18.40 14.29
N SER A 100 10.23 18.80 15.02
CA SER A 100 10.04 19.48 16.28
C SER A 100 9.09 20.69 16.11
N GLU A 101 8.39 21.03 17.16
CA GLU A 101 7.29 21.99 17.14
C GLU A 101 7.67 23.37 16.55
N SER A 102 8.90 23.78 16.77
CA SER A 102 9.37 25.06 16.25
C SER A 102 9.99 24.91 14.85
N PHE A 103 9.78 23.77 14.26
CA PHE A 103 10.25 23.48 12.94
C PHE A 103 9.12 22.99 12.09
N THR A 104 9.17 23.30 10.86
CA THR A 104 8.19 22.85 9.95
C THR A 104 8.85 21.90 8.97
N MET A 105 8.17 20.84 8.66
CA MET A 105 8.67 19.84 7.79
C MET A 105 8.36 20.16 6.34
N ILE A 106 9.28 19.86 5.50
CA ILE A 106 9.13 20.01 4.09
C ILE A 106 9.28 18.64 3.47
N GLY A 107 8.26 18.18 2.84
CA GLY A 107 8.28 16.88 2.23
C GLY A 107 7.11 16.08 2.63
N HIS A 108 7.31 14.80 2.79
CA HIS A 108 6.22 13.94 3.10
C HIS A 108 6.19 13.63 4.57
N ARG A 109 5.00 13.71 5.13
CA ARG A 109 4.75 13.38 6.53
C ARG A 109 5.10 11.93 6.84
N SER A 110 4.92 11.07 5.89
CA SER A 110 5.09 9.68 6.12
C SER A 110 6.09 9.08 5.18
N ILE A 111 6.58 7.94 5.55
CA ILE A 111 7.53 7.21 4.77
C ILE A 111 7.10 5.79 4.64
N THR A 112 7.76 5.10 3.78
CA THR A 112 7.53 3.71 3.54
C THR A 112 8.88 3.08 3.36
N CYS A 113 9.09 1.94 3.93
CA CYS A 113 10.38 1.32 3.82
C CYS A 113 10.56 0.65 2.50
N ILE A 114 11.56 1.09 1.80
CA ILE A 114 11.91 0.60 0.51
C ILE A 114 13.39 0.17 0.51
N HIS A 115 13.61 -1.14 0.52
CA HIS A 115 14.96 -1.76 0.50
C HIS A 115 15.72 -1.56 1.80
N GLY A 116 14.98 -1.48 2.88
CA GLY A 116 15.60 -1.31 4.18
C GLY A 116 15.82 0.16 4.50
N VAL A 117 15.37 1.02 3.60
CA VAL A 117 15.53 2.44 3.76
C VAL A 117 14.18 3.06 3.59
N TRP A 118 13.85 4.03 4.36
CA TRP A 118 12.57 4.65 4.22
C TRP A 118 12.60 5.61 3.04
N THR A 119 11.45 5.83 2.42
CA THR A 119 11.28 6.62 1.18
C THR A 119 12.23 7.78 1.00
N GLN A 120 12.13 8.78 1.85
CA GLN A 120 12.91 9.99 1.64
C GLN A 120 13.07 10.85 2.85
N LEU A 121 12.03 10.88 3.66
CA LEU A 121 11.92 11.72 4.83
C LEU A 121 11.81 13.20 4.44
N PRO A 122 11.14 13.98 5.25
CA PRO A 122 11.04 15.41 5.03
C PRO A 122 12.29 16.13 5.55
N GLN A 123 12.26 17.41 5.55
CA GLN A 123 13.33 18.20 6.10
C GLN A 123 12.74 19.28 6.96
N CYS A 124 13.29 19.49 8.10
CA CYS A 124 12.72 20.47 9.01
C CYS A 124 13.46 21.80 8.90
N VAL A 125 12.73 22.89 8.95
CA VAL A 125 13.32 24.21 8.94
C VAL A 125 12.73 25.00 10.08
N ALA A 126 13.56 25.80 10.70
CA ALA A 126 13.18 26.57 11.85
C ALA A 126 12.16 27.64 11.51
N ILE A 127 10.99 27.52 12.09
CA ILE A 127 9.96 28.53 11.96
C ILE A 127 10.37 29.75 12.78
N GLU A 1 -24.98 -5.19 -21.43
CA GLU A 1 -25.87 -4.13 -21.85
C GLU A 1 -27.11 -4.70 -22.57
N ALA A 2 -26.99 -5.03 -23.86
CA ALA A 2 -28.14 -5.51 -24.61
C ALA A 2 -27.83 -6.81 -25.36
N GLU A 3 -26.70 -7.39 -25.08
CA GLU A 3 -26.29 -8.60 -25.78
C GLU A 3 -26.71 -9.86 -25.04
N ALA A 4 -27.20 -9.69 -23.81
CA ALA A 4 -27.65 -10.78 -22.91
C ALA A 4 -26.48 -11.64 -22.45
N ALA A 5 -25.91 -12.38 -23.38
CA ALA A 5 -24.75 -13.20 -23.11
C ALA A 5 -23.53 -12.33 -23.25
N GLY A 6 -22.66 -12.39 -22.30
CA GLY A 6 -21.53 -11.51 -22.29
C GLY A 6 -21.76 -10.47 -21.23
N VAL A 7 -20.67 -9.88 -20.72
CA VAL A 7 -20.70 -8.92 -19.61
C VAL A 7 -21.63 -9.40 -18.47
N GLN A 8 -21.39 -10.66 -18.08
CA GLN A 8 -22.15 -11.40 -17.05
C GLN A 8 -22.37 -10.62 -15.75
N SER A 9 -21.39 -9.79 -15.42
CA SER A 9 -21.42 -8.86 -14.29
C SER A 9 -21.19 -9.52 -12.94
N CYS A 10 -20.27 -8.95 -12.21
CA CYS A 10 -19.93 -9.39 -10.89
C CYS A 10 -20.23 -8.27 -9.90
N GLY A 11 -20.22 -8.60 -8.64
CA GLY A 11 -20.40 -7.65 -7.60
C GLY A 11 -19.08 -7.29 -6.96
N PRO A 12 -19.01 -7.33 -5.63
CA PRO A 12 -17.79 -6.97 -4.88
C PRO A 12 -16.62 -7.93 -5.14
N PRO A 13 -15.37 -7.42 -5.11
CA PRO A 13 -14.15 -8.20 -5.36
C PRO A 13 -13.91 -9.28 -4.28
N PRO A 14 -13.09 -10.28 -4.62
CA PRO A 14 -12.70 -11.32 -3.66
C PRO A 14 -11.67 -10.76 -2.66
N GLU A 15 -10.97 -11.61 -1.96
CA GLU A 15 -9.98 -11.10 -1.06
C GLU A 15 -8.59 -11.54 -1.47
N LEU A 16 -7.62 -10.83 -0.99
CA LEU A 16 -6.25 -11.14 -1.25
C LEU A 16 -5.74 -12.09 -0.19
N LEU A 17 -4.93 -13.02 -0.66
CA LEU A 17 -4.16 -13.99 0.10
C LEU A 17 -3.73 -13.47 1.48
N ASN A 18 -2.98 -12.40 1.51
CA ASN A 18 -2.54 -11.87 2.78
C ASN A 18 -3.06 -10.46 2.97
N GLY A 19 -2.93 -9.66 1.93
CA GLY A 19 -3.39 -8.27 1.99
C GLY A 19 -4.88 -8.13 1.76
N ASN A 20 -5.32 -6.98 1.29
CA ASN A 20 -6.76 -6.74 1.13
C ASN A 20 -7.02 -5.69 0.07
N VAL A 21 -8.28 -5.33 -0.06
CA VAL A 21 -8.76 -4.36 -1.01
C VAL A 21 -8.76 -2.98 -0.36
N LYS A 22 -8.32 -1.98 -1.09
CA LYS A 22 -8.28 -0.60 -0.56
C LYS A 22 -9.42 0.22 -1.18
N GLU A 23 -10.07 -0.38 -2.14
CA GLU A 23 -11.13 0.23 -2.88
C GLU A 23 -12.44 0.08 -2.11
N LYS A 24 -13.35 0.98 -2.35
CA LYS A 24 -14.67 0.86 -1.78
C LYS A 24 -15.48 -0.10 -2.64
N THR A 25 -16.35 -0.84 -2.01
CA THR A 25 -17.16 -1.81 -2.70
C THR A 25 -18.36 -1.14 -3.37
N LYS A 26 -18.56 -1.41 -4.65
CA LYS A 26 -19.65 -0.79 -5.39
C LYS A 26 -20.81 -1.75 -5.61
N GLU A 27 -20.56 -3.05 -5.37
CA GLU A 27 -21.50 -4.22 -5.59
C GLU A 27 -22.05 -4.36 -7.03
N GLU A 28 -21.94 -3.34 -7.81
CA GLU A 28 -22.39 -3.37 -9.16
C GLU A 28 -21.22 -3.02 -10.06
N TYR A 29 -20.43 -4.03 -10.39
CA TYR A 29 -19.27 -3.80 -11.19
C TYR A 29 -19.55 -4.01 -12.67
N GLY A 30 -19.64 -5.23 -13.10
CA GLY A 30 -19.96 -5.50 -14.47
C GLY A 30 -18.85 -6.22 -15.22
N HIS A 31 -18.05 -5.48 -15.94
CA HIS A 31 -16.98 -6.05 -16.75
C HIS A 31 -15.88 -5.01 -16.94
N SER A 32 -14.63 -5.47 -16.94
CA SER A 32 -13.43 -4.67 -17.13
C SER A 32 -13.15 -3.81 -15.88
N GLU A 33 -13.88 -4.09 -14.83
CA GLU A 33 -13.73 -3.38 -13.57
C GLU A 33 -12.50 -3.86 -12.86
N VAL A 34 -11.66 -2.93 -12.49
CA VAL A 34 -10.43 -3.25 -11.80
C VAL A 34 -10.49 -2.88 -10.36
N VAL A 35 -9.89 -3.69 -9.55
CA VAL A 35 -9.82 -3.51 -8.12
C VAL A 35 -8.38 -3.54 -7.70
N GLU A 36 -7.99 -2.59 -6.88
CA GLU A 36 -6.64 -2.51 -6.45
C GLU A 36 -6.48 -3.06 -5.03
N TYR A 37 -5.59 -3.98 -4.92
CA TYR A 37 -5.24 -4.62 -3.69
C TYR A 37 -3.97 -4.02 -3.11
N TYR A 38 -3.79 -4.16 -1.83
CA TYR A 38 -2.60 -3.76 -1.15
C TYR A 38 -2.20 -4.88 -0.23
N CYS A 39 -0.96 -5.03 0.08
CA CYS A 39 -0.59 -6.07 0.95
C CYS A 39 -0.17 -5.50 2.28
N ASN A 40 0.00 -6.37 3.24
CA ASN A 40 0.40 -6.01 4.57
C ASN A 40 1.76 -5.36 4.60
N PRO A 41 2.03 -4.51 5.58
CA PRO A 41 3.31 -3.77 5.73
C PRO A 41 4.52 -4.66 6.11
N ARG A 42 4.37 -5.93 5.94
CA ARG A 42 5.45 -6.88 6.11
C ARG A 42 5.43 -7.91 4.99
N PHE A 43 4.52 -7.71 4.08
CA PHE A 43 4.40 -8.54 2.91
C PHE A 43 4.36 -7.67 1.67
N LEU A 44 5.08 -8.07 0.70
CA LEU A 44 5.16 -7.33 -0.50
C LEU A 44 4.19 -7.87 -1.49
N MET A 45 3.66 -6.98 -2.26
CA MET A 45 2.81 -7.34 -3.34
C MET A 45 3.67 -7.91 -4.45
N LYS A 46 3.49 -9.17 -4.73
CA LYS A 46 4.28 -9.81 -5.75
C LYS A 46 3.49 -9.93 -7.04
N GLY A 47 2.25 -10.37 -6.91
CA GLY A 47 1.41 -10.58 -8.09
C GLY A 47 0.72 -9.31 -8.53
N PRO A 48 -0.18 -9.39 -9.52
CA PRO A 48 -0.89 -8.22 -10.03
C PRO A 48 -1.91 -7.72 -9.04
N ASN A 49 -1.60 -6.62 -8.44
CA ASN A 49 -2.42 -6.02 -7.40
C ASN A 49 -3.72 -5.47 -7.92
N LYS A 50 -3.87 -5.44 -9.22
CA LYS A 50 -5.09 -5.02 -9.79
C LYS A 50 -5.69 -6.12 -10.60
N ILE A 51 -6.88 -6.45 -10.24
CA ILE A 51 -7.59 -7.50 -10.87
C ILE A 51 -8.70 -6.91 -11.66
N GLN A 52 -9.29 -7.67 -12.50
CA GLN A 52 -10.31 -7.21 -13.37
C GLN A 52 -11.41 -8.20 -13.45
N CYS A 53 -12.60 -7.69 -13.41
CA CYS A 53 -13.77 -8.50 -13.54
C CYS A 53 -14.02 -8.76 -14.99
N VAL A 54 -13.73 -9.94 -15.43
CA VAL A 54 -13.95 -10.27 -16.80
C VAL A 54 -15.33 -10.88 -16.95
N ASP A 55 -15.66 -11.33 -18.12
CA ASP A 55 -16.94 -11.94 -18.34
C ASP A 55 -16.91 -13.38 -17.92
N GLY A 56 -17.11 -13.57 -16.64
CA GLY A 56 -17.22 -14.86 -16.09
C GLY A 56 -16.83 -14.86 -14.64
N GLU A 57 -15.72 -14.23 -14.36
CA GLU A 57 -15.15 -14.15 -13.03
C GLU A 57 -14.11 -13.05 -12.98
N TRP A 58 -13.39 -12.94 -11.89
CA TRP A 58 -12.30 -11.99 -11.78
C TRP A 58 -11.02 -12.63 -12.29
N THR A 59 -10.00 -11.82 -12.49
CA THR A 59 -8.71 -12.30 -12.98
C THR A 59 -7.91 -12.99 -11.85
N THR A 60 -6.67 -13.32 -12.15
CA THR A 60 -5.84 -13.98 -11.19
C THR A 60 -5.38 -13.02 -10.11
N LEU A 61 -5.84 -13.30 -8.91
CA LEU A 61 -5.52 -12.57 -7.72
C LEU A 61 -4.03 -12.51 -7.46
N PRO A 62 -3.55 -11.40 -6.91
CA PRO A 62 -2.16 -11.23 -6.60
C PRO A 62 -1.68 -12.18 -5.50
N VAL A 63 -0.43 -12.08 -5.24
CA VAL A 63 0.27 -12.91 -4.30
C VAL A 63 1.09 -11.99 -3.43
N CYS A 64 1.23 -12.38 -2.23
CA CYS A 64 1.98 -11.67 -1.26
C CYS A 64 3.08 -12.53 -0.78
N ILE A 65 4.18 -11.94 -0.50
CA ILE A 65 5.34 -12.63 -0.01
C ILE A 65 6.01 -11.76 1.00
N VAL A 66 6.54 -12.33 2.00
CA VAL A 66 7.29 -11.58 2.96
C VAL A 66 8.68 -11.40 2.38
N GLU A 67 9.12 -10.16 2.29
CA GLU A 67 10.43 -9.92 1.74
C GLU A 67 11.50 -10.25 2.75
N GLU A 68 11.08 -10.23 4.03
CA GLU A 68 11.87 -10.60 5.20
C GLU A 68 13.08 -9.65 5.29
N SER A 69 12.86 -8.41 4.92
CA SER A 69 13.92 -7.43 4.87
C SER A 69 13.62 -6.27 5.78
N THR A 70 14.57 -5.92 6.57
CA THR A 70 14.38 -4.89 7.53
C THR A 70 15.02 -3.58 7.10
N CYS A 71 14.42 -2.51 7.53
CA CYS A 71 14.74 -1.19 7.06
C CYS A 71 15.72 -0.41 7.92
N GLY A 72 15.99 -0.94 9.06
CA GLY A 72 17.05 -0.40 9.90
C GLY A 72 16.54 0.56 10.92
N ASP A 73 15.31 0.32 11.36
CA ASP A 73 14.63 1.19 12.34
C ASP A 73 14.31 2.55 11.71
N ILE A 74 13.70 3.39 12.46
CA ILE A 74 13.41 4.71 12.08
C ILE A 74 14.69 5.52 11.97
N PRO A 75 14.84 6.19 10.84
CA PRO A 75 16.01 6.97 10.54
C PRO A 75 16.08 8.21 11.41
N GLU A 76 17.09 8.94 11.19
CA GLU A 76 17.34 10.11 11.95
C GLU A 76 17.18 11.31 11.09
N LEU A 77 16.21 12.11 11.39
CA LEU A 77 15.98 13.30 10.65
C LEU A 77 16.79 14.38 11.36
N GLU A 78 17.47 15.23 10.59
CA GLU A 78 18.36 16.33 11.06
C GLU A 78 17.85 16.99 12.35
N HIS A 79 16.54 17.26 12.38
CA HIS A 79 15.91 17.92 13.49
C HIS A 79 14.51 17.34 13.67
N GLY A 80 14.36 16.10 13.24
CA GLY A 80 13.09 15.41 13.31
C GLY A 80 13.21 14.05 13.96
N TRP A 81 12.09 13.38 14.11
CA TRP A 81 11.96 12.11 14.75
C TRP A 81 10.66 11.52 14.33
N ALA A 82 10.14 10.61 15.07
CA ALA A 82 9.05 9.84 14.61
C ALA A 82 8.04 9.61 15.69
N GLN A 83 6.82 9.35 15.29
CA GLN A 83 5.74 9.12 16.22
C GLN A 83 5.55 7.64 16.44
N LEU A 84 5.09 6.95 15.44
CA LEU A 84 4.84 5.53 15.59
C LEU A 84 6.00 4.69 15.05
N SER A 85 6.29 3.63 15.76
CA SER A 85 7.30 2.70 15.36
C SER A 85 6.80 1.28 15.57
N SER A 86 6.70 0.55 14.50
CA SER A 86 6.24 -0.81 14.57
C SER A 86 7.27 -1.75 13.92
N PRO A 87 8.16 -2.31 14.74
CA PRO A 87 9.14 -3.28 14.27
C PRO A 87 8.56 -4.71 14.26
N PRO A 88 9.06 -5.59 13.40
CA PRO A 88 10.14 -5.28 12.47
C PRO A 88 9.68 -4.39 11.33
N TYR A 89 10.48 -3.39 11.03
CA TYR A 89 10.19 -2.48 9.97
C TYR A 89 10.59 -3.16 8.70
N TYR A 90 9.64 -3.72 8.04
CA TYR A 90 9.87 -4.40 6.79
C TYR A 90 9.65 -3.47 5.64
N TYR A 91 9.97 -3.95 4.46
CA TYR A 91 9.72 -3.21 3.25
C TYR A 91 8.22 -3.07 3.12
N GLY A 92 7.75 -1.94 2.73
CA GLY A 92 6.34 -1.82 2.58
C GLY A 92 5.67 -1.24 3.84
N ASP A 93 6.38 -1.21 4.97
CA ASP A 93 5.83 -0.63 6.23
C ASP A 93 5.89 0.90 6.15
N SER A 94 5.20 1.55 7.06
CA SER A 94 5.10 2.99 7.03
C SER A 94 5.37 3.56 8.40
N VAL A 95 5.83 4.78 8.42
CA VAL A 95 6.13 5.46 9.63
C VAL A 95 5.76 6.94 9.53
N GLU A 96 5.26 7.50 10.63
CA GLU A 96 4.98 8.92 10.71
C GLU A 96 6.14 9.62 11.40
N PHE A 97 6.68 10.58 10.74
CA PHE A 97 7.75 11.39 11.24
C PHE A 97 7.22 12.73 11.63
N ASN A 98 8.00 13.49 12.32
CA ASN A 98 7.62 14.83 12.71
C ASN A 98 8.89 15.51 13.13
N CYS A 99 8.85 16.75 13.28
CA CYS A 99 10.00 17.52 13.64
C CYS A 99 9.89 18.04 15.04
N SER A 100 11.04 18.44 15.61
CA SER A 100 11.09 19.00 16.94
C SER A 100 10.18 20.24 17.04
N GLU A 101 9.74 20.54 18.24
CA GLU A 101 8.80 21.62 18.52
C GLU A 101 9.31 22.98 17.99
N SER A 102 10.56 23.25 18.20
CA SER A 102 11.19 24.52 17.81
C SER A 102 11.50 24.56 16.28
N PHE A 103 11.06 23.54 15.56
CA PHE A 103 11.29 23.45 14.13
C PHE A 103 9.98 23.13 13.43
N THR A 104 9.89 23.48 12.19
CA THR A 104 8.75 23.15 11.39
C THR A 104 9.20 22.24 10.27
N MET A 105 8.38 21.28 9.94
CA MET A 105 8.74 20.31 8.94
C MET A 105 8.30 20.77 7.55
N ILE A 106 9.07 20.42 6.58
CA ILE A 106 8.76 20.67 5.20
C ILE A 106 8.66 19.34 4.51
N GLY A 107 7.50 19.04 3.98
CA GLY A 107 7.25 17.77 3.36
C GLY A 107 6.11 17.10 4.06
N HIS A 108 6.03 15.81 3.96
CA HIS A 108 5.00 15.08 4.62
C HIS A 108 5.57 14.22 5.71
N ARG A 109 4.74 13.80 6.59
CA ARG A 109 5.16 13.04 7.73
C ARG A 109 5.37 11.57 7.45
N SER A 110 4.62 10.99 6.57
CA SER A 110 4.67 9.54 6.48
C SER A 110 5.60 9.00 5.44
N ILE A 111 6.30 7.99 5.80
CA ILE A 111 7.24 7.37 4.95
C ILE A 111 6.89 5.92 4.77
N THR A 112 7.49 5.32 3.82
CA THR A 112 7.30 3.94 3.52
C THR A 112 8.68 3.37 3.25
N CYS A 113 8.94 2.18 3.72
CA CYS A 113 10.21 1.57 3.51
C CYS A 113 10.33 0.98 2.13
N ILE A 114 11.30 1.48 1.41
CA ILE A 114 11.57 1.07 0.06
C ILE A 114 13.05 0.68 -0.08
N HIS A 115 13.31 -0.60 -0.28
CA HIS A 115 14.66 -1.17 -0.49
C HIS A 115 15.55 -1.04 0.75
N GLY A 116 14.93 -1.06 1.90
CA GLY A 116 15.69 -1.00 3.12
C GLY A 116 15.86 0.39 3.64
N VAL A 117 15.27 1.34 2.96
CA VAL A 117 15.36 2.70 3.39
C VAL A 117 13.99 3.30 3.27
N TRP A 118 13.66 4.22 4.10
CA TRP A 118 12.38 4.84 4.01
C TRP A 118 12.42 5.85 2.89
N THR A 119 11.24 6.19 2.36
CA THR A 119 11.07 7.12 1.21
C THR A 119 12.11 8.23 1.09
N GLN A 120 12.05 9.23 1.96
CA GLN A 120 12.91 10.40 1.86
C GLN A 120 12.93 11.28 3.10
N LEU A 121 11.81 11.26 3.84
CA LEU A 121 11.59 12.06 5.05
C LEU A 121 11.47 13.55 4.73
N PRO A 122 10.74 14.28 5.55
CA PRO A 122 10.67 15.73 5.43
C PRO A 122 11.97 16.37 5.97
N GLN A 123 11.98 17.66 6.12
CA GLN A 123 13.10 18.33 6.72
C GLN A 123 12.58 19.33 7.68
N CYS A 124 13.33 19.60 8.68
CA CYS A 124 12.89 20.52 9.70
C CYS A 124 13.71 21.77 9.63
N VAL A 125 13.06 22.90 9.70
CA VAL A 125 13.71 24.16 9.60
C VAL A 125 13.47 24.97 10.83
N ALA A 126 14.47 25.72 11.18
CA ALA A 126 14.47 26.55 12.36
C ALA A 126 13.44 27.65 12.27
N ILE A 127 12.45 27.54 13.13
CA ILE A 127 11.45 28.55 13.31
C ILE A 127 12.12 29.81 13.83
N GLU A 1 -30.00 -10.86 -31.57
CA GLU A 1 -29.37 -11.19 -30.31
C GLU A 1 -27.87 -11.20 -30.51
N ALA A 2 -27.13 -11.42 -29.45
CA ALA A 2 -25.70 -11.52 -29.53
C ALA A 2 -25.27 -12.78 -28.83
N GLU A 3 -24.24 -13.43 -29.34
CA GLU A 3 -23.77 -14.69 -28.79
C GLU A 3 -22.92 -14.47 -27.55
N ALA A 4 -22.66 -13.22 -27.26
CA ALA A 4 -21.90 -12.82 -26.10
C ALA A 4 -22.30 -11.42 -25.72
N ALA A 5 -22.50 -11.21 -24.44
CA ALA A 5 -22.78 -9.91 -23.89
C ALA A 5 -21.86 -9.73 -22.71
N GLY A 6 -20.72 -9.14 -22.98
CA GLY A 6 -19.65 -9.02 -22.02
C GLY A 6 -19.88 -8.05 -20.93
N VAL A 7 -20.76 -8.41 -20.04
CA VAL A 7 -21.09 -7.68 -18.85
C VAL A 7 -22.15 -8.45 -18.10
N GLN A 8 -21.68 -9.24 -17.21
CA GLN A 8 -22.52 -10.09 -16.38
C GLN A 8 -22.75 -9.49 -15.00
N SER A 9 -21.81 -8.67 -14.61
CA SER A 9 -21.80 -7.97 -13.34
C SER A 9 -21.49 -8.90 -12.16
N CYS A 10 -20.47 -8.55 -11.45
CA CYS A 10 -20.04 -9.28 -10.29
C CYS A 10 -20.32 -8.41 -9.08
N GLY A 11 -19.83 -8.78 -7.93
CA GLY A 11 -20.07 -7.99 -6.78
C GLY A 11 -18.79 -7.41 -6.26
N PRO A 12 -18.62 -7.40 -4.95
CA PRO A 12 -17.39 -6.93 -4.33
C PRO A 12 -16.19 -7.81 -4.75
N PRO A 13 -14.97 -7.23 -4.79
CA PRO A 13 -13.77 -7.96 -5.19
C PRO A 13 -13.46 -9.12 -4.22
N PRO A 14 -12.69 -10.11 -4.68
CA PRO A 14 -12.26 -11.22 -3.86
C PRO A 14 -11.15 -10.78 -2.91
N GLU A 15 -10.42 -11.68 -2.38
CA GLU A 15 -9.39 -11.29 -1.45
C GLU A 15 -8.02 -11.64 -1.99
N LEU A 16 -7.02 -11.11 -1.37
CA LEU A 16 -5.66 -11.38 -1.71
C LEU A 16 -5.18 -12.34 -0.63
N LEU A 17 -4.40 -13.32 -1.04
CA LEU A 17 -3.75 -14.32 -0.18
C LEU A 17 -3.30 -13.71 1.15
N ASN A 18 -2.36 -12.81 1.09
CA ASN A 18 -1.85 -12.25 2.33
C ASN A 18 -2.33 -10.81 2.46
N GLY A 19 -2.18 -10.06 1.36
CA GLY A 19 -2.60 -8.67 1.27
C GLY A 19 -4.11 -8.53 1.20
N ASN A 20 -4.60 -7.42 0.63
CA ASN A 20 -6.04 -7.21 0.57
C ASN A 20 -6.45 -5.98 -0.21
N VAL A 21 -7.73 -5.68 -0.10
CA VAL A 21 -8.39 -4.62 -0.81
C VAL A 21 -8.52 -3.40 0.06
N LYS A 22 -8.16 -2.27 -0.50
CA LYS A 22 -8.28 -0.98 0.17
C LYS A 22 -9.48 -0.26 -0.37
N GLU A 23 -10.05 -0.82 -1.41
CA GLU A 23 -11.20 -0.27 -2.02
C GLU A 23 -12.40 -0.67 -1.23
N LYS A 24 -13.40 0.13 -1.28
CA LYS A 24 -14.59 -0.15 -0.55
C LYS A 24 -15.51 -0.97 -1.39
N THR A 25 -16.34 -1.74 -0.76
CA THR A 25 -17.22 -2.58 -1.47
C THR A 25 -18.42 -1.83 -2.00
N LYS A 26 -18.45 -1.70 -3.28
CA LYS A 26 -19.54 -1.04 -3.97
C LYS A 26 -20.60 -2.04 -4.30
N GLU A 27 -20.17 -3.30 -4.44
CA GLU A 27 -21.01 -4.46 -4.80
C GLU A 27 -21.49 -4.39 -6.26
N GLU A 28 -21.66 -3.20 -6.77
CA GLU A 28 -22.09 -2.98 -8.12
C GLU A 28 -20.87 -2.84 -9.04
N TYR A 29 -20.34 -3.97 -9.45
CA TYR A 29 -19.22 -4.02 -10.38
C TYR A 29 -19.67 -4.74 -11.63
N GLY A 30 -19.88 -4.02 -12.69
CA GLY A 30 -20.40 -4.61 -13.89
C GLY A 30 -19.35 -5.27 -14.76
N HIS A 31 -18.48 -4.46 -15.34
CA HIS A 31 -17.47 -4.96 -16.23
C HIS A 31 -16.35 -3.94 -16.37
N SER A 32 -15.13 -4.46 -16.45
CA SER A 32 -13.89 -3.68 -16.64
C SER A 32 -13.54 -2.85 -15.39
N GLU A 33 -14.22 -3.15 -14.30
CA GLU A 33 -13.99 -2.53 -13.03
C GLU A 33 -12.76 -3.12 -12.41
N VAL A 34 -11.82 -2.28 -12.07
CA VAL A 34 -10.59 -2.73 -11.49
C VAL A 34 -10.49 -2.36 -10.04
N VAL A 35 -9.88 -3.23 -9.30
CA VAL A 35 -9.66 -3.05 -7.89
C VAL A 35 -8.19 -3.16 -7.62
N GLU A 36 -7.67 -2.27 -6.80
CA GLU A 36 -6.30 -2.28 -6.51
C GLU A 36 -6.08 -2.83 -5.12
N TYR A 37 -5.24 -3.77 -5.05
CA TYR A 37 -4.85 -4.42 -3.85
C TYR A 37 -3.56 -3.84 -3.36
N TYR A 38 -3.28 -4.10 -2.13
CA TYR A 38 -2.05 -3.72 -1.52
C TYR A 38 -1.57 -4.92 -0.77
N CYS A 39 -0.31 -5.01 -0.54
CA CYS A 39 0.13 -6.08 0.27
C CYS A 39 0.43 -5.54 1.64
N ASN A 40 0.52 -6.44 2.55
CA ASN A 40 0.74 -6.18 3.95
C ASN A 40 2.01 -5.41 4.20
N PRO A 41 2.07 -4.67 5.33
CA PRO A 41 3.24 -3.83 5.69
C PRO A 41 4.51 -4.61 6.03
N ARG A 42 4.53 -5.87 5.70
CA ARG A 42 5.71 -6.64 5.85
C ARG A 42 5.92 -7.55 4.63
N PHE A 43 4.93 -7.59 3.76
CA PHE A 43 4.99 -8.40 2.58
C PHE A 43 5.10 -7.54 1.34
N LEU A 44 5.59 -8.12 0.31
CA LEU A 44 5.81 -7.45 -0.93
C LEU A 44 4.86 -7.98 -1.97
N MET A 45 4.29 -7.08 -2.71
CA MET A 45 3.41 -7.40 -3.80
C MET A 45 4.22 -7.99 -4.95
N LYS A 46 3.93 -9.21 -5.31
CA LYS A 46 4.61 -9.85 -6.40
C LYS A 46 3.72 -9.90 -7.65
N GLY A 47 2.47 -10.28 -7.44
CA GLY A 47 1.55 -10.49 -8.55
C GLY A 47 0.85 -9.21 -8.99
N PRO A 48 -0.14 -9.34 -9.90
CA PRO A 48 -0.91 -8.20 -10.39
C PRO A 48 -1.80 -7.64 -9.30
N ASN A 49 -1.38 -6.53 -8.78
CA ASN A 49 -2.06 -5.87 -7.65
C ASN A 49 -3.37 -5.23 -8.06
N LYS A 50 -3.75 -5.36 -9.29
CA LYS A 50 -5.00 -4.87 -9.77
C LYS A 50 -5.70 -5.95 -10.49
N ILE A 51 -6.97 -6.07 -10.24
CA ILE A 51 -7.76 -7.06 -10.89
C ILE A 51 -8.95 -6.38 -11.53
N GLN A 52 -9.56 -7.05 -12.43
CA GLN A 52 -10.64 -6.51 -13.21
C GLN A 52 -11.78 -7.49 -13.27
N CYS A 53 -12.98 -6.98 -13.18
CA CYS A 53 -14.16 -7.80 -13.30
C CYS A 53 -14.50 -7.96 -14.76
N VAL A 54 -14.17 -9.12 -15.31
CA VAL A 54 -14.45 -9.38 -16.70
C VAL A 54 -15.85 -9.98 -16.82
N ASP A 55 -16.25 -10.43 -18.00
CA ASP A 55 -17.56 -11.01 -18.15
C ASP A 55 -17.63 -12.45 -17.63
N GLY A 56 -17.63 -12.56 -16.32
CA GLY A 56 -17.81 -13.83 -15.69
C GLY A 56 -17.12 -13.94 -14.37
N GLU A 57 -15.95 -13.35 -14.27
CA GLU A 57 -15.14 -13.45 -13.06
C GLU A 57 -14.20 -12.29 -12.98
N TRP A 58 -13.40 -12.27 -11.97
CA TRP A 58 -12.35 -11.30 -11.83
C TRP A 58 -11.08 -11.87 -12.42
N THR A 59 -10.11 -11.05 -12.67
CA THR A 59 -8.85 -11.51 -13.24
C THR A 59 -7.98 -12.17 -12.19
N THR A 60 -6.84 -12.70 -12.62
CA THR A 60 -5.92 -13.39 -11.77
C THR A 60 -5.45 -12.53 -10.59
N LEU A 61 -5.76 -13.00 -9.41
CA LEU A 61 -5.36 -12.40 -8.16
C LEU A 61 -3.85 -12.35 -8.00
N PRO A 62 -3.34 -11.34 -7.29
CA PRO A 62 -1.92 -11.18 -7.05
C PRO A 62 -1.35 -12.20 -6.05
N VAL A 63 -0.07 -12.08 -5.83
CA VAL A 63 0.70 -12.97 -4.99
C VAL A 63 1.49 -12.10 -4.03
N CYS A 64 1.62 -12.51 -2.79
CA CYS A 64 2.37 -11.77 -1.80
C CYS A 64 3.51 -12.59 -1.26
N ILE A 65 4.65 -11.96 -1.10
CA ILE A 65 5.83 -12.64 -0.62
C ILE A 65 6.51 -11.78 0.41
N VAL A 66 7.08 -12.38 1.41
CA VAL A 66 7.78 -11.60 2.41
C VAL A 66 9.25 -11.56 2.05
N GLU A 67 9.83 -10.39 1.96
CA GLU A 67 11.26 -10.32 1.63
C GLU A 67 12.08 -10.65 2.87
N GLU A 68 11.38 -10.57 4.00
CA GLU A 68 11.89 -10.84 5.33
C GLU A 68 13.18 -10.08 5.58
N SER A 69 13.06 -8.80 5.57
CA SER A 69 14.13 -7.89 5.83
C SER A 69 13.52 -6.65 6.42
N THR A 70 14.20 -6.07 7.34
CA THR A 70 13.75 -4.92 8.02
C THR A 70 14.53 -3.68 7.62
N CYS A 71 13.94 -2.53 7.87
CA CYS A 71 14.60 -1.27 7.70
C CYS A 71 15.38 -0.93 8.97
N GLY A 72 15.17 -1.74 9.99
CA GLY A 72 15.92 -1.63 11.20
C GLY A 72 15.19 -0.87 12.23
N ASP A 73 15.19 0.42 12.08
CA ASP A 73 14.55 1.31 13.00
C ASP A 73 14.26 2.61 12.32
N ILE A 74 13.58 3.48 13.02
CA ILE A 74 13.28 4.79 12.57
C ILE A 74 14.53 5.64 12.47
N PRO A 75 14.74 6.23 11.30
CA PRO A 75 15.89 7.02 11.02
C PRO A 75 15.91 8.31 11.80
N GLU A 76 16.98 8.97 11.69
CA GLU A 76 17.17 10.20 12.36
C GLU A 76 16.85 11.35 11.44
N LEU A 77 15.91 12.12 11.86
CA LEU A 77 15.60 13.34 11.19
C LEU A 77 16.29 14.39 12.04
N GLU A 78 17.07 15.28 11.42
CA GLU A 78 17.94 16.23 12.16
C GLU A 78 17.18 17.01 13.24
N HIS A 79 15.94 17.36 12.95
CA HIS A 79 15.12 18.11 13.90
C HIS A 79 13.74 17.51 13.96
N GLY A 80 13.68 16.24 13.64
CA GLY A 80 12.44 15.52 13.66
C GLY A 80 12.59 14.17 14.31
N TRP A 81 11.49 13.46 14.37
CA TRP A 81 11.35 12.17 14.97
C TRP A 81 10.10 11.58 14.42
N ALA A 82 9.49 10.69 15.12
CA ALA A 82 8.43 9.93 14.55
C ALA A 82 7.27 9.80 15.49
N GLN A 83 6.08 9.67 14.93
CA GLN A 83 4.87 9.54 15.73
C GLN A 83 4.60 8.09 16.04
N LEU A 84 4.71 7.26 15.04
CA LEU A 84 4.44 5.87 15.20
C LEU A 84 5.60 5.03 14.76
N SER A 85 5.68 3.87 15.32
CA SER A 85 6.67 2.91 15.01
C SER A 85 6.01 1.56 14.89
N SER A 86 6.24 0.88 13.83
CA SER A 86 5.69 -0.43 13.65
C SER A 86 6.80 -1.43 13.37
N PRO A 87 7.41 -1.97 14.43
CA PRO A 87 8.44 -2.95 14.33
C PRO A 87 7.87 -4.38 14.41
N PRO A 88 8.57 -5.37 13.84
CA PRO A 88 9.79 -5.14 13.08
C PRO A 88 9.47 -4.39 11.79
N TYR A 89 10.25 -3.37 11.51
CA TYR A 89 9.99 -2.48 10.38
C TYR A 89 10.33 -3.19 9.07
N TYR A 90 9.42 -3.99 8.60
CA TYR A 90 9.59 -4.72 7.35
C TYR A 90 9.28 -3.85 6.17
N TYR A 91 9.52 -4.40 4.98
CA TYR A 91 9.24 -3.70 3.76
C TYR A 91 7.76 -3.45 3.64
N GLY A 92 7.45 -2.28 3.14
CA GLY A 92 6.07 -1.92 2.94
C GLY A 92 5.41 -1.27 4.14
N ASP A 93 6.06 -1.30 5.30
CA ASP A 93 5.47 -0.63 6.47
C ASP A 93 5.72 0.85 6.34
N SER A 94 5.06 1.62 7.13
CA SER A 94 5.08 3.05 6.97
C SER A 94 5.33 3.71 8.27
N VAL A 95 6.02 4.77 8.23
CA VAL A 95 6.27 5.51 9.39
C VAL A 95 5.96 6.95 9.14
N GLU A 96 5.35 7.56 10.10
CA GLU A 96 5.05 8.94 10.01
C GLU A 96 5.98 9.69 10.93
N PHE A 97 6.71 10.59 10.35
CA PHE A 97 7.67 11.43 11.01
C PHE A 97 7.03 12.75 11.31
N ASN A 98 7.61 13.46 12.21
CA ASN A 98 7.14 14.75 12.61
C ASN A 98 8.32 15.55 13.01
N CYS A 99 8.29 16.78 12.71
CA CYS A 99 9.34 17.67 13.09
C CYS A 99 9.06 18.22 14.46
N SER A 100 10.10 18.67 15.12
CA SER A 100 9.99 19.25 16.42
C SER A 100 9.09 20.48 16.32
N GLU A 101 8.38 20.78 17.37
CA GLU A 101 7.54 21.93 17.36
C GLU A 101 8.42 23.15 17.27
N SER A 102 7.93 24.16 16.57
CA SER A 102 8.64 25.39 16.22
C SER A 102 9.44 25.18 14.93
N PHE A 103 9.45 23.95 14.43
CA PHE A 103 10.04 23.64 13.16
C PHE A 103 8.95 23.23 12.21
N THR A 104 9.17 23.42 10.97
CA THR A 104 8.25 22.99 9.98
C THR A 104 8.91 21.95 9.12
N MET A 105 8.16 20.98 8.71
CA MET A 105 8.67 19.93 7.91
C MET A 105 8.45 20.22 6.46
N ILE A 106 9.42 19.93 5.69
CA ILE A 106 9.36 20.13 4.27
C ILE A 106 9.20 18.79 3.59
N GLY A 107 8.10 18.60 2.92
CA GLY A 107 7.86 17.38 2.22
C GLY A 107 6.86 16.50 2.88
N HIS A 108 7.14 15.23 2.83
CA HIS A 108 6.20 14.25 3.26
C HIS A 108 6.58 13.73 4.60
N ARG A 109 5.61 13.73 5.46
CA ARG A 109 5.76 13.26 6.81
C ARG A 109 5.90 11.76 6.88
N SER A 110 5.37 11.08 5.92
CA SER A 110 5.38 9.65 5.97
C SER A 110 6.39 9.02 5.06
N ILE A 111 6.90 7.90 5.49
CA ILE A 111 7.86 7.14 4.78
C ILE A 111 7.43 5.72 4.68
N THR A 112 8.08 4.99 3.85
CA THR A 112 7.79 3.62 3.65
C THR A 112 9.10 2.85 3.55
N CYS A 113 9.17 1.72 4.20
CA CYS A 113 10.34 0.87 4.19
C CYS A 113 10.53 0.26 2.81
N ILE A 114 11.52 0.76 2.10
CA ILE A 114 11.79 0.34 0.73
C ILE A 114 13.22 -0.20 0.60
N HIS A 115 13.35 -1.51 0.36
CA HIS A 115 14.66 -2.17 0.14
C HIS A 115 15.62 -2.00 1.33
N GLY A 116 15.06 -1.87 2.51
CA GLY A 116 15.88 -1.75 3.69
C GLY A 116 16.14 -0.31 4.07
N VAL A 117 15.51 0.62 3.40
CA VAL A 117 15.66 2.01 3.74
C VAL A 117 14.32 2.71 3.61
N TRP A 118 14.01 3.58 4.52
CA TRP A 118 12.79 4.34 4.41
C TRP A 118 12.95 5.32 3.28
N THR A 119 11.85 5.66 2.65
CA THR A 119 11.80 6.49 1.44
C THR A 119 12.77 7.65 1.38
N GLN A 120 12.50 8.71 2.09
CA GLN A 120 13.31 9.91 1.90
C GLN A 120 13.28 10.87 3.05
N LEU A 121 12.18 10.87 3.78
CA LEU A 121 11.97 11.74 4.95
C LEU A 121 11.83 13.21 4.55
N PRO A 122 11.18 14.01 5.39
CA PRO A 122 11.08 15.43 5.19
C PRO A 122 12.35 16.16 5.68
N GLN A 123 12.26 17.47 5.77
CA GLN A 123 13.34 18.29 6.30
C GLN A 123 12.74 19.23 7.33
N CYS A 124 13.31 19.31 8.49
CA CYS A 124 12.78 20.23 9.49
C CYS A 124 13.60 21.51 9.50
N VAL A 125 12.93 22.63 9.42
CA VAL A 125 13.57 23.92 9.42
C VAL A 125 12.93 24.79 10.49
N ALA A 126 13.72 25.62 11.10
CA ALA A 126 13.28 26.46 12.19
C ALA A 126 12.40 27.60 11.70
N ILE A 127 11.15 27.58 12.11
CA ILE A 127 10.21 28.64 11.80
C ILE A 127 10.64 29.90 12.57
N GLU A 1 -17.77 -13.20 -28.63
CA GLU A 1 -18.71 -14.07 -29.34
C GLU A 1 -20.14 -13.52 -29.29
N ALA A 2 -20.70 -13.37 -28.10
CA ALA A 2 -22.03 -12.82 -27.93
C ALA A 2 -22.03 -11.95 -26.68
N GLU A 3 -23.21 -11.49 -26.24
CA GLU A 3 -23.36 -10.66 -25.03
C GLU A 3 -22.54 -9.37 -25.16
N ALA A 4 -22.41 -8.90 -26.40
CA ALA A 4 -21.65 -7.71 -26.78
C ALA A 4 -20.16 -7.89 -26.51
N ALA A 5 -19.75 -7.77 -25.28
CA ALA A 5 -18.35 -7.91 -24.90
C ALA A 5 -18.20 -8.93 -23.80
N GLY A 6 -19.33 -9.44 -23.36
CA GLY A 6 -19.34 -10.28 -22.20
C GLY A 6 -19.32 -9.41 -20.98
N VAL A 7 -20.43 -9.27 -20.37
CA VAL A 7 -20.65 -8.38 -19.26
C VAL A 7 -21.77 -8.98 -18.48
N GLN A 8 -21.39 -9.79 -17.59
CA GLN A 8 -22.27 -10.47 -16.70
C GLN A 8 -22.59 -9.60 -15.51
N SER A 9 -21.79 -9.73 -14.47
CA SER A 9 -21.97 -9.05 -13.20
C SER A 9 -21.02 -9.69 -12.21
N CYS A 10 -20.71 -8.96 -11.18
CA CYS A 10 -19.88 -9.41 -10.11
C CYS A 10 -20.02 -8.40 -9.02
N GLY A 11 -19.90 -8.84 -7.81
CA GLY A 11 -20.02 -7.95 -6.73
C GLY A 11 -18.68 -7.57 -6.19
N PRO A 12 -18.55 -7.49 -4.88
CA PRO A 12 -17.30 -7.09 -4.20
C PRO A 12 -16.10 -7.91 -4.64
N PRO A 13 -14.94 -7.26 -4.76
CA PRO A 13 -13.71 -7.92 -5.22
C PRO A 13 -13.27 -9.05 -4.28
N PRO A 14 -12.58 -10.05 -4.83
CA PRO A 14 -12.08 -11.17 -4.07
C PRO A 14 -11.04 -10.75 -3.01
N GLU A 15 -10.55 -11.70 -2.28
CA GLU A 15 -9.60 -11.42 -1.25
C GLU A 15 -8.21 -11.61 -1.79
N LEU A 16 -7.30 -10.81 -1.34
CA LEU A 16 -5.94 -10.98 -1.75
C LEU A 16 -5.32 -11.99 -0.80
N LEU A 17 -4.56 -12.87 -1.37
CA LEU A 17 -3.74 -13.86 -0.69
C LEU A 17 -3.17 -13.36 0.66
N ASN A 18 -2.32 -12.37 0.63
CA ASN A 18 -1.76 -11.88 1.87
C ASN A 18 -1.77 -10.36 1.85
N GLY A 19 -2.73 -9.91 1.19
CA GLY A 19 -3.04 -8.52 1.11
C GLY A 19 -4.53 -8.31 1.17
N ASN A 20 -4.99 -7.20 0.66
CA ASN A 20 -6.40 -6.83 0.65
C ASN A 20 -6.63 -5.72 -0.34
N VAL A 21 -7.86 -5.31 -0.48
CA VAL A 21 -8.25 -4.24 -1.38
C VAL A 21 -8.42 -2.93 -0.58
N LYS A 22 -7.98 -1.83 -1.15
CA LYS A 22 -8.00 -0.55 -0.43
C LYS A 22 -9.23 0.27 -0.80
N GLU A 23 -9.90 -0.15 -1.83
CA GLU A 23 -11.06 0.54 -2.29
C GLU A 23 -12.28 -0.01 -1.61
N LYS A 24 -13.37 0.71 -1.67
CA LYS A 24 -14.56 0.28 -1.02
C LYS A 24 -15.39 -0.51 -1.99
N THR A 25 -16.14 -1.43 -1.47
CA THR A 25 -16.88 -2.35 -2.29
C THR A 25 -18.10 -1.70 -2.91
N LYS A 26 -18.14 -1.67 -4.22
CA LYS A 26 -19.29 -1.09 -4.93
C LYS A 26 -20.42 -2.11 -4.98
N GLU A 27 -20.05 -3.37 -4.79
CA GLU A 27 -20.96 -4.52 -4.71
C GLU A 27 -21.74 -4.84 -5.98
N GLU A 28 -21.56 -4.02 -6.97
CA GLU A 28 -22.09 -4.26 -8.29
C GLU A 28 -21.13 -3.64 -9.25
N TYR A 29 -20.25 -4.44 -9.73
CA TYR A 29 -19.24 -3.99 -10.64
C TYR A 29 -19.67 -4.24 -12.08
N GLY A 30 -19.75 -5.48 -12.47
CA GLY A 30 -20.27 -5.79 -13.78
C GLY A 30 -19.20 -6.33 -14.69
N HIS A 31 -18.59 -5.46 -15.48
CA HIS A 31 -17.55 -5.89 -16.39
C HIS A 31 -16.52 -4.79 -16.57
N SER A 32 -15.25 -5.22 -16.69
CA SER A 32 -14.10 -4.37 -16.97
C SER A 32 -13.73 -3.47 -15.79
N GLU A 33 -14.33 -3.75 -14.67
CA GLU A 33 -14.10 -3.02 -13.46
C GLU A 33 -12.80 -3.45 -12.84
N VAL A 34 -11.97 -2.48 -12.54
CA VAL A 34 -10.64 -2.74 -11.99
C VAL A 34 -10.65 -2.43 -10.51
N VAL A 35 -9.96 -3.22 -9.75
CA VAL A 35 -9.84 -3.07 -8.32
C VAL A 35 -8.36 -3.09 -7.93
N GLU A 36 -7.97 -2.17 -7.06
CA GLU A 36 -6.60 -2.10 -6.61
C GLU A 36 -6.41 -2.69 -5.20
N TYR A 37 -5.41 -3.52 -5.10
CA TYR A 37 -5.05 -4.21 -3.89
C TYR A 37 -3.74 -3.70 -3.33
N TYR A 38 -3.49 -4.04 -2.07
CA TYR A 38 -2.26 -3.73 -1.37
C TYR A 38 -1.89 -4.96 -0.55
N CYS A 39 -0.64 -5.17 -0.31
CA CYS A 39 -0.18 -6.27 0.53
C CYS A 39 -0.11 -5.86 1.98
N ASN A 40 -0.06 -6.86 2.87
CA ASN A 40 0.11 -6.66 4.30
C ASN A 40 1.41 -5.89 4.60
N PRO A 41 1.51 -5.24 5.80
CA PRO A 41 2.63 -4.33 6.17
C PRO A 41 4.04 -4.94 6.23
N ARG A 42 4.19 -6.19 5.92
CA ARG A 42 5.53 -6.74 5.81
C ARG A 42 5.69 -7.54 4.53
N PHE A 43 4.63 -7.63 3.81
CA PHE A 43 4.62 -8.35 2.57
C PHE A 43 4.74 -7.44 1.37
N LEU A 44 5.43 -7.91 0.40
CA LEU A 44 5.67 -7.19 -0.82
C LEU A 44 4.75 -7.67 -1.88
N MET A 45 4.27 -6.74 -2.65
CA MET A 45 3.39 -7.01 -3.74
C MET A 45 4.15 -7.71 -4.86
N LYS A 46 3.80 -8.95 -5.09
CA LYS A 46 4.42 -9.76 -6.12
C LYS A 46 3.52 -9.81 -7.35
N GLY A 47 2.32 -9.36 -7.18
CA GLY A 47 1.36 -9.42 -8.25
C GLY A 47 1.21 -8.10 -9.00
N PRO A 48 0.21 -8.00 -9.89
CA PRO A 48 -0.06 -6.77 -10.66
C PRO A 48 -0.85 -5.76 -9.84
N ASN A 49 -1.25 -6.21 -8.66
CA ASN A 49 -2.04 -5.48 -7.62
C ASN A 49 -3.40 -4.95 -8.08
N LYS A 50 -3.71 -5.06 -9.33
CA LYS A 50 -5.00 -4.63 -9.84
C LYS A 50 -5.60 -5.69 -10.70
N ILE A 51 -6.90 -5.86 -10.60
CA ILE A 51 -7.61 -6.93 -11.30
C ILE A 51 -8.81 -6.37 -12.00
N GLN A 52 -9.43 -7.17 -12.83
CA GLN A 52 -10.55 -6.74 -13.62
C GLN A 52 -11.63 -7.81 -13.64
N CYS A 53 -12.86 -7.36 -13.57
CA CYS A 53 -13.99 -8.25 -13.66
C CYS A 53 -14.28 -8.56 -15.13
N VAL A 54 -13.88 -9.70 -15.54
CA VAL A 54 -14.07 -10.20 -16.88
C VAL A 54 -15.43 -10.89 -16.95
N ASP A 55 -15.89 -11.23 -18.15
CA ASP A 55 -17.17 -11.90 -18.40
C ASP A 55 -17.24 -13.30 -17.75
N GLY A 56 -17.32 -13.29 -16.45
CA GLY A 56 -17.57 -14.44 -15.70
C GLY A 56 -16.93 -14.41 -14.34
N GLU A 57 -15.79 -13.74 -14.23
CA GLU A 57 -15.02 -13.73 -12.99
C GLU A 57 -13.95 -12.66 -13.07
N TRP A 58 -13.15 -12.56 -12.04
CA TRP A 58 -12.07 -11.60 -12.01
C TRP A 58 -10.82 -12.17 -12.68
N THR A 59 -9.80 -11.37 -12.80
CA THR A 59 -8.56 -11.77 -13.41
C THR A 59 -7.60 -12.36 -12.38
N THR A 60 -6.35 -12.52 -12.79
CA THR A 60 -5.31 -13.01 -11.93
C THR A 60 -5.05 -12.02 -10.81
N LEU A 61 -5.37 -12.42 -9.60
CA LEU A 61 -5.11 -11.62 -8.43
C LEU A 61 -3.64 -11.57 -8.11
N PRO A 62 -3.21 -10.50 -7.43
CA PRO A 62 -1.83 -10.35 -7.03
C PRO A 62 -1.40 -11.35 -5.96
N VAL A 63 -0.16 -11.29 -5.64
CA VAL A 63 0.48 -12.16 -4.69
C VAL A 63 1.22 -11.28 -3.72
N CYS A 64 1.37 -11.73 -2.53
CA CYS A 64 2.06 -10.99 -1.51
C CYS A 64 3.04 -11.92 -0.84
N ILE A 65 4.28 -11.54 -0.83
CA ILE A 65 5.34 -12.35 -0.28
C ILE A 65 6.18 -11.52 0.66
N VAL A 66 6.60 -12.11 1.73
CA VAL A 66 7.35 -11.38 2.70
C VAL A 66 8.82 -11.43 2.31
N GLU A 67 9.45 -10.28 2.17
CA GLU A 67 10.87 -10.28 1.83
C GLU A 67 11.67 -10.69 3.06
N GLU A 68 11.03 -10.52 4.22
CA GLU A 68 11.54 -10.97 5.51
C GLU A 68 12.86 -10.25 5.84
N SER A 69 12.88 -8.98 5.52
CA SER A 69 14.01 -8.15 5.77
C SER A 69 13.56 -6.99 6.63
N THR A 70 14.48 -6.41 7.32
CA THR A 70 14.20 -5.34 8.18
C THR A 70 14.86 -4.08 7.74
N CYS A 71 14.19 -3.01 7.98
CA CYS A 71 14.55 -1.71 7.49
C CYS A 71 15.61 -1.03 8.33
N GLY A 72 15.71 -1.40 9.58
CA GLY A 72 16.78 -0.89 10.38
C GLY A 72 16.36 0.27 11.24
N ASP A 73 15.17 0.16 11.82
CA ASP A 73 14.62 1.15 12.75
C ASP A 73 14.33 2.51 12.07
N ILE A 74 13.79 3.41 12.83
CA ILE A 74 13.52 4.73 12.40
C ILE A 74 14.78 5.54 12.30
N PRO A 75 14.95 6.22 11.18
CA PRO A 75 16.10 7.05 10.94
C PRO A 75 16.02 8.33 11.73
N GLU A 76 16.98 9.13 11.57
CA GLU A 76 17.02 10.37 12.25
C GLU A 76 17.05 11.48 11.26
N LEU A 77 16.03 12.27 11.29
CA LEU A 77 15.97 13.46 10.50
C LEU A 77 16.75 14.50 11.27
N GLU A 78 17.55 15.31 10.58
CA GLU A 78 18.44 16.31 11.23
C GLU A 78 17.73 17.10 12.33
N HIS A 79 16.46 17.44 12.11
CA HIS A 79 15.67 18.12 13.11
C HIS A 79 14.27 17.51 13.23
N GLY A 80 14.16 16.26 12.82
CA GLY A 80 12.90 15.53 12.92
C GLY A 80 13.09 14.12 13.53
N TRP A 81 12.01 13.49 13.90
CA TRP A 81 11.97 12.23 14.59
C TRP A 81 10.64 11.60 14.31
N ALA A 82 10.14 10.79 15.17
CA ALA A 82 9.02 9.97 14.81
C ALA A 82 7.93 9.89 15.87
N GLN A 83 6.70 9.75 15.39
CA GLN A 83 5.52 9.65 16.25
C GLN A 83 5.27 8.21 16.65
N LEU A 84 5.40 7.32 15.71
CA LEU A 84 5.15 5.92 15.95
C LEU A 84 6.28 5.07 15.43
N SER A 85 6.36 3.87 15.92
CA SER A 85 7.37 2.92 15.54
C SER A 85 6.77 1.53 15.65
N SER A 86 6.70 0.85 14.57
CA SER A 86 6.19 -0.49 14.57
C SER A 86 7.27 -1.48 14.16
N PRO A 87 7.90 -2.11 15.14
CA PRO A 87 8.86 -3.14 14.89
C PRO A 87 8.18 -4.54 14.92
N PRO A 88 8.74 -5.51 14.19
CA PRO A 88 9.92 -5.32 13.36
C PRO A 88 9.61 -4.49 12.12
N TYR A 89 10.44 -3.51 11.85
CA TYR A 89 10.25 -2.64 10.71
C TYR A 89 10.57 -3.42 9.45
N TYR A 90 9.56 -3.94 8.82
CA TYR A 90 9.71 -4.68 7.59
C TYR A 90 9.38 -3.82 6.40
N TYR A 91 9.57 -4.36 5.23
CA TYR A 91 9.21 -3.67 4.01
C TYR A 91 7.70 -3.45 4.00
N GLY A 92 7.30 -2.31 3.53
CA GLY A 92 5.90 -2.02 3.44
C GLY A 92 5.31 -1.43 4.69
N ASP A 93 6.09 -1.44 5.77
CA ASP A 93 5.62 -0.85 7.02
C ASP A 93 5.70 0.65 6.89
N SER A 94 5.15 1.35 7.82
CA SER A 94 5.03 2.78 7.71
C SER A 94 5.42 3.44 8.98
N VAL A 95 5.93 4.60 8.87
CA VAL A 95 6.32 5.36 10.00
C VAL A 95 5.91 6.78 9.79
N GLU A 96 5.47 7.41 10.82
CA GLU A 96 5.13 8.79 10.74
C GLU A 96 6.17 9.60 11.46
N PHE A 97 6.79 10.47 10.74
CA PHE A 97 7.81 11.37 11.22
C PHE A 97 7.22 12.70 11.56
N ASN A 98 7.80 13.34 12.51
CA ASN A 98 7.40 14.64 12.93
C ASN A 98 8.64 15.44 13.13
N CYS A 99 8.52 16.69 12.96
CA CYS A 99 9.61 17.57 13.06
C CYS A 99 9.70 18.07 14.49
N SER A 100 10.81 18.68 14.83
CA SER A 100 11.00 19.31 16.10
C SER A 100 9.93 20.39 16.32
N GLU A 101 9.69 20.70 17.56
CA GLU A 101 8.68 21.66 17.95
C GLU A 101 8.99 23.06 17.42
N SER A 102 10.24 23.40 17.39
CA SER A 102 10.68 24.72 16.97
C SER A 102 10.95 24.80 15.47
N PHE A 103 10.65 23.73 14.76
CA PHE A 103 10.93 23.63 13.35
C PHE A 103 9.68 23.19 12.61
N THR A 104 9.62 23.48 11.35
CA THR A 104 8.50 23.08 10.56
C THR A 104 9.01 22.13 9.49
N MET A 105 8.20 21.16 9.14
CA MET A 105 8.61 20.12 8.25
C MET A 105 8.05 20.36 6.85
N ILE A 106 8.77 19.87 5.88
CA ILE A 106 8.38 19.96 4.49
C ILE A 106 8.53 18.57 3.90
N GLY A 107 7.51 18.07 3.26
CA GLY A 107 7.58 16.78 2.63
C GLY A 107 6.55 15.87 3.17
N HIS A 108 6.81 14.60 3.11
CA HIS A 108 5.85 13.67 3.56
C HIS A 108 6.20 13.24 4.92
N ARG A 109 5.29 13.52 5.80
CA ARG A 109 5.46 13.21 7.18
C ARG A 109 5.50 11.72 7.42
N SER A 110 4.87 10.97 6.56
CA SER A 110 4.87 9.55 6.72
C SER A 110 5.74 8.88 5.70
N ILE A 111 6.34 7.80 6.09
CA ILE A 111 7.22 7.07 5.24
C ILE A 111 6.82 5.65 5.18
N THR A 112 7.32 4.98 4.21
CA THR A 112 7.06 3.62 3.98
C THR A 112 8.39 2.98 3.69
N CYS A 113 8.63 1.83 4.25
CA CYS A 113 9.88 1.17 4.03
C CYS A 113 9.91 0.52 2.68
N ILE A 114 10.78 1.01 1.87
CA ILE A 114 10.96 0.54 0.55
C ILE A 114 12.35 -0.04 0.39
N HIS A 115 12.39 -1.36 0.50
CA HIS A 115 13.59 -2.19 0.32
C HIS A 115 14.61 -1.95 1.40
N GLY A 116 14.11 -1.68 2.59
CA GLY A 116 14.98 -1.47 3.72
C GLY A 116 15.14 0.00 4.03
N VAL A 117 14.76 0.83 3.10
CA VAL A 117 14.95 2.25 3.24
C VAL A 117 13.61 2.93 3.21
N TRP A 118 13.38 3.83 4.13
CA TRP A 118 12.11 4.51 4.16
C TRP A 118 12.05 5.49 3.00
N THR A 119 10.84 5.79 2.53
CA THR A 119 10.60 6.61 1.33
C THR A 119 11.53 7.77 1.10
N GLN A 120 11.49 8.75 1.97
CA GLN A 120 12.25 9.96 1.72
C GLN A 120 12.47 10.82 2.90
N LEU A 121 11.51 10.78 3.82
CA LEU A 121 11.47 11.62 5.00
C LEU A 121 11.30 13.09 4.64
N PRO A 122 10.66 13.84 5.49
CA PRO A 122 10.49 15.26 5.28
C PRO A 122 11.79 16.00 5.66
N GLN A 123 11.74 17.28 5.67
CA GLN A 123 12.87 18.08 6.06
C GLN A 123 12.38 19.19 6.95
N CYS A 124 13.16 19.56 7.90
CA CYS A 124 12.80 20.63 8.78
C CYS A 124 13.53 21.92 8.43
N VAL A 125 12.92 23.03 8.78
CA VAL A 125 13.49 24.34 8.61
C VAL A 125 13.12 25.15 9.83
N ALA A 126 14.03 26.01 10.24
CA ALA A 126 13.84 26.83 11.41
C ALA A 126 12.68 27.79 11.22
N ILE A 127 11.69 27.69 12.09
CA ILE A 127 10.55 28.60 12.07
C ILE A 127 11.02 29.97 12.52
N GLU A 1 -23.79 -23.83 -23.79
CA GLU A 1 -22.71 -24.38 -24.62
C GLU A 1 -21.49 -23.44 -24.64
N ALA A 2 -21.31 -22.66 -23.59
CA ALA A 2 -20.21 -21.73 -23.52
C ALA A 2 -19.85 -21.47 -22.07
N GLU A 3 -18.70 -20.90 -21.83
CA GLU A 3 -18.26 -20.64 -20.47
C GLU A 3 -18.83 -19.31 -19.98
N ALA A 4 -19.26 -18.49 -20.91
CA ALA A 4 -19.86 -17.24 -20.59
C ALA A 4 -20.97 -16.96 -21.55
N ALA A 5 -22.01 -16.30 -21.08
CA ALA A 5 -23.12 -15.93 -21.93
C ALA A 5 -22.86 -14.61 -22.61
N GLY A 6 -21.83 -13.95 -22.16
CA GLY A 6 -21.50 -12.65 -22.65
C GLY A 6 -21.99 -11.60 -21.71
N VAL A 7 -21.05 -10.89 -21.09
CA VAL A 7 -21.28 -9.89 -20.05
C VAL A 7 -22.22 -10.41 -18.98
N GLN A 8 -21.64 -11.27 -18.22
CA GLN A 8 -22.30 -12.02 -17.20
C GLN A 8 -22.66 -11.21 -15.95
N SER A 9 -21.93 -11.42 -14.88
CA SER A 9 -22.26 -10.86 -13.59
C SER A 9 -21.23 -11.28 -12.55
N CYS A 10 -21.11 -10.50 -11.50
CA CYS A 10 -20.21 -10.78 -10.39
C CYS A 10 -20.42 -9.72 -9.34
N GLY A 11 -20.29 -10.09 -8.10
CA GLY A 11 -20.45 -9.18 -7.04
C GLY A 11 -19.14 -8.73 -6.47
N PRO A 12 -19.01 -8.76 -5.15
CA PRO A 12 -17.81 -8.29 -4.43
C PRO A 12 -16.53 -8.95 -4.93
N PRO A 13 -15.44 -8.16 -5.03
CA PRO A 13 -14.15 -8.66 -5.46
C PRO A 13 -13.62 -9.73 -4.50
N PRO A 14 -12.77 -10.63 -5.00
CA PRO A 14 -12.19 -11.68 -4.19
C PRO A 14 -11.20 -11.11 -3.15
N GLU A 15 -10.45 -11.96 -2.52
CA GLU A 15 -9.52 -11.51 -1.53
C GLU A 15 -8.11 -11.55 -2.08
N LEU A 16 -7.22 -10.85 -1.45
CA LEU A 16 -5.84 -10.94 -1.82
C LEU A 16 -5.09 -11.83 -0.85
N LEU A 17 -4.21 -12.66 -1.43
CA LEU A 17 -3.31 -13.62 -0.76
C LEU A 17 -2.96 -13.18 0.65
N ASN A 18 -2.27 -12.08 0.75
CA ASN A 18 -1.86 -11.65 2.05
C ASN A 18 -2.47 -10.32 2.39
N GLY A 19 -2.51 -9.43 1.40
CA GLY A 19 -3.02 -8.08 1.61
C GLY A 19 -4.52 -8.03 1.60
N ASN A 20 -5.08 -7.13 0.81
CA ASN A 20 -6.53 -7.00 0.72
C ASN A 20 -6.83 -6.01 -0.40
N VAL A 21 -8.08 -5.70 -0.58
CA VAL A 21 -8.54 -4.74 -1.53
C VAL A 21 -8.79 -3.41 -0.81
N LYS A 22 -8.54 -2.30 -1.45
CA LYS A 22 -8.69 -0.99 -0.80
C LYS A 22 -10.00 -0.35 -1.18
N GLU A 23 -10.59 -0.83 -2.23
CA GLU A 23 -11.83 -0.30 -2.71
C GLU A 23 -12.94 -1.06 -2.07
N LYS A 24 -14.00 -0.40 -1.79
CA LYS A 24 -15.09 -1.02 -1.13
C LYS A 24 -15.96 -1.79 -2.07
N THR A 25 -16.57 -2.78 -1.53
CA THR A 25 -17.34 -3.68 -2.26
C THR A 25 -18.66 -3.06 -2.69
N LYS A 26 -18.83 -2.98 -3.98
CA LYS A 26 -20.06 -2.44 -4.54
C LYS A 26 -21.09 -3.53 -4.59
N GLU A 27 -20.59 -4.77 -4.60
CA GLU A 27 -21.41 -5.99 -4.56
C GLU A 27 -22.29 -6.12 -5.79
N GLU A 28 -21.90 -5.37 -6.80
CA GLU A 28 -22.49 -5.37 -8.11
C GLU A 28 -21.43 -4.83 -9.03
N TYR A 29 -20.80 -5.70 -9.74
CA TYR A 29 -19.79 -5.30 -10.69
C TYR A 29 -20.20 -5.71 -12.10
N GLY A 30 -20.13 -6.97 -12.40
CA GLY A 30 -20.62 -7.44 -13.68
C GLY A 30 -19.53 -7.72 -14.68
N HIS A 31 -19.13 -6.71 -15.45
CA HIS A 31 -18.14 -6.92 -16.47
C HIS A 31 -17.26 -5.69 -16.64
N SER A 32 -15.96 -5.92 -16.88
CA SER A 32 -14.93 -4.90 -17.16
C SER A 32 -14.62 -4.01 -15.95
N GLU A 33 -15.12 -4.44 -14.82
CA GLU A 33 -14.90 -3.77 -13.55
C GLU A 33 -13.52 -4.13 -13.05
N VAL A 34 -12.74 -3.14 -12.69
CA VAL A 34 -11.38 -3.36 -12.27
C VAL A 34 -11.13 -2.86 -10.85
N VAL A 35 -10.52 -3.71 -10.05
CA VAL A 35 -10.36 -3.49 -8.63
C VAL A 35 -8.89 -3.49 -8.24
N GLU A 36 -8.51 -2.56 -7.37
CA GLU A 36 -7.16 -2.45 -6.93
C GLU A 36 -6.96 -2.99 -5.51
N TYR A 37 -5.92 -3.74 -5.37
CA TYR A 37 -5.54 -4.39 -4.17
C TYR A 37 -4.28 -3.77 -3.60
N TYR A 38 -4.02 -4.06 -2.34
CA TYR A 38 -2.83 -3.60 -1.67
C TYR A 38 -2.28 -4.73 -0.83
N CYS A 39 -1.00 -4.80 -0.72
CA CYS A 39 -0.40 -5.76 0.16
C CYS A 39 -0.20 -5.14 1.50
N ASN A 40 -0.19 -5.99 2.50
CA ASN A 40 0.05 -5.64 3.88
C ASN A 40 1.30 -4.81 4.06
N PRO A 41 1.40 -4.02 5.14
CA PRO A 41 2.56 -3.13 5.40
C PRO A 41 3.84 -3.90 5.77
N ARG A 42 3.80 -5.18 5.55
CA ARG A 42 4.92 -6.01 5.79
C ARG A 42 5.18 -6.96 4.62
N PHE A 43 4.35 -6.85 3.64
CA PHE A 43 4.45 -7.62 2.42
C PHE A 43 4.50 -6.73 1.21
N LEU A 44 5.16 -7.22 0.21
CA LEU A 44 5.36 -6.51 -1.01
C LEU A 44 4.45 -7.03 -2.08
N MET A 45 3.92 -6.13 -2.87
CA MET A 45 3.09 -6.48 -3.99
C MET A 45 3.97 -7.02 -5.10
N LYS A 46 3.75 -8.26 -5.44
CA LYS A 46 4.49 -8.88 -6.50
C LYS A 46 3.63 -8.91 -7.75
N GLY A 47 2.34 -9.04 -7.53
CA GLY A 47 1.40 -9.15 -8.63
C GLY A 47 1.03 -7.81 -9.27
N PRO A 48 0.07 -7.83 -10.24
CA PRO A 48 -0.37 -6.63 -11.00
C PRO A 48 -1.20 -5.66 -10.15
N ASN A 49 -1.54 -6.11 -8.94
CA ASN A 49 -2.33 -5.39 -7.90
C ASN A 49 -3.73 -4.95 -8.33
N LYS A 50 -4.11 -5.21 -9.56
CA LYS A 50 -5.42 -4.88 -10.06
C LYS A 50 -5.99 -6.01 -10.86
N ILE A 51 -7.26 -6.26 -10.66
CA ILE A 51 -7.94 -7.34 -11.36
C ILE A 51 -9.17 -6.79 -12.04
N GLN A 52 -9.80 -7.60 -12.83
CA GLN A 52 -10.95 -7.20 -13.57
C GLN A 52 -11.92 -8.35 -13.66
N CYS A 53 -13.17 -8.04 -13.56
CA CYS A 53 -14.19 -9.04 -13.69
C CYS A 53 -14.48 -9.17 -15.15
N VAL A 54 -14.01 -10.23 -15.72
CA VAL A 54 -14.22 -10.45 -17.13
C VAL A 54 -15.48 -11.24 -17.30
N ASP A 55 -15.75 -11.70 -18.50
CA ASP A 55 -16.93 -12.47 -18.75
C ASP A 55 -16.76 -13.89 -18.28
N GLY A 56 -17.03 -14.02 -17.02
CA GLY A 56 -17.10 -15.23 -16.33
C GLY A 56 -16.83 -14.96 -14.87
N GLU A 57 -15.62 -14.57 -14.59
CA GLU A 57 -15.18 -14.30 -13.24
C GLU A 57 -14.07 -13.25 -13.26
N TRP A 58 -13.47 -13.00 -12.12
CA TRP A 58 -12.39 -12.04 -12.02
C TRP A 58 -11.10 -12.66 -12.54
N THR A 59 -10.16 -11.82 -12.89
CA THR A 59 -8.88 -12.23 -13.43
C THR A 59 -7.95 -12.78 -12.34
N THR A 60 -6.68 -12.95 -12.68
CA THR A 60 -5.75 -13.56 -11.77
C THR A 60 -5.31 -12.59 -10.69
N LEU A 61 -5.65 -12.95 -9.47
CA LEU A 61 -5.29 -12.21 -8.28
C LEU A 61 -3.78 -12.06 -8.15
N PRO A 62 -3.32 -10.92 -7.61
CA PRO A 62 -1.91 -10.67 -7.38
C PRO A 62 -1.36 -11.53 -6.24
N VAL A 63 -0.12 -11.27 -5.88
CA VAL A 63 0.59 -12.04 -4.90
C VAL A 63 1.33 -11.08 -4.00
N CYS A 64 1.39 -11.38 -2.74
CA CYS A 64 2.12 -10.60 -1.78
C CYS A 64 3.24 -11.45 -1.24
N ILE A 65 4.41 -10.90 -1.19
CA ILE A 65 5.58 -11.61 -0.71
C ILE A 65 6.27 -10.81 0.37
N VAL A 66 6.73 -11.46 1.38
CA VAL A 66 7.43 -10.78 2.42
C VAL A 66 8.90 -10.73 2.05
N GLU A 67 9.45 -9.54 1.89
CA GLU A 67 10.86 -9.45 1.51
C GLU A 67 11.77 -9.92 2.66
N GLU A 68 11.17 -9.92 3.86
CA GLU A 68 11.74 -10.44 5.11
C GLU A 68 12.86 -9.57 5.68
N SER A 69 13.17 -8.56 4.96
CA SER A 69 14.12 -7.59 5.36
C SER A 69 13.31 -6.43 5.88
N THR A 70 13.88 -5.66 6.72
CA THR A 70 13.16 -4.61 7.37
C THR A 70 13.93 -3.30 7.30
N CYS A 71 13.30 -2.25 7.75
CA CYS A 71 13.92 -0.96 7.81
C CYS A 71 14.61 -0.73 9.15
N GLY A 72 14.47 -1.69 10.03
CA GLY A 72 15.18 -1.66 11.28
C GLY A 72 14.37 -1.03 12.36
N ASP A 73 14.17 0.26 12.24
CA ASP A 73 13.41 1.07 13.18
C ASP A 73 13.40 2.45 12.59
N ILE A 74 13.01 3.40 13.36
CA ILE A 74 13.05 4.76 12.96
C ILE A 74 14.50 5.26 12.89
N PRO A 75 14.85 5.90 11.78
CA PRO A 75 16.17 6.47 11.56
C PRO A 75 16.36 7.76 12.35
N GLU A 76 17.47 8.38 12.16
CA GLU A 76 17.77 9.59 12.83
C GLU A 76 17.63 10.76 11.89
N LEU A 77 16.85 11.70 12.29
CA LEU A 77 16.70 12.90 11.53
C LEU A 77 17.50 13.94 12.29
N GLU A 78 18.26 14.76 11.59
CA GLU A 78 19.20 15.71 12.20
C GLU A 78 18.55 16.62 13.26
N HIS A 79 17.29 16.98 13.05
CA HIS A 79 16.56 17.80 14.01
C HIS A 79 15.13 17.33 14.13
N GLY A 80 14.93 16.08 13.76
CA GLY A 80 13.65 15.48 13.83
C GLY A 80 13.68 14.12 14.51
N TRP A 81 12.53 13.57 14.72
CA TRP A 81 12.30 12.35 15.42
C TRP A 81 10.97 11.82 14.95
N ALA A 82 10.30 11.05 15.74
CA ALA A 82 9.16 10.35 15.24
C ALA A 82 8.05 10.30 16.25
N GLN A 83 6.83 10.09 15.77
CA GLN A 83 5.69 10.02 16.67
C GLN A 83 5.37 8.59 16.92
N LEU A 84 5.14 7.91 15.84
CA LEU A 84 4.71 6.57 15.87
C LEU A 84 5.70 5.66 15.19
N SER A 85 5.72 4.47 15.62
CA SER A 85 6.52 3.44 15.07
C SER A 85 5.58 2.31 14.68
N SER A 86 6.01 1.43 13.82
CA SER A 86 5.18 0.32 13.44
C SER A 86 6.05 -0.89 13.07
N PRO A 87 6.40 -1.69 14.08
CA PRO A 87 7.20 -2.87 13.91
C PRO A 87 6.36 -4.17 13.82
N PRO A 88 6.87 -5.20 13.11
CA PRO A 88 8.15 -5.13 12.41
C PRO A 88 8.08 -4.18 11.23
N TYR A 89 9.10 -3.35 11.10
CA TYR A 89 9.15 -2.34 10.06
C TYR A 89 9.53 -3.00 8.74
N TYR A 90 8.62 -3.73 8.18
CA TYR A 90 8.83 -4.35 6.90
C TYR A 90 8.52 -3.38 5.80
N TYR A 91 8.74 -3.82 4.59
CA TYR A 91 8.48 -3.02 3.43
C TYR A 91 6.99 -2.71 3.36
N GLY A 92 6.71 -1.50 2.99
CA GLY A 92 5.35 -1.06 2.84
C GLY A 92 4.80 -0.35 4.04
N ASP A 93 5.40 -0.54 5.21
CA ASP A 93 4.92 0.15 6.41
C ASP A 93 5.37 1.60 6.37
N SER A 94 4.87 2.38 7.27
CA SER A 94 5.09 3.80 7.24
C SER A 94 5.40 4.33 8.61
N VAL A 95 6.05 5.42 8.64
CA VAL A 95 6.39 6.09 9.84
C VAL A 95 6.25 7.57 9.65
N GLU A 96 5.82 8.25 10.67
CA GLU A 96 5.73 9.67 10.62
C GLU A 96 6.78 10.29 11.51
N PHE A 97 7.50 11.19 10.93
CA PHE A 97 8.55 11.94 11.55
C PHE A 97 8.03 13.30 11.90
N ASN A 98 8.66 13.93 12.84
CA ASN A 98 8.30 15.27 13.25
C ASN A 98 9.56 15.92 13.69
N CYS A 99 9.70 17.15 13.39
CA CYS A 99 10.85 17.89 13.79
C CYS A 99 10.63 18.48 15.17
N SER A 100 11.71 18.79 15.88
CA SER A 100 11.64 19.41 17.21
C SER A 100 10.75 20.66 17.18
N GLU A 101 10.21 21.06 18.32
CA GLU A 101 9.18 22.10 18.40
C GLU A 101 9.65 23.46 17.84
N SER A 102 10.94 23.74 17.94
CA SER A 102 11.47 25.00 17.44
C SER A 102 11.88 24.87 15.95
N PHE A 103 11.58 23.74 15.35
CA PHE A 103 11.92 23.48 13.99
C PHE A 103 10.69 23.08 13.23
N THR A 104 10.69 23.37 11.98
CA THR A 104 9.64 22.97 11.13
C THR A 104 10.22 22.07 10.05
N MET A 105 9.46 21.11 9.64
CA MET A 105 9.92 20.16 8.67
C MET A 105 9.54 20.59 7.26
N ILE A 106 10.37 20.25 6.34
CA ILE A 106 10.13 20.50 4.96
C ILE A 106 10.12 19.16 4.25
N GLY A 107 9.08 18.90 3.50
CA GLY A 107 8.96 17.66 2.80
C GLY A 107 7.81 16.87 3.30
N HIS A 108 7.98 15.60 3.42
CA HIS A 108 6.92 14.75 3.84
C HIS A 108 7.19 14.24 5.21
N ARG A 109 6.20 14.39 6.05
CA ARG A 109 6.24 13.93 7.43
C ARG A 109 6.31 12.42 7.49
N SER A 110 5.75 11.76 6.52
CA SER A 110 5.68 10.34 6.58
C SER A 110 6.62 9.71 5.60
N ILE A 111 7.09 8.55 5.98
CA ILE A 111 7.98 7.77 5.19
C ILE A 111 7.42 6.40 5.02
N THR A 112 8.02 5.66 4.17
CA THR A 112 7.60 4.33 3.89
C THR A 112 8.83 3.46 3.76
N CYS A 113 8.76 2.29 4.32
CA CYS A 113 9.85 1.36 4.25
C CYS A 113 9.98 0.82 2.85
N ILE A 114 11.01 1.28 2.15
CA ILE A 114 11.23 0.91 0.77
C ILE A 114 12.61 0.26 0.59
N HIS A 115 12.61 -1.00 0.20
CA HIS A 115 13.82 -1.82 -0.03
C HIS A 115 14.67 -1.97 1.22
N GLY A 116 14.09 -1.75 2.37
CA GLY A 116 14.83 -1.88 3.61
C GLY A 116 15.33 -0.56 4.13
N VAL A 117 14.90 0.52 3.52
CA VAL A 117 15.25 1.84 3.98
C VAL A 117 14.04 2.76 3.81
N TRP A 118 13.80 3.62 4.77
CA TRP A 118 12.68 4.53 4.66
C TRP A 118 12.93 5.49 3.51
N THR A 119 11.85 5.90 2.86
CA THR A 119 11.87 6.75 1.65
C THR A 119 12.96 7.79 1.58
N GLN A 120 12.86 8.84 2.37
CA GLN A 120 13.77 9.94 2.22
C GLN A 120 13.86 10.86 3.41
N LEU A 121 12.78 10.93 4.17
CA LEU A 121 12.67 11.80 5.36
C LEU A 121 12.67 13.30 4.99
N PRO A 122 12.02 14.12 5.80
CA PRO A 122 11.97 15.56 5.59
C PRO A 122 13.25 16.25 6.08
N GLN A 123 13.26 17.56 6.05
CA GLN A 123 14.38 18.33 6.55
C GLN A 123 13.87 19.37 7.52
N CYS A 124 14.45 19.42 8.68
CA CYS A 124 14.02 20.39 9.68
C CYS A 124 14.81 21.68 9.55
N VAL A 125 14.14 22.80 9.73
CA VAL A 125 14.74 24.11 9.72
C VAL A 125 14.23 24.85 10.93
N ALA A 126 15.04 25.70 11.47
CA ALA A 126 14.70 26.41 12.68
C ALA A 126 13.71 27.50 12.41
N ILE A 127 12.59 27.42 13.07
CA ILE A 127 11.56 28.46 13.00
C ILE A 127 12.08 29.67 13.77
N GLU A 1 -22.66 -9.23 -32.76
CA GLU A 1 -22.97 -7.90 -32.24
C GLU A 1 -22.08 -7.53 -31.03
N ALA A 2 -21.76 -8.50 -30.20
CA ALA A 2 -20.96 -8.28 -29.03
C ALA A 2 -20.17 -9.54 -28.72
N GLU A 3 -18.98 -9.59 -29.23
CA GLU A 3 -18.07 -10.71 -29.02
C GLU A 3 -17.00 -10.27 -28.04
N ALA A 4 -16.50 -9.06 -28.24
CA ALA A 4 -15.48 -8.48 -27.38
C ALA A 4 -16.11 -7.43 -26.48
N ALA A 5 -17.41 -7.51 -26.36
CA ALA A 5 -18.17 -6.57 -25.56
C ALA A 5 -19.12 -7.35 -24.68
N GLY A 6 -19.40 -6.81 -23.51
CA GLY A 6 -20.29 -7.49 -22.60
C GLY A 6 -20.66 -6.65 -21.41
N VAL A 7 -19.68 -6.41 -20.52
CA VAL A 7 -19.86 -5.65 -19.29
C VAL A 7 -20.93 -6.25 -18.40
N GLN A 8 -20.51 -7.23 -17.66
CA GLN A 8 -21.35 -7.83 -16.67
C GLN A 8 -21.24 -6.97 -15.40
N SER A 9 -21.35 -7.58 -14.28
CA SER A 9 -21.34 -6.88 -13.01
C SER A 9 -20.93 -7.80 -11.88
N CYS A 10 -19.78 -7.55 -11.34
CA CYS A 10 -19.33 -8.27 -10.18
C CYS A 10 -19.67 -7.46 -8.95
N GLY A 11 -19.66 -8.09 -7.81
CA GLY A 11 -19.88 -7.39 -6.62
C GLY A 11 -18.56 -7.04 -5.95
N PRO A 12 -18.46 -7.23 -4.64
CA PRO A 12 -17.25 -6.93 -3.87
C PRO A 12 -16.02 -7.70 -4.37
N PRO A 13 -14.82 -7.10 -4.27
CA PRO A 13 -13.56 -7.72 -4.71
C PRO A 13 -13.23 -8.99 -3.94
N PRO A 14 -12.38 -9.86 -4.52
CA PRO A 14 -11.87 -11.07 -3.84
C PRO A 14 -10.95 -10.71 -2.66
N GLU A 15 -10.08 -11.61 -2.30
CA GLU A 15 -9.14 -11.30 -1.26
C GLU A 15 -7.74 -11.48 -1.78
N LEU A 16 -6.81 -10.99 -1.06
CA LEU A 16 -5.44 -11.15 -1.40
C LEU A 16 -4.86 -12.19 -0.50
N LEU A 17 -4.00 -13.02 -1.07
CA LEU A 17 -3.27 -14.08 -0.39
C LEU A 17 -2.80 -13.63 0.98
N ASN A 18 -1.87 -12.70 1.01
CA ASN A 18 -1.33 -12.30 2.26
C ASN A 18 -1.38 -10.77 2.40
N GLY A 19 -2.51 -10.29 2.20
CA GLY A 19 -2.81 -8.88 2.26
C GLY A 19 -4.28 -8.69 2.04
N ASN A 20 -4.72 -7.51 1.63
CA ASN A 20 -6.14 -7.30 1.47
C ASN A 20 -6.45 -6.02 0.72
N VAL A 21 -7.71 -5.66 0.73
CA VAL A 21 -8.25 -4.54 0.01
C VAL A 21 -8.26 -3.30 0.90
N LYS A 22 -7.79 -2.19 0.37
CA LYS A 22 -7.76 -0.92 1.11
C LYS A 22 -8.90 -0.01 0.61
N GLU A 23 -9.60 -0.53 -0.37
CA GLU A 23 -10.71 0.16 -1.00
C GLU A 23 -12.00 -0.20 -0.27
N LYS A 24 -13.08 0.42 -0.64
CA LYS A 24 -14.36 0.10 -0.05
C LYS A 24 -15.17 -0.71 -1.03
N THR A 25 -15.97 -1.59 -0.49
CA THR A 25 -16.78 -2.45 -1.30
C THR A 25 -18.04 -1.74 -1.77
N LYS A 26 -18.15 -1.59 -3.07
CA LYS A 26 -19.33 -0.97 -3.66
C LYS A 26 -20.43 -1.99 -3.81
N GLU A 27 -20.00 -3.27 -3.92
CA GLU A 27 -20.89 -4.45 -4.00
C GLU A 27 -21.60 -4.60 -5.34
N GLU A 28 -21.45 -3.60 -6.16
CA GLU A 28 -21.84 -3.65 -7.53
C GLU A 28 -20.84 -2.82 -8.27
N TYR A 29 -19.92 -3.48 -8.90
CA TYR A 29 -18.87 -2.80 -9.63
C TYR A 29 -19.22 -2.68 -11.10
N GLY A 30 -19.22 -3.78 -11.81
CA GLY A 30 -19.58 -3.73 -13.21
C GLY A 30 -18.49 -4.24 -14.12
N HIS A 31 -17.89 -3.34 -14.88
CA HIS A 31 -16.84 -3.70 -15.82
C HIS A 31 -15.78 -2.60 -15.85
N SER A 32 -14.51 -3.01 -15.82
CA SER A 32 -13.35 -2.13 -15.87
C SER A 32 -13.11 -1.43 -14.52
N GLU A 33 -13.74 -1.96 -13.50
CA GLU A 33 -13.61 -1.46 -12.14
C GLU A 33 -12.34 -2.01 -11.55
N VAL A 34 -11.58 -1.19 -10.88
CA VAL A 34 -10.33 -1.64 -10.29
C VAL A 34 -10.34 -1.59 -8.78
N VAL A 35 -9.58 -2.47 -8.17
CA VAL A 35 -9.44 -2.56 -6.74
C VAL A 35 -7.97 -2.63 -6.38
N GLU A 36 -7.55 -1.87 -5.38
CA GLU A 36 -6.19 -1.85 -4.98
C GLU A 36 -5.99 -2.66 -3.70
N TYR A 37 -5.01 -3.51 -3.75
CA TYR A 37 -4.64 -4.36 -2.64
C TYR A 37 -3.35 -3.89 -2.03
N TYR A 38 -3.13 -4.33 -0.82
CA TYR A 38 -1.90 -4.10 -0.08
C TYR A 38 -1.55 -5.41 0.56
N CYS A 39 -0.31 -5.65 0.81
CA CYS A 39 0.09 -6.87 1.50
C CYS A 39 0.31 -6.55 2.97
N ASN A 40 0.45 -7.59 3.77
CA ASN A 40 0.74 -7.46 5.22
C ASN A 40 2.04 -6.67 5.39
N PRO A 41 2.27 -6.05 6.53
CA PRO A 41 3.49 -5.25 6.81
C PRO A 41 4.78 -6.09 7.00
N ARG A 42 4.67 -7.39 6.73
CA ARG A 42 5.80 -8.28 6.82
C ARG A 42 6.05 -8.94 5.47
N PHE A 43 5.14 -8.73 4.56
CA PHE A 43 5.24 -9.24 3.21
C PHE A 43 5.23 -8.08 2.30
N LEU A 44 5.66 -8.28 1.14
CA LEU A 44 5.68 -7.25 0.21
C LEU A 44 5.07 -7.63 -1.09
N MET A 45 4.37 -6.68 -1.64
CA MET A 45 3.64 -6.84 -2.87
C MET A 45 4.57 -7.16 -4.02
N LYS A 46 4.30 -8.25 -4.68
CA LYS A 46 5.09 -8.70 -5.80
C LYS A 46 4.34 -8.46 -7.12
N GLY A 47 3.10 -8.89 -7.17
CA GLY A 47 2.33 -8.84 -8.41
C GLY A 47 1.60 -7.52 -8.63
N PRO A 48 0.61 -7.50 -9.55
CA PRO A 48 -0.16 -6.30 -9.83
C PRO A 48 -1.18 -6.07 -8.73
N ASN A 49 -0.89 -5.10 -7.92
CA ASN A 49 -1.67 -4.80 -6.71
C ASN A 49 -3.03 -4.18 -7.00
N LYS A 50 -3.37 -4.08 -8.25
CA LYS A 50 -4.63 -3.56 -8.69
C LYS A 50 -5.23 -4.48 -9.70
N ILE A 51 -6.45 -4.85 -9.47
CA ILE A 51 -7.14 -5.77 -10.34
C ILE A 51 -8.32 -5.10 -10.93
N GLN A 52 -8.89 -5.69 -11.92
CA GLN A 52 -9.97 -5.12 -12.64
C GLN A 52 -11.05 -6.15 -12.86
N CYS A 53 -12.26 -5.72 -12.69
CA CYS A 53 -13.41 -6.54 -12.90
C CYS A 53 -13.74 -6.52 -14.37
N VAL A 54 -13.53 -7.61 -15.01
CA VAL A 54 -13.86 -7.72 -16.38
C VAL A 54 -15.23 -8.37 -16.52
N ASP A 55 -15.61 -8.75 -17.69
CA ASP A 55 -16.92 -9.33 -17.91
C ASP A 55 -16.94 -10.81 -17.56
N GLY A 56 -17.01 -11.04 -16.29
CA GLY A 56 -17.23 -12.32 -15.77
C GLY A 56 -16.52 -12.52 -14.46
N GLU A 57 -15.28 -12.11 -14.41
CA GLU A 57 -14.46 -12.31 -13.27
C GLU A 57 -13.53 -11.12 -13.08
N TRP A 58 -12.57 -11.26 -12.22
CA TRP A 58 -11.58 -10.23 -12.00
C TRP A 58 -10.30 -10.64 -12.71
N THR A 59 -9.37 -9.73 -12.81
CA THR A 59 -8.12 -10.00 -13.47
C THR A 59 -7.17 -10.78 -12.57
N THR A 60 -5.95 -10.89 -12.98
CA THR A 60 -4.97 -11.63 -12.26
C THR A 60 -4.57 -10.87 -10.98
N LEU A 61 -4.94 -11.44 -9.86
CA LEU A 61 -4.63 -10.89 -8.57
C LEU A 61 -3.15 -10.97 -8.27
N PRO A 62 -2.67 -10.06 -7.42
CA PRO A 62 -1.27 -10.01 -7.03
C PRO A 62 -0.91 -11.13 -6.06
N VAL A 63 0.31 -11.10 -5.60
CA VAL A 63 0.83 -12.08 -4.72
C VAL A 63 1.78 -11.37 -3.78
N CYS A 64 1.85 -11.83 -2.57
CA CYS A 64 2.66 -11.24 -1.56
C CYS A 64 3.75 -12.21 -1.18
N ILE A 65 4.93 -11.72 -1.01
CA ILE A 65 6.06 -12.54 -0.63
C ILE A 65 6.76 -11.92 0.54
N VAL A 66 7.31 -12.74 1.39
CA VAL A 66 8.04 -12.25 2.52
C VAL A 66 9.51 -12.27 2.19
N GLU A 67 10.11 -11.12 2.19
CA GLU A 67 11.54 -11.10 1.92
C GLU A 67 12.29 -11.33 3.22
N GLU A 68 11.53 -11.21 4.30
CA GLU A 68 11.96 -11.37 5.68
C GLU A 68 13.26 -10.66 6.01
N SER A 69 13.22 -9.36 5.90
CA SER A 69 14.34 -8.54 6.21
C SER A 69 13.78 -7.24 6.75
N THR A 70 14.56 -6.56 7.52
CA THR A 70 14.11 -5.39 8.20
C THR A 70 14.82 -4.12 7.74
N CYS A 71 14.15 -3.01 7.94
CA CYS A 71 14.74 -1.71 7.70
C CYS A 71 15.36 -1.15 8.95
N GLY A 72 15.19 -1.87 10.04
CA GLY A 72 15.79 -1.49 11.27
C GLY A 72 14.79 -0.88 12.18
N ASP A 73 14.65 0.42 12.07
CA ASP A 73 13.74 1.21 12.88
C ASP A 73 13.66 2.58 12.28
N ILE A 74 12.98 3.48 12.96
CA ILE A 74 12.83 4.83 12.51
C ILE A 74 14.18 5.58 12.45
N PRO A 75 14.47 6.15 11.30
CA PRO A 75 15.67 6.93 11.07
C PRO A 75 15.65 8.27 11.79
N GLU A 76 16.63 9.05 11.55
CA GLU A 76 16.73 10.31 12.18
C GLU A 76 16.45 11.41 11.18
N LEU A 77 15.38 12.10 11.38
CA LEU A 77 15.07 13.27 10.63
C LEU A 77 15.67 14.41 11.44
N GLU A 78 16.35 15.35 10.79
CA GLU A 78 17.11 16.40 11.50
C GLU A 78 16.25 17.25 12.46
N HIS A 79 15.02 17.50 12.09
CA HIS A 79 14.10 18.27 12.93
C HIS A 79 12.74 17.63 12.97
N GLY A 80 12.72 16.37 12.61
CA GLY A 80 11.52 15.60 12.61
C GLY A 80 11.73 14.31 13.38
N TRP A 81 10.69 13.56 13.51
CA TRP A 81 10.63 12.33 14.23
C TRP A 81 9.46 11.57 13.69
N ALA A 82 8.89 10.70 14.44
CA ALA A 82 7.94 9.79 13.89
C ALA A 82 6.74 9.60 14.79
N GLN A 83 5.63 9.21 14.19
CA GLN A 83 4.38 9.01 14.92
C GLN A 83 4.21 7.58 15.29
N LEU A 84 4.18 6.73 14.30
CA LEU A 84 3.97 5.35 14.53
C LEU A 84 5.19 4.56 14.15
N SER A 85 5.61 3.78 15.06
CA SER A 85 6.64 2.83 14.85
C SER A 85 6.03 1.46 14.79
N SER A 86 6.28 0.75 13.72
CA SER A 86 5.73 -0.56 13.56
C SER A 86 6.77 -1.64 13.28
N PRO A 87 7.30 -2.28 14.32
CA PRO A 87 8.20 -3.38 14.19
C PRO A 87 7.45 -4.73 14.16
N PRO A 88 8.00 -5.73 13.47
CA PRO A 88 9.25 -5.58 12.74
C PRO A 88 9.05 -4.78 11.46
N TYR A 89 9.93 -3.84 11.23
CA TYR A 89 9.83 -2.98 10.07
C TYR A 89 10.32 -3.76 8.85
N TYR A 90 9.44 -4.56 8.28
CA TYR A 90 9.75 -5.33 7.11
C TYR A 90 9.48 -4.53 5.88
N TYR A 91 9.98 -5.04 4.77
CA TYR A 91 9.76 -4.39 3.48
C TYR A 91 8.26 -4.36 3.22
N GLY A 92 7.80 -3.23 2.75
CA GLY A 92 6.39 -3.04 2.53
C GLY A 92 5.70 -2.29 3.67
N ASP A 93 6.28 -2.31 4.88
CA ASP A 93 5.70 -1.57 6.03
C ASP A 93 5.97 -0.08 5.85
N SER A 94 5.25 0.73 6.58
CA SER A 94 5.31 2.15 6.40
C SER A 94 5.37 2.84 7.72
N VAL A 95 6.02 3.95 7.75
CA VAL A 95 6.14 4.74 8.92
C VAL A 95 5.81 6.18 8.60
N GLU A 96 5.11 6.83 9.50
CA GLU A 96 4.85 8.23 9.34
C GLU A 96 5.75 9.06 10.21
N PHE A 97 6.37 10.01 9.59
CA PHE A 97 7.23 10.96 10.23
C PHE A 97 6.47 12.25 10.47
N ASN A 98 6.95 13.03 11.38
CA ASN A 98 6.36 14.28 11.73
C ASN A 98 7.46 15.22 12.06
N CYS A 99 7.31 16.44 11.75
CA CYS A 99 8.30 17.42 12.10
C CYS A 99 7.89 18.10 13.38
N SER A 100 8.87 18.69 14.07
CA SER A 100 8.59 19.44 15.29
C SER A 100 7.58 20.57 14.98
N GLU A 101 6.78 20.96 15.96
CA GLU A 101 5.65 21.91 15.78
C GLU A 101 6.06 23.23 15.08
N SER A 102 7.22 23.75 15.42
CA SER A 102 7.73 24.99 14.86
C SER A 102 8.32 24.77 13.45
N PHE A 103 8.24 23.57 12.96
CA PHE A 103 8.74 23.21 11.67
C PHE A 103 7.63 22.61 10.85
N THR A 104 7.67 22.82 9.60
CA THR A 104 6.72 22.23 8.74
C THR A 104 7.46 21.25 7.84
N MET A 105 6.83 20.15 7.54
CA MET A 105 7.43 19.11 6.77
C MET A 105 7.11 19.29 5.30
N ILE A 106 8.06 19.01 4.50
CA ILE A 106 7.91 19.06 3.08
C ILE A 106 8.05 17.66 2.54
N GLY A 107 7.00 17.14 1.99
CA GLY A 107 7.04 15.82 1.45
C GLY A 107 6.02 14.93 2.06
N HIS A 108 6.27 13.66 2.01
CA HIS A 108 5.35 12.66 2.48
C HIS A 108 5.70 12.31 3.84
N ARG A 109 4.67 12.21 4.58
CA ARG A 109 4.75 11.91 5.92
C ARG A 109 5.16 10.48 6.08
N SER A 110 4.69 9.65 5.20
CA SER A 110 4.92 8.26 5.32
C SER A 110 5.98 7.76 4.40
N ILE A 111 6.77 6.90 4.94
CA ILE A 111 7.84 6.28 4.25
C ILE A 111 7.56 4.83 4.18
N THR A 112 8.29 4.15 3.39
CA THR A 112 8.09 2.75 3.22
C THR A 112 9.42 2.04 3.27
N CYS A 113 9.45 0.93 3.96
CA CYS A 113 10.64 0.10 4.06
C CYS A 113 10.94 -0.52 2.72
N ILE A 114 11.94 0.01 2.05
CA ILE A 114 12.32 -0.40 0.72
C ILE A 114 13.81 -0.72 0.64
N HIS A 115 14.13 -2.01 0.47
CA HIS A 115 15.53 -2.51 0.28
C HIS A 115 16.39 -2.36 1.52
N GLY A 116 15.75 -2.26 2.66
CA GLY A 116 16.49 -2.14 3.89
C GLY A 116 16.71 -0.72 4.28
N VAL A 117 15.94 0.17 3.73
CA VAL A 117 16.00 1.55 4.07
C VAL A 117 14.64 2.12 3.80
N TRP A 118 14.28 3.17 4.45
CA TRP A 118 13.01 3.76 4.19
C TRP A 118 13.10 4.54 2.88
N THR A 119 11.98 4.97 2.37
CA THR A 119 11.91 5.68 1.09
C THR A 119 12.89 6.84 0.94
N GLN A 120 12.59 7.93 1.61
CA GLN A 120 13.29 9.17 1.38
C GLN A 120 13.15 10.17 2.49
N LEU A 121 12.01 10.12 3.15
CA LEU A 121 11.67 11.03 4.27
C LEU A 121 11.41 12.45 3.79
N PRO A 122 10.61 13.20 4.52
CA PRO A 122 10.40 14.59 4.23
C PRO A 122 11.54 15.44 4.81
N GLN A 123 11.35 16.70 4.86
CA GLN A 123 12.32 17.59 5.44
C GLN A 123 11.54 18.63 6.20
N CYS A 124 12.08 19.09 7.27
CA CYS A 124 11.42 20.07 8.05
C CYS A 124 12.05 21.43 7.80
N VAL A 125 11.26 22.46 7.79
CA VAL A 125 11.75 23.81 7.67
C VAL A 125 11.08 24.63 8.74
N ALA A 126 11.85 25.47 9.38
CA ALA A 126 11.34 26.32 10.44
C ALA A 126 10.31 27.27 9.90
N ILE A 127 9.10 27.14 10.40
CA ILE A 127 8.00 28.00 10.01
C ILE A 127 8.33 29.42 10.44
#